data_8T2V
#
_entry.id   8T2V
#
_cell.length_a   1.00
_cell.length_b   1.00
_cell.length_c   1.00
_cell.angle_alpha   90.00
_cell.angle_beta   90.00
_cell.angle_gamma   90.00
#
_symmetry.space_group_name_H-M   'P 1'
#
loop_
_entity.id
_entity.type
_entity.pdbx_description
1 polymer 'Integrin alpha-IIb'
2 polymer 'Integrin beta-3'
3 branched beta-D-mannopyranose-(1-4)-2-acetamido-2-deoxy-beta-D-glucopyranose-(1-4)-2-acetamido-2-deoxy-beta-D-glucopyranose
4 branched beta-D-mannopyranose-(1-3)-[beta-D-mannopyranose-(1-6)]beta-D-mannopyranose-(1-4)-2-acetamido-2-deoxy-beta-D-glucopyranose-(1-4)-2-acetamido-2-deoxy-beta-D-glucopyranose
5 branched 2-acetamido-2-deoxy-beta-D-glucopyranose-(1-4)-2-acetamido-2-deoxy-beta-D-glucopyranose
6 branched beta-D-mannopyranose-(1-6)-beta-D-mannopyranose-(1-4)-2-acetamido-2-deoxy-beta-D-glucopyranose-(1-4)-2-acetamido-2-deoxy-beta-D-glucopyranose
7 non-polymer 'CALCIUM ION'
8 non-polymer 2-acetamido-2-deoxy-beta-D-glucopyranose
9 non-polymer CHOLESTEROL
10 non-polymer 'MAGNESIUM ION'
11 water water
#
loop_
_entity_poly.entity_id
_entity_poly.type
_entity_poly.pdbx_seq_one_letter_code
_entity_poly.pdbx_strand_id
1 'polypeptide(L)'
;LNLDPVQLTFYAGPNGSQFGFSLDFHKDSHGRVAIVVGAPRTLGPSQEETGGVFLCPWRAEGGQCPSLLFDLRDETRNVG
SQTLQTFKARQGLGASVVSWSDVIVACAPWQHWNVLEKTEEAEKTPVGSCFLAQPESGRRAEYSPCRGNTLSRIYVENDF
SWDKRYCEAGFSSVVTQAGELVLGAPGGYYFLGLLAQAPVADIFSSYRPGILLWHVSSQSLSFDSSNPEYFDGYWGYSVA
VGEFDGDLNTTEYVVGAPTWSWTLGAVEILDSYYQRLHRLRGEQMASYFGHSVAVTDVNGDGRHDLLVGAPLYMESRADR
KLAEVGRVYLFLQPRGPHALGAPSLLLTGTQLYGRFGSAIAPLGDLDRDGYNDIAVAAPYGGPSGRGQVLVFLGQSEGLR
SRPSQVLDSPFPTGSAFGFSLRGAVDIDDNGYPDLIVGAYGANQVAVYRAQPVVKASVQLLVQDSLNPAVKSCVLPQTKT
PVSCFNIQMCVGATGHNIPQKLSLNAELQLDRQKPRQGRRVLLLGSQQAGTTLNLDLGGKHSPICHTTMAFLRDEADFRD
KLSPIVLSLNVSLPPTEAGMAPAVVLHGDTHVQEQTRIVLDCGEDDVCVPQLQLTASVTGSPLLVGADNVLELQMDAANE
GEGAYEAELAVHLPQGAHYMRALSNVEGFERLICNQKKENETRVVLCELGNPMKKNAQIGIAMLVSVGNLEEAGESVSFQ
LQIRSKNSQNPNSKIVLLDVPVRAEAQVELRGNSFPASLVVAAEEGEREQNSLDSWGPKVEHTYELHNNGPGTVNGLHLS
IHLPGQSQPSDLLYILDIQPQGGLQCFPQPPVNPLKVDWGLPIPSPSPIHPAHHKRDRRQIFLPEPEQPSRLQDPVLVSC
DSAPCTVVQCDLQEMARGQRAMVTVLAFLWLPSLYQRPLDQFVLQSHAWFNVSSLPYAVPPLSLPRGEAQVWTQLLRALE
ERAIPIWWVLVGVLGGLLLLTILVLAMWKVGFFKRNRPPLEEDDEEGE
;
A
2 'polypeptide(L)'
;GPNICTTRGVSSCQQCLAVSPMCAWCSDEALPLGSPRCDLKENLLKDNCAPESIEFPVSEARVLEDRPLSDKGSGDSSQV
TQVSPQRIALRLRPDDSKNFSIQVRQVEDYPVDIYYLMDLSYSMKDDLWSIQNLGTKLATQMRKLTSNLRIGFGAFVDKP
VSPYMYISPPEALENPCYDMKTTCLPMFGYKHVLTLTDQVTRFNEEVKKQSVSRNRDAPEGGFDAIMQATVCDEKIGWRN
DASHLLVFTTDAKTHIALDGRLAGIVQPNDGQCHVGSDNHYSASTTMDYPSLGLMTEKLSQKNINLIFAVTENVVNLYQN
YSELIPGTTVGVLSMDSSNVLQLIVDAYGKIRSKVELEVRDLPEELSLSFNATCLNNEVIPGLKSCMGLKIGDTVSFSIE
AKVRGCPQEKEKSFTIKPVGFKDSLIVQVTFDCDCACQAQAEPNSHRCNNGNGTFECGVCRCGPGWLGSQCECSEEDYRP
SQQDECSPREGQPVCSQRGECLCGQCVCHSSDFGKITGKYCECDDFSCVRYKGEMCSGHGQCSCGDCLCDSDWTGYYCNC
TTRTDTCMSSNGLLCSGRGKCECGSCVCIQPGSYGDTCEKCPTCPDACTFKKECVECKKFDRGALHDENTCNRYCRDEIE
SVKELKDTGKDAVNCTYKNEDDCVVRFQYYEDSSGKSILYVVEEPECPKGPDILVVLLSVMGAILLIGLAALLIWKLLIT
IHDRKEFAKFEEERARAKWDTANNPLYKEATSTFTNITYRGT
;
B
#
# COMPACT_ATOMS: atom_id res chain seq x y z
N LEU A 1 -11.27 -19.14 16.78
CA LEU A 1 -12.28 -19.93 16.01
C LEU A 1 -13.31 -20.53 16.94
N ASN A 2 -12.84 -21.24 17.97
CA ASN A 2 -13.71 -21.95 18.91
C ASN A 2 -13.96 -21.16 20.18
N LEU A 3 -13.52 -19.90 20.24
CA LEU A 3 -13.79 -19.07 21.41
C LEU A 3 -15.29 -18.83 21.54
N ASP A 4 -15.75 -18.73 22.79
CA ASP A 4 -17.16 -18.54 23.08
C ASP A 4 -17.41 -17.07 23.35
N PRO A 5 -18.12 -16.35 22.47
CA PRO A 5 -18.42 -14.93 22.73
C PRO A 5 -19.66 -14.69 23.59
N VAL A 6 -20.33 -15.74 24.06
CA VAL A 6 -21.55 -15.59 24.84
C VAL A 6 -21.21 -15.70 26.32
N GLN A 7 -20.59 -16.81 26.70
CA GLN A 7 -20.23 -17.06 28.11
C GLN A 7 -18.81 -16.57 28.34
N LEU A 8 -18.70 -15.31 28.76
CA LEU A 8 -17.44 -14.70 29.12
C LEU A 8 -17.34 -14.62 30.64
N THR A 9 -16.21 -14.10 31.13
CA THR A 9 -16.04 -13.79 32.54
C THR A 9 -15.55 -12.36 32.68
N PHE A 10 -16.24 -11.57 33.51
CA PHE A 10 -15.92 -10.16 33.69
C PHE A 10 -15.31 -9.93 35.06
N TYR A 11 -14.14 -9.29 35.07
CA TYR A 11 -13.49 -8.85 36.30
C TYR A 11 -13.45 -7.33 36.32
N ALA A 12 -13.92 -6.75 37.41
CA ALA A 12 -14.04 -5.31 37.53
C ALA A 12 -13.19 -4.79 38.68
N GLY A 13 -12.69 -3.57 38.53
CA GLY A 13 -11.91 -2.92 39.55
C GLY A 13 -12.52 -1.58 39.95
N PRO A 14 -11.80 -0.82 40.77
CA PRO A 14 -12.31 0.49 41.18
C PRO A 14 -12.54 1.40 39.98
N ASN A 15 -13.60 2.19 40.06
CA ASN A 15 -13.96 3.08 38.95
C ASN A 15 -12.88 4.12 38.74
N GLY A 16 -12.63 4.45 37.47
CA GLY A 16 -11.61 5.44 37.14
C GLY A 16 -10.22 5.07 37.60
N SER A 17 -9.87 3.79 37.51
CA SER A 17 -8.55 3.32 37.88
C SER A 17 -7.79 2.69 36.72
N GLN A 18 -8.37 2.67 35.52
CA GLN A 18 -7.74 2.06 34.36
C GLN A 18 -7.38 0.60 34.60
N PHE A 19 -8.25 -0.11 35.32
CA PHE A 19 -8.04 -1.53 35.55
C PHE A 19 -8.02 -2.28 34.23
N GLY A 20 -7.03 -3.15 34.06
CA GLY A 20 -6.84 -3.88 32.82
C GLY A 20 -5.85 -3.26 31.86
N PHE A 21 -5.10 -2.25 32.29
CA PHE A 21 -4.10 -1.65 31.39
C PHE A 21 -3.07 -2.68 30.95
N SER A 22 -2.59 -3.50 31.89
CA SER A 22 -1.72 -4.62 31.59
C SER A 22 -2.20 -5.82 32.38
N LEU A 23 -2.01 -7.02 31.81
CA LEU A 23 -2.48 -8.23 32.46
C LEU A 23 -1.59 -9.39 32.06
N ASP A 24 -1.59 -10.43 32.89
CA ASP A 24 -0.76 -11.61 32.67
C ASP A 24 -1.34 -12.76 33.47
N PHE A 25 -0.86 -13.96 33.17
CA PHE A 25 -1.22 -15.16 33.90
C PHE A 25 -0.17 -15.46 34.97
N HIS A 26 -0.60 -16.16 36.02
CA HIS A 26 0.28 -16.56 37.10
C HIS A 26 -0.06 -17.98 37.51
N LYS A 27 0.98 -18.80 37.69
CA LYS A 27 0.82 -20.20 38.10
C LYS A 27 1.55 -20.40 39.41
N ASP A 28 0.85 -20.91 40.41
CA ASP A 28 1.42 -21.12 41.74
C ASP A 28 2.13 -22.48 41.77
N SER A 29 2.57 -22.88 42.97
CA SER A 29 3.28 -24.15 43.10
C SER A 29 2.34 -25.34 42.90
N HIS A 30 1.05 -25.17 43.16
CA HIS A 30 0.07 -26.23 43.01
C HIS A 30 -0.53 -26.30 41.61
N GLY A 31 -0.10 -25.43 40.69
CA GLY A 31 -0.63 -25.40 39.35
C GLY A 31 -1.86 -24.55 39.17
N ARG A 32 -2.41 -23.99 40.25
CA ARG A 32 -3.58 -23.13 40.13
C ARG A 32 -3.22 -21.87 39.35
N VAL A 33 -4.12 -21.48 38.46
CA VAL A 33 -3.89 -20.36 37.53
C VAL A 33 -4.73 -19.17 37.98
N ALA A 34 -4.09 -18.02 38.11
CA ALA A 34 -4.74 -16.77 38.47
C ALA A 34 -4.32 -15.69 37.48
N ILE A 35 -5.00 -14.55 37.55
CA ILE A 35 -4.74 -13.42 36.66
C ILE A 35 -4.10 -12.30 37.48
N VAL A 36 -3.13 -11.62 36.89
CA VAL A 36 -2.51 -10.44 37.49
C VAL A 36 -2.84 -9.27 36.60
N VAL A 37 -3.50 -8.26 37.17
CA VAL A 37 -3.98 -7.09 36.42
C VAL A 37 -3.46 -5.84 37.08
N GLY A 38 -2.87 -4.94 36.29
CA GLY A 38 -2.34 -3.69 36.80
C GLY A 38 -3.28 -2.53 36.53
N ALA A 39 -3.52 -1.73 37.55
CA ALA A 39 -4.34 -0.52 37.45
C ALA A 39 -3.45 0.68 37.75
N PRO A 40 -2.94 1.38 36.72
CA PRO A 40 -1.96 2.44 36.99
C PRO A 40 -2.50 3.60 37.80
N ARG A 41 -3.81 3.87 37.77
CA ARG A 41 -4.38 5.04 38.40
C ARG A 41 -5.22 4.71 39.64
N THR A 42 -4.85 3.66 40.36
CA THR A 42 -5.54 3.34 41.61
C THR A 42 -5.20 4.38 42.66
N LEU A 43 -6.21 4.80 43.42
CA LEU A 43 -6.01 5.82 44.44
C LEU A 43 -5.20 5.24 45.61
N GLY A 44 -4.20 5.99 46.06
CA GLY A 44 -3.38 5.57 47.17
C GLY A 44 -3.95 6.01 48.51
N PRO A 45 -3.22 5.70 49.57
CA PRO A 45 -3.68 6.09 50.91
C PRO A 45 -3.82 7.58 51.09
N SER A 46 -2.99 8.38 50.42
CA SER A 46 -3.00 9.83 50.56
C SER A 46 -3.94 10.50 49.54
N GLN A 47 -4.94 9.77 49.05
CA GLN A 47 -5.89 10.32 48.08
C GLN A 47 -5.18 10.83 46.83
N GLU A 48 -4.18 10.09 46.37
CA GLU A 48 -3.44 10.44 45.17
C GLU A 48 -3.25 9.18 44.32
N GLU A 49 -3.09 9.40 43.02
CA GLU A 49 -2.95 8.30 42.08
C GLU A 49 -1.55 7.70 42.20
N THR A 50 -1.48 6.41 42.51
CA THR A 50 -0.21 5.71 42.63
C THR A 50 -0.18 4.36 41.94
N GLY A 51 -1.31 3.80 41.53
CA GLY A 51 -1.35 2.53 40.86
C GLY A 51 -1.43 1.35 41.82
N GLY A 52 -1.66 0.17 41.25
CA GLY A 52 -1.76 -1.03 42.05
C GLY A 52 -1.84 -2.26 41.17
N VAL A 53 -1.81 -3.42 41.83
CA VAL A 53 -1.87 -4.71 41.17
C VAL A 53 -2.90 -5.57 41.88
N PHE A 54 -3.70 -6.30 41.10
CA PHE A 54 -4.75 -7.17 41.61
C PHE A 54 -4.49 -8.59 41.14
N LEU A 55 -4.58 -9.53 42.08
CA LEU A 55 -4.39 -10.96 41.82
C LEU A 55 -5.77 -11.62 41.84
N CYS A 56 -6.42 -11.64 40.68
CA CYS A 56 -7.74 -12.24 40.56
C CYS A 56 -7.64 -13.75 40.58
N PRO A 57 -8.29 -14.44 41.52
CA PRO A 57 -8.41 -15.90 41.41
C PRO A 57 -9.41 -16.26 40.33
N TRP A 58 -9.28 -17.49 39.82
CA TRP A 58 -10.10 -17.95 38.72
C TRP A 58 -11.49 -18.30 39.24
N ARG A 59 -12.46 -17.43 38.96
CA ARG A 59 -13.86 -17.69 39.25
C ARG A 59 -14.67 -17.55 37.97
N ALA A 60 -15.62 -18.46 37.78
CA ALA A 60 -16.43 -18.44 36.56
C ALA A 60 -17.22 -17.15 36.43
N GLU A 61 -17.79 -16.66 37.54
CA GLU A 61 -18.59 -15.44 37.52
C GLU A 61 -17.75 -14.18 37.65
N GLY A 62 -16.47 -14.30 38.02
CA GLY A 62 -15.64 -13.13 38.16
C GLY A 62 -16.08 -12.24 39.32
N GLY A 63 -15.73 -10.96 39.21
CA GLY A 63 -16.09 -9.95 40.19
C GLY A 63 -14.85 -9.23 40.68
N GLN A 64 -14.96 -8.65 41.87
CA GLN A 64 -13.85 -7.93 42.46
C GLN A 64 -12.73 -8.91 42.86
N CYS A 65 -11.53 -8.37 42.99
CA CYS A 65 -10.34 -9.16 43.29
C CYS A 65 -9.54 -8.50 44.40
N PRO A 66 -8.75 -9.27 45.15
CA PRO A 66 -7.84 -8.67 46.12
C PRO A 66 -6.67 -7.98 45.43
N SER A 67 -6.06 -7.05 46.16
CA SER A 67 -4.96 -6.25 45.64
C SER A 67 -3.67 -6.57 46.40
N LEU A 68 -2.61 -6.83 45.66
CA LEU A 68 -1.30 -7.03 46.28
C LEU A 68 -0.84 -5.72 46.91
N LEU A 69 -0.16 -5.83 48.05
CA LEU A 69 0.26 -4.68 48.83
C LEU A 69 1.71 -4.33 48.49
N PHE A 70 1.92 -3.11 48.03
CA PHE A 70 3.25 -2.56 47.77
C PHE A 70 3.40 -1.25 48.51
N ASP A 71 4.64 -0.93 48.88
CA ASP A 71 4.90 0.33 49.55
C ASP A 71 4.55 1.49 48.63
N LEU A 72 3.80 2.46 49.16
CA LEU A 72 3.34 3.63 48.41
C LEU A 72 3.62 4.90 49.19
N ARG A 73 4.78 4.98 49.82
CA ARG A 73 5.19 6.14 50.58
C ARG A 73 6.54 6.64 50.07
N ASP A 74 6.70 7.97 50.09
CA ASP A 74 7.95 8.57 49.64
C ASP A 74 9.09 8.20 50.58
N GLU A 75 10.25 7.93 50.01
CA GLU A 75 11.44 7.58 50.76
C GLU A 75 12.47 8.70 50.66
N THR A 76 12.96 9.14 51.81
CA THR A 76 14.00 10.15 51.89
C THR A 76 15.14 9.60 52.73
N ARG A 77 16.35 9.59 52.16
CA ARG A 77 17.53 9.08 52.85
C ARG A 77 18.65 10.10 52.74
N ASN A 78 19.58 10.04 53.70
CA ASN A 78 20.74 10.91 53.74
C ASN A 78 22.00 10.06 53.79
N VAL A 79 22.85 10.19 52.77
CA VAL A 79 24.12 9.48 52.72
C VAL A 79 25.21 10.50 52.42
N GLY A 80 26.19 10.59 53.30
CA GLY A 80 27.21 11.61 53.15
C GLY A 80 26.58 12.98 53.15
N SER A 81 26.92 13.79 52.15
CA SER A 81 26.33 15.10 51.95
C SER A 81 25.15 15.09 50.99
N GLN A 82 24.74 13.91 50.52
CA GLN A 82 23.67 13.79 49.53
C GLN A 82 22.38 13.34 50.19
N THR A 83 21.26 13.85 49.68
CA THR A 83 19.93 13.44 50.10
C THR A 83 19.22 12.82 48.90
N LEU A 84 18.80 11.56 49.04
CA LEU A 84 18.12 10.83 47.98
C LEU A 84 16.63 10.82 48.26
N GLN A 85 15.84 11.18 47.25
CA GLN A 85 14.39 11.29 47.38
C GLN A 85 13.70 10.55 46.25
N THR A 86 12.63 9.84 46.60
CA THR A 86 11.79 9.13 45.65
C THR A 86 10.36 9.66 45.76
N PHE A 87 9.78 10.01 44.61
CA PHE A 87 8.40 10.47 44.54
C PHE A 87 7.60 9.46 43.73
N LYS A 88 6.52 8.95 44.32
CA LYS A 88 5.70 7.92 43.72
C LYS A 88 4.34 8.44 43.27
N ALA A 89 4.13 9.74 43.31
CA ALA A 89 2.85 10.32 42.88
C ALA A 89 2.69 10.15 41.38
N ARG A 90 1.54 9.62 40.96
CA ARG A 90 1.24 9.41 39.54
C ARG A 90 2.31 8.55 38.88
N GLN A 91 2.83 7.57 39.61
CA GLN A 91 3.86 6.68 39.09
C GLN A 91 3.30 5.63 38.14
N GLY A 92 1.99 5.42 38.13
CA GLY A 92 1.40 4.44 37.22
C GLY A 92 1.87 3.03 37.46
N LEU A 93 1.95 2.61 38.72
CA LEU A 93 2.36 1.24 39.02
C LEU A 93 1.38 0.25 38.40
N GLY A 94 1.92 -0.77 37.75
CA GLY A 94 1.11 -1.75 37.06
C GLY A 94 0.96 -1.53 35.57
N ALA A 95 1.66 -0.55 34.99
CA ALA A 95 1.59 -0.33 33.56
C ALA A 95 2.11 -1.52 32.76
N SER A 96 2.95 -2.35 33.37
CA SER A 96 3.47 -3.54 32.70
C SER A 96 3.73 -4.59 33.77
N VAL A 97 2.93 -5.65 33.77
CA VAL A 97 3.01 -6.70 34.78
C VAL A 97 3.38 -8.01 34.09
N VAL A 98 4.39 -8.69 34.61
CA VAL A 98 4.83 -9.97 34.08
C VAL A 98 4.95 -10.96 35.24
N SER A 99 4.89 -12.25 34.90
CA SER A 99 4.96 -13.32 35.89
C SER A 99 5.95 -14.38 35.42
N TRP A 100 6.78 -14.86 36.33
CA TRP A 100 7.74 -15.92 36.05
C TRP A 100 7.81 -16.86 37.23
N SER A 101 7.41 -18.12 37.02
CA SER A 101 7.43 -19.13 38.08
C SER A 101 6.59 -18.67 39.26
N ASP A 102 7.22 -18.09 40.28
CA ASP A 102 6.55 -17.65 41.50
C ASP A 102 6.91 -16.21 41.81
N VAL A 103 7.14 -15.40 40.79
CA VAL A 103 7.52 -14.00 40.95
C VAL A 103 6.65 -13.15 40.05
N ILE A 104 6.11 -12.07 40.60
CA ILE A 104 5.30 -11.11 39.85
C ILE A 104 6.06 -9.79 39.84
N VAL A 105 6.40 -9.31 38.65
CA VAL A 105 7.11 -8.06 38.47
C VAL A 105 6.14 -7.04 37.90
N ALA A 106 5.85 -5.99 38.68
CA ALA A 106 4.98 -4.91 38.26
C ALA A 106 5.79 -3.62 38.28
N CYS A 107 5.78 -2.90 37.17
CA CYS A 107 6.67 -1.76 36.98
C CYS A 107 5.89 -0.45 36.97
N ALA A 108 6.49 0.57 37.58
CA ALA A 108 6.00 1.94 37.52
C ALA A 108 6.99 2.77 36.71
N PRO A 109 6.73 3.01 35.43
CA PRO A 109 7.68 3.78 34.62
C PRO A 109 7.86 5.21 35.10
N TRP A 110 6.83 5.83 35.67
CA TRP A 110 6.81 7.27 35.92
C TRP A 110 7.19 7.62 37.36
N GLN A 111 7.81 6.70 38.08
CA GLN A 111 8.34 7.03 39.40
C GLN A 111 9.50 8.00 39.27
N HIS A 112 9.53 9.02 40.13
CA HIS A 112 10.51 10.09 40.04
C HIS A 112 11.60 9.93 41.09
N TRP A 113 12.83 10.24 40.69
CA TRP A 113 14.00 10.13 41.54
C TRP A 113 14.73 11.48 41.55
N ASN A 114 15.29 11.84 42.70
CA ASN A 114 16.02 13.10 42.80
C ASN A 114 17.12 12.97 43.84
N VAL A 115 18.17 13.77 43.65
CA VAL A 115 19.30 13.84 44.58
C VAL A 115 19.61 15.31 44.84
N LEU A 116 19.77 15.65 46.11
CA LEU A 116 20.05 17.02 46.54
C LEU A 116 21.41 17.07 47.23
N GLU A 117 22.17 18.12 46.93
CA GLU A 117 23.49 18.32 47.54
C GLU A 117 23.72 19.82 47.65
N LYS A 118 23.53 20.36 48.85
CA LYS A 118 23.70 21.78 49.10
C LYS A 118 22.77 22.59 48.20
N THR A 119 23.27 23.05 47.06
CA THR A 119 22.48 23.84 46.11
C THR A 119 22.20 23.09 44.82
N GLU A 120 23.22 22.44 44.24
CA GLU A 120 23.03 21.69 43.00
C GLU A 120 22.20 20.43 43.27
N GLU A 121 21.65 19.88 42.19
CA GLU A 121 20.81 18.70 42.28
C GLU A 121 20.86 17.95 40.95
N ALA A 122 20.39 16.71 40.97
CA ALA A 122 20.34 15.87 39.79
C ALA A 122 19.02 16.00 39.04
N GLU A 123 18.16 16.94 39.44
CA GLU A 123 16.87 17.18 38.79
C GLU A 123 15.92 16.03 39.04
N LYS A 124 14.63 16.34 39.15
CA LYS A 124 13.60 15.33 39.38
C LYS A 124 13.11 14.81 38.03
N THR A 125 13.39 13.56 37.74
CA THR A 125 13.11 12.94 36.46
C THR A 125 12.44 11.60 36.67
N PRO A 126 11.63 11.13 35.70
CA PRO A 126 10.94 9.83 35.83
C PRO A 126 11.82 8.64 35.48
N VAL A 127 12.65 8.22 36.44
CA VAL A 127 13.53 7.08 36.22
C VAL A 127 12.72 5.79 36.11
N GLY A 128 11.70 5.63 36.94
CA GLY A 128 10.91 4.43 36.96
C GLY A 128 11.52 3.34 37.84
N SER A 129 10.71 2.33 38.13
CA SER A 129 11.14 1.22 38.97
C SER A 129 10.28 0.00 38.69
N CYS A 130 10.65 -1.12 39.29
CA CYS A 130 9.87 -2.35 39.17
C CYS A 130 9.88 -3.08 40.51
N PHE A 131 8.69 -3.39 41.01
CA PHE A 131 8.53 -4.12 42.26
C PHE A 131 8.31 -5.59 41.96
N LEU A 132 9.10 -6.44 42.61
CA LEU A 132 9.00 -7.90 42.47
C LEU A 132 8.40 -8.46 43.74
N ALA A 133 7.36 -9.29 43.59
CA ALA A 133 6.63 -9.87 44.70
C ALA A 133 6.59 -11.38 44.59
N GLN A 134 6.75 -12.05 45.73
CA GLN A 134 6.63 -13.50 45.84
C GLN A 134 5.51 -13.79 46.82
N PRO A 135 4.26 -13.96 46.34
CA PRO A 135 3.14 -14.15 47.28
C PRO A 135 3.28 -15.38 48.15
N GLU A 136 3.81 -16.49 47.61
CA GLU A 136 3.87 -17.73 48.38
C GLU A 136 4.67 -17.55 49.66
N SER A 137 5.85 -16.96 49.55
CA SER A 137 6.66 -16.62 50.71
C SER A 137 6.42 -15.20 51.19
N GLY A 138 5.59 -14.42 50.50
CA GLY A 138 5.32 -13.06 50.90
C GLY A 138 6.54 -12.16 50.92
N ARG A 139 7.39 -12.26 49.90
CA ARG A 139 8.62 -11.49 49.83
C ARG A 139 8.46 -10.33 48.86
N ARG A 140 9.19 -9.25 49.13
CA ARG A 140 9.13 -8.04 48.32
C ARG A 140 10.55 -7.58 47.98
N ALA A 141 10.70 -7.00 46.79
CA ALA A 141 11.98 -6.46 46.36
C ALA A 141 11.71 -5.38 45.32
N GLU A 142 12.74 -4.57 45.05
CA GLU A 142 12.64 -3.50 44.07
C GLU A 142 13.85 -3.53 43.16
N TYR A 143 13.68 -2.97 41.96
CA TYR A 143 14.76 -2.89 40.98
C TYR A 143 14.59 -1.61 40.18
N SER A 144 15.65 -0.79 40.15
CA SER A 144 15.65 0.48 39.42
C SER A 144 17.04 0.67 38.83
N PRO A 145 17.29 0.21 37.61
CA PRO A 145 18.64 0.26 37.04
C PRO A 145 19.08 1.63 36.55
N CYS A 146 18.24 2.66 36.68
CA CYS A 146 18.57 4.01 36.22
C CYS A 146 18.53 5.00 37.37
N ARG A 147 19.13 4.65 38.50
CA ARG A 147 19.26 5.55 39.64
C ARG A 147 20.73 5.92 39.81
N GLY A 148 21.00 7.22 39.86
CA GLY A 148 22.37 7.70 39.99
C GLY A 148 22.43 8.89 40.92
N ASN A 149 23.66 9.28 41.25
CA ASN A 149 23.93 10.40 42.14
C ASN A 149 24.86 11.39 41.45
N THR A 150 24.61 11.66 40.18
CA THR A 150 25.40 12.60 39.39
C THR A 150 24.62 13.89 39.21
N LEU A 151 25.27 15.02 39.52
CA LEU A 151 24.60 16.30 39.42
C LEU A 151 24.42 16.73 37.97
N SER A 152 23.50 17.66 37.76
CA SER A 152 23.21 18.12 36.40
C SER A 152 24.40 18.82 35.76
N ARG A 153 25.23 19.49 36.57
CA ARG A 153 26.36 20.22 36.02
C ARG A 153 27.33 19.27 35.32
N ILE A 154 27.56 18.09 35.90
CA ILE A 154 28.48 17.13 35.29
C ILE A 154 27.94 16.69 33.93
N TYR A 155 26.64 16.40 33.84
CA TYR A 155 26.06 16.02 32.57
C TYR A 155 26.16 17.14 31.55
N VAL A 156 25.92 18.39 31.99
CA VAL A 156 26.01 19.53 31.07
C VAL A 156 27.42 19.66 30.53
N GLU A 157 28.43 19.52 31.41
CA GLU A 157 29.81 19.64 30.97
C GLU A 157 30.25 18.47 30.08
N ASN A 158 29.56 17.34 30.16
CA ASN A 158 29.92 16.14 29.40
C ASN A 158 29.04 15.94 28.18
N ASP A 159 28.30 16.97 27.77
CA ASP A 159 27.42 16.89 26.60
C ASP A 159 26.39 15.79 26.76
N PHE A 160 25.85 15.65 27.98
CA PHE A 160 24.80 14.69 28.28
C PHE A 160 25.21 13.27 27.88
N SER A 161 26.42 12.90 28.27
CA SER A 161 26.93 11.55 28.00
C SER A 161 26.50 10.61 29.11
N TRP A 162 25.91 9.47 28.73
CA TRP A 162 25.43 8.48 29.68
C TRP A 162 24.38 9.09 30.61
N ASP A 163 23.36 9.70 30.00
CA ASP A 163 22.27 10.33 30.75
C ASP A 163 21.12 9.33 30.86
N LYS A 164 20.94 8.77 32.05
CA LYS A 164 19.91 7.76 32.31
C LYS A 164 18.81 8.30 33.24
N ARG A 165 18.67 9.62 33.33
CA ARG A 165 17.70 10.20 34.24
C ARG A 165 16.27 10.09 33.74
N TYR A 166 16.06 9.83 32.44
CA TYR A 166 14.73 9.76 31.85
C TYR A 166 14.46 8.37 31.27
N CYS A 167 14.96 7.33 31.93
CA CYS A 167 14.80 5.97 31.40
C CYS A 167 13.33 5.59 31.29
N GLU A 168 12.53 5.92 32.30
CA GLU A 168 11.16 5.40 32.41
C GLU A 168 11.19 3.87 32.37
N ALA A 169 12.15 3.31 33.11
CA ALA A 169 12.32 1.86 33.12
C ALA A 169 11.03 1.17 33.54
N GLY A 170 10.72 0.07 32.87
CA GLY A 170 9.48 -0.64 33.09
C GLY A 170 8.41 -0.39 32.04
N PHE A 171 8.72 0.35 30.99
CA PHE A 171 7.73 0.57 29.93
C PHE A 171 7.33 -0.76 29.29
N SER A 172 8.30 -1.63 29.04
CA SER A 172 8.04 -2.98 28.57
C SER A 172 8.98 -3.93 29.28
N SER A 173 8.44 -5.06 29.75
CA SER A 173 9.20 -6.03 30.53
C SER A 173 8.97 -7.42 29.97
N VAL A 174 10.00 -8.26 30.09
CA VAL A 174 9.91 -9.65 29.64
C VAL A 174 10.90 -10.48 30.44
N VAL A 175 10.46 -11.63 30.90
CA VAL A 175 11.27 -12.54 31.70
C VAL A 175 11.57 -13.78 30.86
N THR A 176 12.85 -14.07 30.67
CA THR A 176 13.25 -15.25 29.92
C THR A 176 13.02 -16.51 30.74
N GLN A 177 13.03 -17.65 30.04
CA GLN A 177 12.85 -18.93 30.72
C GLN A 177 13.96 -19.19 31.73
N ALA A 178 15.19 -18.74 31.42
CA ALA A 178 16.29 -18.94 32.34
C ALA A 178 16.12 -18.13 33.63
N GLY A 179 15.36 -17.04 33.59
CA GLY A 179 15.13 -16.24 34.78
C GLY A 179 15.87 -14.92 34.77
N GLU A 180 15.97 -14.30 33.59
CA GLU A 180 16.65 -13.02 33.42
C GLU A 180 15.63 -11.97 32.99
N LEU A 181 15.23 -11.11 33.94
CA LEU A 181 14.30 -10.04 33.64
C LEU A 181 14.97 -9.01 32.73
N VAL A 182 14.23 -8.55 31.72
CA VAL A 182 14.68 -7.52 30.79
C VAL A 182 13.63 -6.43 30.76
N LEU A 183 14.07 -5.20 30.96
CA LEU A 183 13.19 -4.03 31.02
C LEU A 183 13.60 -3.01 29.97
N GLY A 184 12.62 -2.44 29.29
CA GLY A 184 12.89 -1.43 28.29
C GLY A 184 12.74 -0.02 28.84
N ALA A 185 13.63 0.86 28.41
CA ALA A 185 13.62 2.26 28.84
C ALA A 185 13.74 3.14 27.60
N PRO A 186 12.61 3.48 26.97
CA PRO A 186 12.68 4.27 25.73
C PRO A 186 13.37 5.62 25.91
N GLY A 187 13.21 6.27 27.06
CA GLY A 187 13.77 7.57 27.29
C GLY A 187 15.20 7.60 27.77
N GLY A 188 15.85 6.44 27.88
CA GLY A 188 17.23 6.41 28.34
C GLY A 188 18.20 7.02 27.34
N TYR A 189 19.34 7.46 27.86
CA TYR A 189 20.37 8.10 27.04
C TYR A 189 19.79 9.27 26.25
N TYR A 190 18.98 10.08 26.94
CA TYR A 190 18.37 11.27 26.36
C TYR A 190 17.50 10.90 25.15
N PHE A 191 16.45 10.12 25.43
CA PHE A 191 15.46 9.76 24.43
C PHE A 191 16.08 8.95 23.28
N LEU A 192 16.98 8.04 23.63
CA LEU A 192 17.53 7.09 22.67
C LEU A 192 17.08 5.66 22.90
N GLY A 193 16.67 5.32 24.12
CA GLY A 193 16.21 3.97 24.40
C GLY A 193 17.34 3.07 24.89
N LEU A 194 16.98 2.13 25.75
CA LEU A 194 17.97 1.17 26.25
C LEU A 194 17.24 -0.01 26.88
N LEU A 195 18.03 -1.02 27.25
CA LEU A 195 17.54 -2.22 27.91
C LEU A 195 18.33 -2.45 29.18
N ALA A 196 17.66 -3.00 30.20
CA ALA A 196 18.28 -3.38 31.46
C ALA A 196 17.99 -4.84 31.74
N GLN A 197 19.05 -5.64 31.90
CA GLN A 197 18.93 -7.07 32.10
C GLN A 197 19.49 -7.45 33.46
N ALA A 198 18.76 -8.29 34.19
CA ALA A 198 19.22 -8.70 35.52
C ALA A 198 18.52 -9.99 35.92
N PRO A 199 19.22 -10.95 36.54
CA PRO A 199 18.53 -12.13 37.06
C PRO A 199 17.58 -11.77 38.19
N VAL A 200 16.48 -12.51 38.28
CA VAL A 200 15.51 -12.30 39.35
C VAL A 200 16.10 -12.72 40.69
N ALA A 201 16.81 -13.85 40.71
CA ALA A 201 17.40 -14.32 41.96
C ALA A 201 18.39 -13.32 42.52
N ASP A 202 19.23 -12.74 41.66
CA ASP A 202 20.18 -11.73 42.12
C ASP A 202 19.45 -10.51 42.68
N ILE A 203 18.36 -10.09 42.03
CA ILE A 203 17.60 -8.95 42.52
C ILE A 203 17.05 -9.25 43.91
N PHE A 204 16.48 -10.46 44.10
CA PHE A 204 15.93 -10.81 45.40
C PHE A 204 17.02 -10.88 46.47
N SER A 205 18.18 -11.43 46.11
CA SER A 205 19.26 -11.65 47.06
C SER A 205 20.21 -10.46 47.19
N SER A 206 19.96 -9.37 46.44
CA SER A 206 20.80 -8.19 46.48
C SER A 206 19.99 -6.94 46.83
N TYR A 207 18.93 -7.12 47.62
CA TYR A 207 18.05 -6.02 48.01
C TYR A 207 18.06 -5.88 49.53
N ARG A 208 18.35 -4.68 50.01
CA ARG A 208 18.35 -4.37 51.43
C ARG A 208 17.41 -3.19 51.65
N PRO A 209 16.37 -3.32 52.48
CA PRO A 209 15.45 -2.19 52.68
C PRO A 209 16.20 -0.97 53.22
N GLY A 210 15.80 0.20 52.73
CA GLY A 210 16.40 1.45 53.15
C GLY A 210 17.57 1.91 52.31
N ILE A 211 18.09 1.06 51.42
CA ILE A 211 19.20 1.42 50.54
C ILE A 211 18.56 1.73 49.18
N LEU A 212 18.24 3.01 48.95
CA LEU A 212 17.57 3.40 47.72
C LEU A 212 18.45 3.12 46.50
N LEU A 213 19.74 3.43 46.59
CA LEU A 213 20.66 3.29 45.46
C LEU A 213 21.58 2.11 45.73
N TRP A 214 21.62 1.18 44.78
CA TRP A 214 22.50 0.02 44.87
C TRP A 214 22.75 -0.51 43.47
N HIS A 215 23.82 -1.29 43.32
CA HIS A 215 24.21 -1.87 42.04
C HIS A 215 24.19 -3.39 42.13
N VAL A 216 23.57 -4.02 41.15
CA VAL A 216 23.52 -5.48 41.06
C VAL A 216 24.76 -5.94 40.30
N SER A 217 25.41 -6.99 40.81
CA SER A 217 26.66 -7.44 40.23
C SER A 217 26.46 -7.91 38.79
N SER A 218 25.37 -8.64 38.53
CA SER A 218 25.11 -9.22 37.22
C SER A 218 24.33 -8.28 36.30
N GLN A 219 24.08 -7.04 36.73
CA GLN A 219 23.35 -6.11 35.90
C GLN A 219 24.10 -5.81 34.61
N SER A 220 23.35 -5.64 33.53
CA SER A 220 23.92 -5.28 32.24
C SER A 220 22.93 -4.40 31.50
N LEU A 221 23.46 -3.41 30.77
CA LEU A 221 22.65 -2.45 30.03
C LEU A 221 23.20 -2.30 28.62
N SER A 222 22.35 -1.79 27.73
CA SER A 222 22.76 -1.54 26.36
C SER A 222 23.65 -0.30 26.29
N PHE A 223 24.32 -0.14 25.15
CA PHE A 223 25.27 0.94 24.96
C PHE A 223 24.62 2.11 24.22
N ASP A 224 25.31 3.24 24.23
CA ASP A 224 24.83 4.46 23.58
C ASP A 224 25.31 4.51 22.14
N SER A 225 24.61 5.30 21.34
CA SER A 225 24.93 5.46 19.92
C SER A 225 24.92 6.94 19.57
N SER A 226 25.79 7.32 18.64
CA SER A 226 25.88 8.68 18.15
C SER A 226 25.27 8.87 16.77
N ASN A 227 24.76 7.80 16.16
CA ASN A 227 24.16 7.91 14.85
C ASN A 227 22.90 8.77 14.93
N PRO A 228 22.73 9.77 14.06
CA PRO A 228 21.52 10.59 14.12
C PRO A 228 20.23 9.82 13.93
N GLU A 229 20.29 8.63 13.33
CA GLU A 229 19.08 7.85 13.12
C GLU A 229 18.43 7.47 14.44
N TYR A 230 19.23 7.10 15.44
CA TYR A 230 18.69 6.69 16.73
C TYR A 230 18.13 7.85 17.54
N PHE A 231 18.41 9.10 17.15
CA PHE A 231 17.91 10.24 17.91
C PHE A 231 16.38 10.20 17.97
N ASP A 232 15.84 10.37 19.18
CA ASP A 232 14.40 10.37 19.39
C ASP A 232 13.76 9.11 18.82
N GLY A 233 14.44 7.98 19.00
CA GLY A 233 13.98 6.71 18.46
C GLY A 233 13.07 5.90 19.38
N TYR A 234 13.07 6.20 20.67
CA TYR A 234 12.27 5.45 21.63
C TYR A 234 12.54 3.95 21.51
N TRP A 235 13.82 3.60 21.48
CA TRP A 235 14.25 2.21 21.30
C TRP A 235 14.01 1.44 22.59
N GLY A 236 12.94 0.64 22.61
CA GLY A 236 12.57 -0.08 23.80
C GLY A 236 11.08 -0.05 24.07
N TYR A 237 10.31 0.51 23.13
CA TYR A 237 8.87 0.58 23.30
C TYR A 237 8.27 -0.80 23.56
N SER A 238 8.72 -1.80 22.81
CA SER A 238 8.28 -3.18 22.98
C SER A 238 9.50 -4.10 22.96
N VAL A 239 9.48 -5.10 23.84
CA VAL A 239 10.59 -6.04 23.98
C VAL A 239 10.04 -7.46 24.00
N ALA A 240 10.72 -8.36 23.28
CA ALA A 240 10.35 -9.77 23.24
C ALA A 240 11.62 -10.60 23.21
N VAL A 241 11.47 -11.90 23.46
CA VAL A 241 12.59 -12.83 23.49
C VAL A 241 12.31 -13.97 22.53
N GLY A 242 13.37 -14.54 21.98
CA GLY A 242 13.21 -15.64 21.04
C GLY A 242 14.56 -16.21 20.64
N GLU A 243 14.51 -17.24 19.81
CA GLU A 243 15.69 -17.92 19.30
C GLU A 243 15.78 -17.69 17.80
N PHE A 244 16.90 -17.09 17.36
CA PHE A 244 17.08 -16.78 15.95
C PHE A 244 18.46 -17.14 15.40
N ASP A 245 19.47 -17.32 16.24
CA ASP A 245 20.82 -17.59 15.77
C ASP A 245 21.08 -19.07 15.53
N GLY A 246 20.12 -19.94 15.88
CA GLY A 246 20.28 -21.37 15.69
C GLY A 246 20.93 -22.10 16.84
N ASP A 247 21.42 -21.39 17.85
CA ASP A 247 22.03 -21.99 19.02
C ASP A 247 21.12 -21.81 20.23
N LEU A 248 20.86 -22.91 20.93
CA LEU A 248 19.94 -22.90 22.06
C LEU A 248 20.54 -22.24 23.30
N ASN A 249 21.86 -22.14 23.39
CA ASN A 249 22.46 -21.50 24.57
C ASN A 249 22.12 -20.02 24.63
N THR A 250 22.28 -19.30 23.52
CA THR A 250 22.06 -17.86 23.51
C THR A 250 20.58 -17.56 23.32
N THR A 251 20.12 -16.49 23.96
CA THR A 251 18.75 -16.01 23.84
C THR A 251 18.78 -14.64 23.16
N GLU A 252 18.05 -14.52 22.06
CA GLU A 252 18.00 -13.28 21.29
C GLU A 252 16.84 -12.40 21.74
N TYR A 253 17.04 -11.09 21.65
CA TYR A 253 16.05 -10.11 22.04
C TYR A 253 15.57 -9.33 20.82
N VAL A 254 14.28 -9.02 20.80
CA VAL A 254 13.66 -8.22 19.75
C VAL A 254 13.18 -6.93 20.40
N VAL A 255 13.66 -5.80 19.90
CA VAL A 255 13.38 -4.49 20.47
C VAL A 255 12.77 -3.60 19.40
N GLY A 256 11.68 -2.92 19.73
CA GLY A 256 10.98 -2.04 18.81
C GLY A 256 11.31 -0.59 19.07
N ALA A 257 11.54 0.16 17.98
CA ALA A 257 11.80 1.60 18.04
C ALA A 257 10.85 2.25 17.05
N PRO A 258 9.63 2.59 17.49
CA PRO A 258 8.64 3.13 16.53
C PRO A 258 9.09 4.42 15.85
N THR A 259 9.85 5.27 16.54
CA THR A 259 10.27 6.56 16.02
C THR A 259 11.70 6.54 15.50
N TRP A 260 12.16 5.37 15.03
CA TRP A 260 13.52 5.26 14.54
C TRP A 260 13.64 5.82 13.13
N SER A 261 14.76 6.50 12.86
CA SER A 261 15.05 7.06 11.54
C SER A 261 13.96 8.06 11.12
N TRP A 262 13.80 9.10 11.92
CA TRP A 262 12.89 10.20 11.63
C TRP A 262 11.47 9.68 11.40
N THR A 263 10.90 9.10 12.46
CA THR A 263 9.51 8.64 12.45
C THR A 263 9.28 7.62 11.33
N LEU A 264 10.17 6.64 11.24
CA LEU A 264 10.05 5.55 10.28
C LEU A 264 9.80 4.20 10.95
N GLY A 265 10.37 3.96 12.12
CA GLY A 265 10.16 2.74 12.85
C GLY A 265 11.18 1.67 12.50
N ALA A 266 11.46 0.81 13.47
CA ALA A 266 12.39 -0.28 13.25
C ALA A 266 12.19 -1.36 14.32
N VAL A 267 12.63 -2.57 13.99
CA VAL A 267 12.65 -3.68 14.94
C VAL A 267 14.00 -4.34 14.84
N GLU A 268 14.74 -4.40 15.94
CA GLU A 268 16.10 -4.89 15.96
C GLU A 268 16.16 -6.22 16.72
N ILE A 269 16.80 -7.21 16.10
CA ILE A 269 17.08 -8.50 16.72
C ILE A 269 18.56 -8.47 17.13
N LEU A 270 18.80 -8.58 18.43
CA LEU A 270 20.12 -8.53 19.01
C LEU A 270 20.40 -9.81 19.80
N ASP A 271 21.67 -10.06 20.07
CA ASP A 271 22.08 -11.19 20.88
C ASP A 271 22.05 -10.81 22.36
N SER A 272 22.59 -11.70 23.21
CA SER A 272 22.62 -11.45 24.63
C SER A 272 23.51 -10.26 25.00
N TYR A 273 24.52 -9.97 24.18
CA TYR A 273 25.46 -8.89 24.45
C TYR A 273 25.11 -7.61 23.71
N TYR A 274 23.88 -7.50 23.21
CA TYR A 274 23.43 -6.28 22.53
C TYR A 274 24.24 -6.02 21.27
N GLN A 275 24.36 -7.03 20.42
CA GLN A 275 24.97 -6.90 19.10
C GLN A 275 23.88 -7.07 18.05
N ARG A 276 23.78 -6.10 17.14
CA ARG A 276 22.68 -6.08 16.18
C ARG A 276 22.84 -7.25 15.21
N LEU A 277 22.05 -8.31 15.43
CA LEU A 277 22.03 -9.41 14.47
C LEU A 277 21.26 -9.01 13.22
N HIS A 278 20.12 -8.33 13.38
CA HIS A 278 19.32 -7.92 12.24
C HIS A 278 18.52 -6.68 12.58
N ARG A 279 18.15 -5.94 11.53
CA ARG A 279 17.24 -4.80 11.66
C ARG A 279 16.18 -4.90 10.57
N LEU A 280 14.93 -4.68 10.95
CA LEU A 280 13.79 -4.62 10.03
C LEU A 280 13.27 -3.19 10.03
N ARG A 281 13.23 -2.58 8.86
CA ARG A 281 12.84 -1.18 8.72
C ARG A 281 11.35 -1.06 8.46
N GLY A 282 10.85 0.17 8.60
CA GLY A 282 9.45 0.45 8.38
C GLY A 282 9.11 0.60 6.92
N GLU A 283 7.82 0.84 6.66
CA GLU A 283 7.30 0.99 5.30
C GLU A 283 6.77 2.38 5.00
N GLN A 284 6.26 3.09 6.01
CA GLN A 284 5.68 4.42 5.78
C GLN A 284 6.05 5.33 6.95
N MET A 285 6.12 6.62 6.65
CA MET A 285 6.43 7.61 7.68
C MET A 285 5.27 7.72 8.68
N ALA A 286 5.62 7.87 9.95
CA ALA A 286 4.64 8.06 11.02
C ALA A 286 3.69 6.87 11.13
N SER A 287 4.14 5.69 10.71
CA SER A 287 3.35 4.47 10.85
C SER A 287 3.55 3.77 12.18
N TYR A 288 4.47 4.25 13.01
CA TYR A 288 4.74 3.65 14.32
C TYR A 288 5.05 2.16 14.19
N PHE A 289 5.81 1.82 13.14
CA PHE A 289 6.22 0.44 12.93
C PHE A 289 7.06 -0.03 14.11
N GLY A 290 6.65 -1.13 14.72
CA GLY A 290 7.32 -1.65 15.89
C GLY A 290 6.64 -1.37 17.21
N HIS A 291 5.39 -0.89 17.19
CA HIS A 291 4.69 -0.60 18.44
C HIS A 291 4.54 -1.86 19.29
N SER A 292 4.18 -2.98 18.66
CA SER A 292 4.03 -4.25 19.35
C SER A 292 4.79 -5.33 18.60
N VAL A 293 5.46 -6.21 19.35
CA VAL A 293 6.24 -7.30 18.79
C VAL A 293 5.82 -8.60 19.46
N ALA A 294 5.82 -9.68 18.68
CA ALA A 294 5.47 -10.99 19.19
C ALA A 294 6.32 -12.04 18.48
N VAL A 295 6.65 -13.10 19.20
CA VAL A 295 7.48 -14.19 18.68
C VAL A 295 6.71 -15.49 18.87
N THR A 296 6.47 -16.19 17.76
CA THR A 296 5.77 -17.46 17.80
C THR A 296 6.08 -18.23 16.53
N ASP A 297 5.84 -19.54 16.58
CA ASP A 297 6.09 -20.44 15.46
C ASP A 297 4.77 -20.71 14.75
N VAL A 298 4.38 -19.80 13.87
CA VAL A 298 3.10 -19.91 13.18
C VAL A 298 3.12 -21.07 12.18
N ASN A 299 4.21 -21.21 11.44
CA ASN A 299 4.27 -22.22 10.39
C ASN A 299 4.55 -23.62 10.91
N GLY A 300 4.96 -23.76 12.17
CA GLY A 300 5.20 -25.07 12.75
C GLY A 300 6.47 -25.75 12.31
N ASP A 301 7.40 -25.02 11.68
CA ASP A 301 8.65 -25.61 11.23
C ASP A 301 9.67 -25.77 12.36
N GLY A 302 9.36 -25.30 13.56
CA GLY A 302 10.28 -25.38 14.68
C GLY A 302 11.16 -24.18 14.86
N ARG A 303 11.06 -23.17 14.00
CA ARG A 303 11.85 -21.95 14.09
C ARG A 303 10.92 -20.78 14.36
N HIS A 304 11.28 -19.97 15.36
CA HIS A 304 10.43 -18.85 15.76
C HIS A 304 10.34 -17.82 14.64
N ASP A 305 9.17 -17.20 14.52
CA ASP A 305 8.89 -16.16 13.55
C ASP A 305 8.65 -14.84 14.28
N LEU A 306 8.43 -13.77 13.51
CA LEU A 306 8.30 -12.43 14.05
C LEU A 306 7.02 -11.79 13.57
N LEU A 307 6.34 -11.07 14.48
CA LEU A 307 5.16 -10.29 14.17
C LEU A 307 5.39 -8.86 14.62
N VAL A 308 5.11 -7.90 13.74
CA VAL A 308 5.28 -6.48 14.04
C VAL A 308 3.98 -5.76 13.72
N GLY A 309 3.75 -4.64 14.41
CA GLY A 309 2.53 -3.87 14.25
C GLY A 309 2.83 -2.43 13.86
N ALA A 310 1.85 -1.81 13.21
CA ALA A 310 1.94 -0.40 12.81
C ALA A 310 0.53 0.17 12.88
N PRO A 311 0.09 0.61 14.06
CA PRO A 311 -1.29 1.09 14.18
C PRO A 311 -1.64 2.25 13.27
N LEU A 312 -0.68 3.15 13.01
CA LEU A 312 -0.92 4.37 12.28
C LEU A 312 -0.70 4.22 10.78
N TYR A 313 -0.62 2.99 10.28
CA TYR A 313 -0.45 2.79 8.85
C TYR A 313 -1.67 3.32 8.09
N MET A 314 -1.42 3.90 6.92
CA MET A 314 -2.46 4.49 6.09
C MET A 314 -2.49 3.78 4.75
N GLU A 315 -3.68 3.34 4.34
CA GLU A 315 -3.87 2.65 3.08
C GLU A 315 -4.46 3.62 2.05
N SER A 316 -4.83 3.09 0.89
CA SER A 316 -5.38 3.87 -0.21
C SER A 316 -6.82 3.46 -0.45
N ARG A 317 -7.72 4.45 -0.50
CA ARG A 317 -9.13 4.23 -0.78
C ARG A 317 -9.58 5.19 -1.88
N ALA A 318 -10.63 4.78 -2.59
CA ALA A 318 -11.16 5.62 -3.66
C ALA A 318 -11.68 6.94 -3.10
N ASP A 319 -12.41 6.89 -1.99
CA ASP A 319 -12.95 8.11 -1.40
C ASP A 319 -11.82 9.04 -0.94
N ARG A 320 -10.81 8.48 -0.27
CA ARG A 320 -9.66 9.24 0.19
C ARG A 320 -8.41 8.40 -0.02
N LYS A 321 -7.35 9.02 -0.52
CA LYS A 321 -6.13 8.30 -0.84
C LYS A 321 -5.36 7.86 0.40
N LEU A 322 -5.68 8.43 1.57
CA LEU A 322 -5.05 8.04 2.82
C LEU A 322 -6.13 7.72 3.83
N ALA A 323 -6.02 6.55 4.46
CA ALA A 323 -6.98 6.08 5.46
C ALA A 323 -6.22 5.31 6.53
N GLU A 324 -6.15 5.89 7.74
CA GLU A 324 -5.44 5.26 8.85
C GLU A 324 -6.21 4.02 9.29
N VAL A 325 -5.65 2.84 9.02
CA VAL A 325 -6.29 1.57 9.36
C VAL A 325 -5.34 0.71 10.16
N GLY A 326 -4.04 0.95 10.02
CA GLY A 326 -3.04 0.13 10.67
C GLY A 326 -2.68 -1.11 9.86
N ARG A 327 -1.61 -1.76 10.27
CA ARG A 327 -1.14 -2.94 9.54
C ARG A 327 -0.35 -3.84 10.49
N VAL A 328 -0.23 -5.10 10.10
CA VAL A 328 0.55 -6.10 10.81
C VAL A 328 1.44 -6.83 9.80
N TYR A 329 2.72 -6.96 10.14
CA TYR A 329 3.70 -7.62 9.29
C TYR A 329 4.13 -8.93 9.93
N LEU A 330 4.15 -10.00 9.13
CA LEU A 330 4.59 -11.32 9.57
C LEU A 330 5.85 -11.69 8.80
N PHE A 331 6.93 -11.94 9.53
CA PHE A 331 8.20 -12.35 8.96
C PHE A 331 8.49 -13.78 9.41
N LEU A 332 8.79 -14.66 8.45
CA LEU A 332 9.09 -16.06 8.73
C LEU A 332 10.59 -16.29 8.69
N GLN A 333 11.11 -16.97 9.70
CA GLN A 333 12.54 -17.25 9.78
C GLN A 333 12.90 -18.34 8.78
N PRO A 334 13.77 -18.08 7.81
CA PRO A 334 14.15 -19.10 6.85
C PRO A 334 15.21 -20.05 7.41
N ARG A 335 15.43 -21.13 6.69
CA ARG A 335 16.45 -22.09 7.08
C ARG A 335 17.83 -21.47 6.96
N GLY A 336 18.71 -21.78 7.92
CA GLY A 336 20.05 -21.26 7.92
C GLY A 336 20.12 -19.86 8.47
N PRO A 337 21.32 -19.25 8.38
CA PRO A 337 21.49 -17.89 8.92
C PRO A 337 21.04 -16.80 7.97
N HIS A 338 20.26 -17.17 6.95
CA HIS A 338 19.80 -16.19 5.97
C HIS A 338 19.04 -15.07 6.65
N ALA A 339 19.35 -13.84 6.24
CA ALA A 339 18.71 -12.68 6.83
C ALA A 339 17.25 -12.58 6.41
N LEU A 340 16.40 -12.13 7.35
CA LEU A 340 14.99 -11.96 7.04
C LEU A 340 14.80 -10.93 5.94
N GLY A 341 13.96 -11.25 4.97
CA GLY A 341 13.69 -10.39 3.84
C GLY A 341 12.44 -9.56 4.02
N ALA A 342 11.67 -9.41 2.95
CA ALA A 342 10.45 -8.65 2.99
C ALA A 342 9.41 -9.38 3.87
N PRO A 343 8.42 -8.66 4.38
CA PRO A 343 7.42 -9.31 5.23
C PRO A 343 6.79 -10.50 4.55
N SER A 344 6.70 -11.61 5.27
CA SER A 344 6.08 -12.81 4.71
C SER A 344 4.60 -12.61 4.45
N LEU A 345 3.90 -11.92 5.35
CA LEU A 345 2.47 -11.66 5.15
C LEU A 345 2.15 -10.26 5.65
N LEU A 346 1.16 -9.63 5.01
CA LEU A 346 0.68 -8.32 5.39
C LEU A 346 -0.81 -8.42 5.72
N LEU A 347 -1.20 -7.89 6.88
CA LEU A 347 -2.59 -7.87 7.31
C LEU A 347 -3.02 -6.43 7.52
N THR A 348 -4.13 -6.05 6.91
CA THR A 348 -4.62 -4.67 6.96
C THR A 348 -6.02 -4.63 7.56
N GLY A 349 -6.28 -3.58 8.32
CA GLY A 349 -7.57 -3.39 8.96
C GLY A 349 -8.59 -2.78 8.02
N THR A 350 -9.81 -2.64 8.52
CA THR A 350 -10.93 -2.10 7.76
C THR A 350 -11.44 -0.78 8.31
N GLN A 351 -11.78 -0.72 9.59
CA GLN A 351 -12.34 0.48 10.18
C GLN A 351 -11.31 1.60 10.20
N LEU A 352 -11.77 2.82 9.94
CA LEU A 352 -10.88 3.97 9.98
C LEU A 352 -10.53 4.32 11.42
N TYR A 353 -9.26 4.71 11.64
CA TYR A 353 -8.78 5.05 12.97
C TYR A 353 -8.94 3.90 13.94
N GLY A 354 -8.84 2.66 13.42
CA GLY A 354 -8.99 1.49 14.25
C GLY A 354 -7.75 1.11 15.02
N ARG A 355 -6.59 1.67 14.67
CA ARG A 355 -5.32 1.33 15.32
C ARG A 355 -5.10 -0.18 15.33
N PHE A 356 -5.38 -0.81 14.19
CA PHE A 356 -5.21 -2.25 14.09
C PHE A 356 -3.75 -2.64 14.30
N GLY A 357 -3.54 -3.76 14.98
CA GLY A 357 -2.20 -4.24 15.26
C GLY A 357 -1.55 -3.65 16.50
N SER A 358 -2.29 -2.90 17.31
CA SER A 358 -1.74 -2.32 18.53
C SER A 358 -1.42 -3.37 19.58
N ALA A 359 -1.99 -4.57 19.47
CA ALA A 359 -1.72 -5.64 20.44
C ALA A 359 -1.79 -6.98 19.72
N ILE A 360 -0.67 -7.69 19.71
CA ILE A 360 -0.57 -9.02 19.11
C ILE A 360 -0.23 -9.98 20.23
N ALA A 361 -1.07 -11.01 20.39
CA ALA A 361 -0.93 -11.96 21.49
C ALA A 361 -0.89 -13.38 20.93
N PRO A 362 0.18 -14.14 21.17
CA PRO A 362 0.16 -15.56 20.79
C PRO A 362 -0.88 -16.33 21.59
N LEU A 363 -1.44 -17.36 20.95
CA LEU A 363 -2.45 -18.20 21.58
C LEU A 363 -2.07 -19.68 21.57
N GLY A 364 -0.91 -20.05 21.05
CA GLY A 364 -0.57 -21.45 20.96
C GLY A 364 -1.45 -22.15 19.95
N ASP A 365 -1.57 -23.47 20.13
CA ASP A 365 -2.42 -24.29 19.27
C ASP A 365 -3.84 -24.25 19.81
N LEU A 366 -4.55 -23.17 19.45
CA LEU A 366 -5.89 -22.95 19.99
C LEU A 366 -6.84 -24.07 19.57
N ASP A 367 -6.78 -24.47 18.31
CA ASP A 367 -7.68 -25.50 17.77
C ASP A 367 -7.03 -26.87 17.69
N ARG A 368 -5.83 -27.04 18.26
CA ARG A 368 -5.14 -28.32 18.27
C ARG A 368 -4.97 -28.85 16.84
N ASP A 369 -4.65 -27.95 15.91
CA ASP A 369 -4.46 -28.30 14.51
C ASP A 369 -2.98 -28.53 14.16
N GLY A 370 -2.08 -28.41 15.12
CA GLY A 370 -0.66 -28.58 14.87
C GLY A 370 0.07 -27.30 14.50
N TYR A 371 -0.65 -26.19 14.33
CA TYR A 371 -0.05 -24.91 14.00
C TYR A 371 -0.52 -23.85 14.98
N ASN A 372 0.40 -22.95 15.35
CA ASN A 372 0.12 -21.91 16.32
C ASN A 372 -0.74 -20.81 15.70
N ASP A 373 -1.55 -20.18 16.55
CA ASP A 373 -2.44 -19.09 16.15
C ASP A 373 -2.09 -17.84 16.94
N ILE A 374 -2.68 -16.71 16.54
CA ILE A 374 -2.43 -15.43 17.18
C ILE A 374 -3.73 -14.64 17.23
N ALA A 375 -3.71 -13.57 18.02
CA ALA A 375 -4.84 -12.65 18.13
C ALA A 375 -4.33 -11.23 17.96
N VAL A 376 -5.01 -10.45 17.12
CA VAL A 376 -4.65 -9.05 16.86
C VAL A 376 -5.83 -8.19 17.28
N ALA A 377 -5.55 -7.16 18.09
CA ALA A 377 -6.59 -6.32 18.65
C ALA A 377 -6.59 -4.95 17.98
N ALA A 378 -7.78 -4.49 17.60
CA ALA A 378 -7.99 -3.13 17.12
C ALA A 378 -8.81 -2.39 18.16
N PRO A 379 -8.20 -1.54 18.99
CA PRO A 379 -8.96 -0.95 20.11
C PRO A 379 -10.19 -0.16 19.68
N TYR A 380 -10.14 0.52 18.53
CA TYR A 380 -11.22 1.39 18.09
C TYR A 380 -11.71 1.00 16.69
N GLY A 381 -11.75 -0.30 16.43
CA GLY A 381 -12.26 -0.81 15.17
C GLY A 381 -13.73 -1.16 15.25
N GLY A 382 -14.22 -1.76 14.16
CA GLY A 382 -15.60 -2.18 14.08
C GLY A 382 -16.51 -1.08 13.58
N PRO A 383 -17.72 -1.45 13.12
CA PRO A 383 -18.64 -0.42 12.61
C PRO A 383 -18.98 0.64 13.64
N SER A 384 -19.10 0.26 14.91
CA SER A 384 -19.46 1.18 15.97
C SER A 384 -18.26 1.85 16.62
N GLY A 385 -17.04 1.48 16.22
CA GLY A 385 -15.85 2.09 16.77
C GLY A 385 -15.69 1.84 18.25
N ARG A 386 -15.96 0.62 18.70
CA ARG A 386 -15.80 0.24 20.10
C ARG A 386 -14.67 -0.75 20.35
N GLY A 387 -14.13 -1.38 19.32
CA GLY A 387 -13.01 -2.30 19.47
C GLY A 387 -13.34 -3.68 18.96
N GLN A 388 -12.30 -4.40 18.54
CA GLN A 388 -12.47 -5.75 18.02
C GLN A 388 -11.19 -6.55 18.26
N VAL A 389 -11.33 -7.86 18.26
CA VAL A 389 -10.20 -8.79 18.36
C VAL A 389 -10.37 -9.85 17.28
N LEU A 390 -9.36 -9.98 16.42
CA LEU A 390 -9.39 -10.92 15.30
C LEU A 390 -8.42 -12.06 15.59
N VAL A 391 -8.91 -13.29 15.47
CA VAL A 391 -8.11 -14.49 15.72
C VAL A 391 -7.65 -15.03 14.37
N PHE A 392 -6.33 -15.13 14.18
CA PHE A 392 -5.74 -15.63 12.96
C PHE A 392 -5.12 -17.00 13.23
N LEU A 393 -5.50 -17.99 12.43
CA LEU A 393 -5.02 -19.35 12.56
C LEU A 393 -3.80 -19.56 11.68
N GLY A 394 -2.93 -20.49 12.10
CA GLY A 394 -1.72 -20.77 11.37
C GLY A 394 -1.89 -21.86 10.32
N GLN A 395 -0.93 -21.90 9.40
CA GLN A 395 -0.92 -22.90 8.35
C GLN A 395 0.54 -23.19 7.98
N SER A 396 0.73 -24.13 7.06
CA SER A 396 2.09 -24.52 6.67
C SER A 396 2.84 -23.35 6.06
N GLU A 397 2.18 -22.57 5.21
CA GLU A 397 2.82 -21.43 4.55
C GLU A 397 2.85 -20.18 5.43
N GLY A 398 2.22 -20.20 6.60
CA GLY A 398 2.21 -19.05 7.46
C GLY A 398 0.88 -18.85 8.16
N LEU A 399 0.31 -17.65 8.02
CA LEU A 399 -1.00 -17.32 8.59
C LEU A 399 -2.01 -17.13 7.47
N ARG A 400 -3.29 -17.17 7.86
CA ARG A 400 -4.38 -16.97 6.93
C ARG A 400 -4.85 -15.52 6.99
N SER A 401 -4.96 -14.88 5.82
CA SER A 401 -5.37 -13.47 5.78
C SER A 401 -6.77 -13.30 6.35
N ARG A 402 -7.70 -14.17 5.99
CA ARG A 402 -9.05 -14.08 6.50
C ARG A 402 -9.08 -14.39 7.99
N PRO A 403 -9.67 -13.53 8.82
CA PRO A 403 -9.72 -13.82 10.27
C PRO A 403 -10.70 -14.94 10.56
N SER A 404 -10.24 -15.93 11.33
CA SER A 404 -11.10 -17.06 11.67
C SER A 404 -12.30 -16.61 12.50
N GLN A 405 -12.07 -15.74 13.48
CA GLN A 405 -13.14 -15.28 14.37
C GLN A 405 -12.89 -13.82 14.72
N VAL A 406 -13.99 -13.09 14.91
CA VAL A 406 -13.96 -11.69 15.30
C VAL A 406 -14.80 -11.53 16.56
N LEU A 407 -14.21 -10.95 17.60
CA LEU A 407 -14.87 -10.71 18.88
C LEU A 407 -15.07 -9.21 19.05
N ASP A 408 -16.31 -8.80 19.32
CA ASP A 408 -16.63 -7.40 19.51
C ASP A 408 -16.40 -7.00 20.97
N SER A 409 -16.72 -5.75 21.28
CA SER A 409 -16.53 -5.20 22.63
C SER A 409 -17.87 -5.03 23.31
N PRO A 410 -18.23 -5.85 24.32
CA PRO A 410 -19.49 -5.60 25.03
C PRO A 410 -19.51 -4.28 25.76
N PHE A 411 -18.34 -3.72 26.06
CA PHE A 411 -18.27 -2.46 26.78
C PHE A 411 -18.70 -1.31 25.87
N PRO A 412 -19.06 -0.17 26.45
CA PRO A 412 -19.53 0.97 25.65
C PRO A 412 -18.36 1.71 25.01
N THR A 413 -18.69 2.81 24.34
CA THR A 413 -17.69 3.59 23.62
C THR A 413 -16.63 4.11 24.58
N GLY A 414 -15.38 4.15 24.10
CA GLY A 414 -14.27 4.61 24.90
C GLY A 414 -13.67 3.60 25.83
N SER A 415 -14.06 2.32 25.72
CA SER A 415 -13.53 1.29 26.60
C SER A 415 -12.13 0.84 26.21
N ALA A 416 -11.69 1.15 24.99
CA ALA A 416 -10.38 0.72 24.51
C ALA A 416 -10.24 -0.80 24.60
N PHE A 417 -11.30 -1.52 24.26
CA PHE A 417 -11.29 -2.97 24.33
C PHE A 417 -10.24 -3.52 23.38
N GLY A 418 -9.38 -4.39 23.89
CA GLY A 418 -8.31 -4.97 23.09
C GLY A 418 -6.96 -4.32 23.27
N PHE A 419 -6.84 -3.33 24.16
CA PHE A 419 -5.55 -2.66 24.34
C PHE A 419 -4.48 -3.62 24.83
N SER A 420 -4.84 -4.50 25.78
CA SER A 420 -3.90 -5.45 26.35
C SER A 420 -4.47 -6.86 26.17
N LEU A 421 -3.67 -7.73 25.56
CA LEU A 421 -4.05 -9.12 25.31
C LEU A 421 -2.98 -10.06 25.86
N ARG A 422 -3.40 -11.28 26.17
CA ARG A 422 -2.49 -12.29 26.68
C ARG A 422 -3.18 -13.65 26.58
N GLY A 423 -2.43 -14.66 26.14
CA GLY A 423 -2.98 -15.99 25.99
C GLY A 423 -1.93 -17.08 26.14
N ALA A 424 -2.11 -18.18 25.39
CA ALA A 424 -1.19 -19.31 25.44
C ALA A 424 -1.12 -19.93 26.84
N VAL A 425 -2.22 -19.86 27.56
CA VAL A 425 -2.31 -20.43 28.91
C VAL A 425 -3.69 -21.04 29.09
N ASP A 426 -3.74 -22.16 29.79
CA ASP A 426 -4.97 -22.86 30.10
C ASP A 426 -5.36 -22.52 31.53
N ILE A 427 -6.51 -21.88 31.71
CA ILE A 427 -6.98 -21.48 33.03
C ILE A 427 -8.12 -22.34 33.54
N ASP A 428 -8.96 -22.89 32.66
CA ASP A 428 -10.05 -23.77 33.05
C ASP A 428 -9.65 -25.24 33.04
N ASP A 429 -8.42 -25.56 32.64
CA ASP A 429 -7.91 -26.94 32.62
C ASP A 429 -8.79 -27.84 31.76
N ASN A 430 -9.29 -27.32 30.65
CA ASN A 430 -10.09 -28.10 29.71
C ASN A 430 -9.28 -28.59 28.51
N GLY A 431 -7.96 -28.37 28.52
CA GLY A 431 -7.09 -28.82 27.46
C GLY A 431 -6.87 -27.83 26.33
N TYR A 432 -7.48 -26.65 26.40
CA TYR A 432 -7.31 -25.64 25.37
C TYR A 432 -6.95 -24.30 25.99
N PRO A 433 -6.12 -23.50 25.33
CA PRO A 433 -5.78 -22.18 25.87
C PRO A 433 -6.95 -21.22 25.85
N ASP A 434 -6.96 -20.29 26.79
CA ASP A 434 -7.98 -19.26 26.92
C ASP A 434 -7.37 -17.90 26.60
N LEU A 435 -8.21 -16.87 26.60
CA LEU A 435 -7.78 -15.51 26.26
C LEU A 435 -8.31 -14.55 27.30
N ILE A 436 -7.53 -13.50 27.56
CA ILE A 436 -7.92 -12.41 28.47
C ILE A 436 -7.67 -11.10 27.75
N VAL A 437 -8.69 -10.23 27.73
CA VAL A 437 -8.62 -8.94 27.06
C VAL A 437 -8.98 -7.86 28.06
N GLY A 438 -8.11 -6.85 28.20
CA GLY A 438 -8.37 -5.77 29.11
C GLY A 438 -9.04 -4.58 28.44
N ALA A 439 -9.64 -3.74 29.28
CA ALA A 439 -10.27 -2.51 28.79
C ALA A 439 -10.20 -1.50 29.95
N TYR A 440 -9.22 -0.60 29.88
CA TYR A 440 -9.04 0.39 30.94
C TYR A 440 -10.07 1.50 30.87
N GLY A 441 -10.65 1.76 29.70
CA GLY A 441 -11.69 2.77 29.61
C GLY A 441 -12.91 2.40 30.44
N ALA A 442 -13.36 1.16 30.33
CA ALA A 442 -14.44 0.63 31.16
C ALA A 442 -13.92 -0.01 32.44
N ASN A 443 -12.60 -0.16 32.58
CA ASN A 443 -12.01 -0.75 33.79
C ASN A 443 -12.52 -2.17 34.02
N GLN A 444 -12.37 -3.02 33.00
CA GLN A 444 -12.86 -4.39 33.10
C GLN A 444 -12.00 -5.30 32.24
N VAL A 445 -11.87 -6.54 32.69
CA VAL A 445 -11.12 -7.58 31.99
C VAL A 445 -12.10 -8.69 31.61
N ALA A 446 -12.10 -9.07 30.34
CA ALA A 446 -12.99 -10.09 29.81
C ALA A 446 -12.18 -11.34 29.49
N VAL A 447 -12.63 -12.48 30.02
CA VAL A 447 -11.96 -13.76 29.84
C VAL A 447 -12.84 -14.62 28.93
N TYR A 448 -12.25 -15.11 27.85
CA TYR A 448 -12.89 -16.02 26.90
C TYR A 448 -12.26 -17.39 27.06
N ARG A 449 -13.11 -18.41 27.16
CA ARG A 449 -12.67 -19.79 27.34
C ARG A 449 -12.83 -20.56 26.03
N ALA A 450 -11.76 -21.19 25.58
CA ALA A 450 -11.81 -21.98 24.36
C ALA A 450 -12.66 -23.24 24.58
N GLN A 451 -13.32 -23.67 23.51
CA GLN A 451 -14.17 -24.85 23.54
C GLN A 451 -13.56 -25.98 22.73
N PRO A 452 -13.88 -27.23 23.05
CA PRO A 452 -13.33 -28.35 22.27
C PRO A 452 -13.73 -28.25 20.80
N VAL A 453 -12.82 -28.67 19.93
CA VAL A 453 -13.03 -28.65 18.49
C VAL A 453 -13.19 -30.10 18.03
N VAL A 454 -14.29 -30.37 17.34
CA VAL A 454 -14.61 -31.70 16.85
C VAL A 454 -14.47 -31.70 15.33
N LYS A 455 -13.60 -32.56 14.80
CA LYS A 455 -13.42 -32.72 13.37
C LYS A 455 -14.27 -33.88 12.89
N ALA A 456 -15.08 -33.63 11.86
CA ALA A 456 -16.03 -34.61 11.35
C ALA A 456 -15.59 -35.07 9.97
N SER A 457 -15.49 -36.39 9.79
CA SER A 457 -15.19 -37.01 8.52
C SER A 457 -16.43 -37.75 8.04
N VAL A 458 -16.92 -37.40 6.85
CA VAL A 458 -18.13 -37.95 6.28
C VAL A 458 -17.80 -38.58 4.94
N GLN A 459 -18.26 -39.82 4.73
CA GLN A 459 -18.07 -40.53 3.49
C GLN A 459 -19.38 -41.15 3.05
N LEU A 460 -19.63 -41.09 1.74
CA LEU A 460 -20.84 -41.65 1.13
C LEU A 460 -20.44 -42.59 0.02
N LEU A 461 -20.97 -43.82 0.06
CA LEU A 461 -20.66 -44.85 -0.91
C LEU A 461 -21.94 -45.36 -1.55
N VAL A 462 -21.90 -45.53 -2.87
CA VAL A 462 -23.05 -45.98 -3.64
C VAL A 462 -22.55 -46.56 -4.94
N GLN A 463 -23.36 -47.43 -5.56
CA GLN A 463 -22.97 -48.06 -6.80
C GLN A 463 -22.78 -47.02 -7.90
N ASP A 464 -21.81 -47.27 -8.77
CA ASP A 464 -21.50 -46.32 -9.82
C ASP A 464 -22.67 -46.16 -10.79
N SER A 465 -23.34 -47.26 -11.14
CA SER A 465 -24.42 -47.22 -12.11
C SER A 465 -25.54 -48.15 -11.66
N LEU A 466 -26.75 -47.87 -12.13
CA LEU A 466 -27.94 -48.65 -11.82
C LEU A 466 -28.55 -49.19 -13.11
N ASN A 467 -28.98 -50.44 -13.07
CA ASN A 467 -29.64 -51.07 -14.22
C ASN A 467 -31.08 -51.38 -13.86
N PRO A 468 -32.06 -50.61 -14.34
CA PRO A 468 -33.47 -50.88 -13.97
C PRO A 468 -33.95 -52.26 -14.41
N ALA A 469 -33.30 -52.87 -15.40
CA ALA A 469 -33.77 -54.17 -15.88
C ALA A 469 -33.74 -55.22 -14.77
N VAL A 470 -32.68 -55.23 -13.97
CA VAL A 470 -32.54 -56.22 -12.89
C VAL A 470 -33.35 -55.74 -11.70
N LYS A 471 -34.28 -56.59 -11.25
CA LYS A 471 -35.11 -56.32 -10.07
C LYS A 471 -34.96 -57.48 -9.10
N SER A 472 -34.59 -57.17 -7.86
CA SER A 472 -34.39 -58.19 -6.84
C SER A 472 -35.17 -57.92 -5.56
N CYS A 473 -35.31 -56.66 -5.16
CA CYS A 473 -36.03 -56.34 -3.94
C CYS A 473 -37.54 -56.33 -4.19
N VAL A 474 -38.29 -56.27 -3.10
CA VAL A 474 -39.76 -56.26 -3.15
C VAL A 474 -40.24 -55.18 -2.20
N LEU A 475 -41.27 -54.44 -2.63
CA LEU A 475 -41.81 -53.37 -1.81
C LEU A 475 -42.41 -53.95 -0.52
N PRO A 476 -42.29 -53.24 0.61
CA PRO A 476 -42.87 -53.75 1.84
C PRO A 476 -44.39 -53.89 1.75
N GLN A 477 -44.91 -54.90 2.44
CA GLN A 477 -46.35 -55.16 2.53
C GLN A 477 -46.98 -55.53 1.19
N THR A 478 -46.17 -55.85 0.18
CA THR A 478 -46.67 -56.19 -1.14
C THR A 478 -45.73 -57.21 -1.77
N LYS A 479 -45.99 -57.55 -3.03
CA LYS A 479 -45.19 -58.50 -3.78
C LYS A 479 -44.80 -57.91 -5.13
N THR A 480 -44.32 -56.67 -5.11
CA THR A 480 -43.98 -55.95 -6.33
C THR A 480 -42.47 -55.92 -6.48
N PRO A 481 -41.89 -56.62 -7.45
CA PRO A 481 -40.44 -56.53 -7.66
C PRO A 481 -40.02 -55.13 -8.09
N VAL A 482 -38.79 -54.76 -7.72
CA VAL A 482 -38.24 -53.46 -8.05
C VAL A 482 -36.73 -53.52 -7.88
N SER A 483 -36.02 -52.75 -8.70
CA SER A 483 -34.58 -52.65 -8.58
C SER A 483 -34.20 -51.89 -7.31
N CYS A 484 -33.00 -52.18 -6.81
CA CYS A 484 -32.57 -51.58 -5.56
C CYS A 484 -31.04 -51.51 -5.54
N PHE A 485 -30.53 -50.63 -4.67
CA PHE A 485 -29.09 -50.48 -4.48
C PHE A 485 -28.84 -50.03 -3.06
N ASN A 486 -27.59 -50.19 -2.63
CA ASN A 486 -27.18 -49.91 -1.26
C ASN A 486 -26.47 -48.58 -1.17
N ILE A 487 -26.84 -47.77 -0.17
CA ILE A 487 -26.20 -46.50 0.12
C ILE A 487 -25.60 -46.58 1.51
N GLN A 488 -24.31 -46.29 1.63
CA GLN A 488 -23.59 -46.41 2.90
C GLN A 488 -23.06 -45.03 3.28
N MET A 489 -23.38 -44.61 4.51
CA MET A 489 -22.90 -43.34 5.04
C MET A 489 -22.06 -43.59 6.28
N CYS A 490 -20.82 -43.12 6.27
CA CYS A 490 -19.91 -43.25 7.40
C CYS A 490 -19.64 -41.86 7.96
N VAL A 491 -19.88 -41.69 9.26
CA VAL A 491 -19.64 -40.43 9.96
C VAL A 491 -18.73 -40.71 11.13
N GLY A 492 -17.65 -39.94 11.24
CA GLY A 492 -16.69 -40.11 12.33
C GLY A 492 -16.29 -38.79 12.95
N ALA A 493 -16.23 -38.77 14.29
CA ALA A 493 -15.85 -37.57 15.03
C ALA A 493 -14.52 -37.80 15.73
N THR A 494 -13.64 -36.81 15.64
CA THR A 494 -12.32 -36.88 16.27
C THR A 494 -12.05 -35.57 16.99
N GLY A 495 -11.16 -35.64 17.97
CA GLY A 495 -10.78 -34.46 18.73
C GLY A 495 -10.10 -34.86 20.03
N HIS A 496 -9.89 -33.84 20.86
CA HIS A 496 -9.25 -34.01 22.16
C HIS A 496 -10.16 -33.45 23.24
N ASN A 497 -10.34 -34.22 24.31
CA ASN A 497 -11.20 -33.82 25.43
C ASN A 497 -12.63 -33.55 24.98
N ILE A 498 -13.07 -34.26 23.95
CA ILE A 498 -14.45 -34.13 23.46
C ILE A 498 -15.38 -34.73 24.50
N PRO A 499 -16.63 -34.30 24.60
CA PRO A 499 -17.53 -34.87 25.60
C PRO A 499 -17.74 -36.36 25.39
N GLN A 500 -17.88 -37.08 26.50
CA GLN A 500 -18.06 -38.53 26.42
C GLN A 500 -19.33 -38.89 25.66
N LYS A 501 -20.41 -38.14 25.90
CA LYS A 501 -21.68 -38.36 25.21
C LYS A 501 -21.84 -37.27 24.15
N LEU A 502 -21.85 -37.69 22.89
CA LEU A 502 -21.98 -36.77 21.76
C LEU A 502 -23.02 -37.31 20.79
N SER A 503 -23.88 -36.42 20.30
CA SER A 503 -24.93 -36.77 19.35
C SER A 503 -24.85 -35.85 18.15
N LEU A 504 -24.94 -36.44 16.95
CA LEU A 504 -24.89 -35.69 15.70
C LEU A 504 -26.07 -36.10 14.83
N ASN A 505 -26.67 -35.12 14.16
CA ASN A 505 -27.80 -35.36 13.27
C ASN A 505 -27.29 -35.45 11.84
N ALA A 506 -27.53 -36.59 11.19
CA ALA A 506 -27.13 -36.83 9.82
C ALA A 506 -28.38 -36.91 8.95
N GLU A 507 -28.45 -36.03 7.95
CA GLU A 507 -29.59 -35.96 7.04
C GLU A 507 -29.14 -36.44 5.67
N LEU A 508 -29.85 -37.42 5.12
CA LEU A 508 -29.57 -37.96 3.80
C LEU A 508 -30.72 -37.60 2.87
N GLN A 509 -30.39 -36.99 1.73
CA GLN A 509 -31.37 -36.59 0.73
C GLN A 509 -30.98 -37.18 -0.62
N LEU A 510 -31.94 -37.81 -1.28
CA LEU A 510 -31.70 -38.49 -2.55
C LEU A 510 -32.37 -37.70 -3.67
N ASP A 511 -31.62 -37.44 -4.74
CA ASP A 511 -32.09 -36.65 -5.87
C ASP A 511 -32.59 -35.28 -5.38
N ARG A 512 -31.66 -34.54 -4.79
CA ARG A 512 -32.00 -33.27 -4.14
C ARG A 512 -32.54 -32.25 -5.14
N GLN A 513 -31.97 -32.18 -6.34
CA GLN A 513 -32.35 -31.14 -7.29
C GLN A 513 -33.82 -31.24 -7.70
N LYS A 514 -34.33 -32.44 -7.96
CA LYS A 514 -35.69 -32.58 -8.45
C LYS A 514 -36.70 -32.26 -7.35
N PRO A 515 -37.91 -31.87 -7.73
CA PRO A 515 -38.94 -31.62 -6.72
C PRO A 515 -39.29 -32.88 -5.95
N ARG A 516 -39.79 -32.68 -4.72
CA ARG A 516 -40.13 -33.81 -3.86
C ARG A 516 -41.05 -34.79 -4.58
N GLN A 517 -42.06 -34.28 -5.30
CA GLN A 517 -43.00 -35.16 -5.98
C GLN A 517 -42.37 -35.85 -7.19
N GLY A 518 -41.30 -35.30 -7.75
CA GLY A 518 -40.67 -35.84 -8.92
C GLY A 518 -39.41 -36.65 -8.69
N ARG A 519 -39.17 -37.09 -7.45
CA ARG A 519 -37.97 -37.86 -7.17
C ARG A 519 -38.02 -39.21 -7.87
N ARG A 520 -36.85 -39.70 -8.27
CA ARG A 520 -36.72 -40.95 -9.00
C ARG A 520 -36.37 -42.13 -8.10
N VAL A 521 -35.50 -41.95 -7.12
CA VAL A 521 -35.05 -43.01 -6.22
C VAL A 521 -35.58 -42.71 -4.82
N LEU A 522 -36.15 -43.72 -4.18
CA LEU A 522 -36.76 -43.56 -2.87
C LEU A 522 -36.29 -44.68 -1.94
N LEU A 523 -36.17 -44.34 -0.65
CA LEU A 523 -35.72 -45.32 0.32
C LEU A 523 -36.71 -46.48 0.42
N LEU A 524 -36.15 -47.70 0.52
CA LEU A 524 -36.98 -48.89 0.59
C LEU A 524 -37.84 -48.91 1.85
N GLY A 525 -37.25 -48.53 2.98
CA GLY A 525 -37.94 -48.63 4.25
C GLY A 525 -39.15 -47.73 4.38
N SER A 526 -38.92 -46.42 4.43
CA SER A 526 -40.00 -45.46 4.66
C SER A 526 -40.64 -44.94 3.38
N GLN A 527 -40.11 -45.32 2.21
CA GLN A 527 -40.65 -44.85 0.94
C GLN A 527 -40.64 -43.32 0.87
N GLN A 528 -39.58 -42.72 1.43
CA GLN A 528 -39.43 -41.27 1.45
C GLN A 528 -38.08 -40.90 0.85
N ALA A 529 -38.04 -39.74 0.19
CA ALA A 529 -36.83 -39.29 -0.49
C ALA A 529 -35.78 -38.75 0.47
N GLY A 530 -36.15 -38.43 1.69
CA GLY A 530 -35.20 -37.89 2.65
C GLY A 530 -35.35 -38.58 4.00
N THR A 531 -34.24 -38.68 4.72
CA THR A 531 -34.23 -39.31 6.03
C THR A 531 -33.27 -38.58 6.95
N THR A 532 -33.50 -38.72 8.24
CA THR A 532 -32.65 -38.13 9.27
C THR A 532 -32.37 -39.16 10.35
N LEU A 533 -31.13 -39.18 10.83
CA LEU A 533 -30.71 -40.12 11.86
C LEU A 533 -29.92 -39.37 12.93
N ASN A 534 -29.95 -39.91 14.15
CA ASN A 534 -29.24 -39.35 15.29
C ASN A 534 -28.17 -40.35 15.72
N LEU A 535 -26.91 -40.06 15.41
CA LEU A 535 -25.80 -40.96 15.68
C LEU A 535 -25.11 -40.52 16.97
N ASP A 536 -24.86 -41.49 17.86
CA ASP A 536 -24.19 -41.23 19.13
C ASP A 536 -22.71 -41.61 18.97
N LEU A 537 -21.92 -40.65 18.50
CA LEU A 537 -20.50 -40.87 18.28
C LEU A 537 -19.67 -40.67 19.54
N GLY A 538 -20.28 -40.30 20.66
CA GLY A 538 -19.56 -40.06 21.88
C GLY A 538 -18.69 -41.24 22.31
N GLY A 539 -17.37 -41.07 22.25
CA GLY A 539 -16.44 -42.11 22.62
C GLY A 539 -16.17 -43.14 21.55
N LYS A 540 -16.82 -43.03 20.38
CA LYS A 540 -16.62 -43.97 19.28
C LYS A 540 -15.48 -43.43 18.41
N HIS A 541 -14.26 -43.86 18.71
CA HIS A 541 -13.10 -43.39 17.97
C HIS A 541 -13.20 -43.77 16.49
N SER A 542 -13.58 -45.02 16.22
CA SER A 542 -13.74 -45.44 14.85
C SER A 542 -15.03 -44.86 14.26
N PRO A 543 -15.04 -44.56 12.96
CA PRO A 543 -16.25 -43.99 12.36
C PRO A 543 -17.41 -44.97 12.40
N ILE A 544 -18.61 -44.42 12.53
CA ILE A 544 -19.84 -45.22 12.54
C ILE A 544 -20.42 -45.21 11.14
N CYS A 545 -20.64 -46.41 10.59
CA CYS A 545 -21.16 -46.57 9.24
C CYS A 545 -22.55 -47.18 9.30
N HIS A 546 -23.46 -46.63 8.50
CA HIS A 546 -24.82 -47.14 8.38
C HIS A 546 -25.11 -47.42 6.92
N THR A 547 -26.01 -48.37 6.68
CA THR A 547 -26.35 -48.80 5.33
C THR A 547 -27.86 -48.78 5.15
N THR A 548 -28.31 -48.45 3.94
CA THR A 548 -29.73 -48.39 3.65
C THR A 548 -29.95 -48.81 2.20
N MET A 549 -31.20 -49.12 1.88
CA MET A 549 -31.59 -49.58 0.56
C MET A 549 -32.46 -48.53 -0.12
N ALA A 550 -32.17 -48.26 -1.39
CA ALA A 550 -32.93 -47.30 -2.18
C ALA A 550 -33.33 -47.95 -3.50
N PHE A 551 -34.59 -47.79 -3.88
CA PHE A 551 -35.14 -48.41 -5.08
C PHE A 551 -35.57 -47.34 -6.07
N LEU A 552 -35.54 -47.71 -7.35
CA LEU A 552 -35.91 -46.82 -8.45
C LEU A 552 -37.38 -47.05 -8.79
N ARG A 553 -38.12 -45.97 -8.97
CA ARG A 553 -39.53 -46.06 -9.28
C ARG A 553 -39.74 -46.73 -10.65
N ASP A 554 -41.01 -47.01 -10.93
CA ASP A 554 -41.35 -47.65 -12.20
C ASP A 554 -41.03 -46.72 -13.37
N GLU A 555 -40.73 -47.33 -14.53
CA GLU A 555 -40.36 -46.55 -15.69
C GLU A 555 -41.47 -45.59 -16.12
N ALA A 556 -42.73 -45.93 -15.85
CA ALA A 556 -43.84 -45.09 -16.26
C ALA A 556 -43.94 -43.83 -15.41
N ASP A 557 -43.53 -43.90 -14.14
CA ASP A 557 -43.70 -42.76 -13.24
C ASP A 557 -42.80 -41.59 -13.60
N PHE A 558 -41.72 -41.81 -14.34
CA PHE A 558 -40.80 -40.75 -14.70
C PHE A 558 -40.27 -40.99 -16.09
N ARG A 559 -39.85 -39.89 -16.74
CA ARG A 559 -39.34 -39.94 -18.11
C ARG A 559 -37.88 -39.53 -18.23
N ASP A 560 -37.33 -38.83 -17.24
CA ASP A 560 -35.95 -38.36 -17.32
C ASP A 560 -34.99 -39.51 -17.02
N LYS A 561 -33.97 -39.65 -17.85
CA LYS A 561 -32.99 -40.72 -17.72
C LYS A 561 -31.56 -40.21 -17.67
N LEU A 562 -31.24 -39.16 -18.43
CA LEU A 562 -29.86 -38.70 -18.52
C LEU A 562 -29.43 -37.93 -17.28
N SER A 563 -30.35 -37.27 -16.59
CA SER A 563 -29.98 -36.45 -15.45
C SER A 563 -29.39 -37.32 -14.35
N PRO A 564 -28.20 -37.01 -13.84
CA PRO A 564 -27.61 -37.84 -12.79
C PRO A 564 -28.39 -37.75 -11.49
N ILE A 565 -28.32 -38.84 -10.72
CA ILE A 565 -28.97 -38.91 -9.42
C ILE A 565 -27.96 -38.48 -8.37
N VAL A 566 -28.26 -37.40 -7.64
CA VAL A 566 -27.35 -36.81 -6.69
C VAL A 566 -27.85 -37.12 -5.28
N LEU A 567 -26.95 -37.56 -4.41
CA LEU A 567 -27.25 -37.87 -3.02
C LEU A 567 -26.39 -37.01 -2.13
N SER A 568 -27.01 -36.38 -1.13
CA SER A 568 -26.33 -35.45 -0.23
C SER A 568 -26.47 -35.92 1.21
N LEU A 569 -25.36 -35.86 1.94
CA LEU A 569 -25.33 -36.18 3.36
C LEU A 569 -24.83 -34.95 4.11
N ASN A 570 -25.58 -34.55 5.13
CA ASN A 570 -25.32 -33.32 5.88
C ASN A 570 -25.29 -33.65 7.36
N VAL A 571 -24.17 -33.36 8.01
CA VAL A 571 -23.98 -33.66 9.43
C VAL A 571 -23.98 -32.34 10.20
N SER A 572 -24.79 -32.28 11.26
CA SER A 572 -24.94 -31.07 12.06
C SER A 572 -25.09 -31.43 13.52
N LEU A 573 -25.00 -30.42 14.37
CA LEU A 573 -25.18 -30.58 15.81
C LEU A 573 -26.67 -30.62 16.16
N PRO A 574 -27.02 -31.15 17.33
CA PRO A 574 -28.42 -31.15 17.74
C PRO A 574 -28.92 -29.73 17.96
N PRO A 575 -30.23 -29.50 17.83
CA PRO A 575 -30.75 -28.15 18.09
C PRO A 575 -30.48 -27.73 19.53
N THR A 576 -30.30 -26.42 19.71
CA THR A 576 -30.00 -25.87 21.02
C THR A 576 -31.04 -26.32 22.05
N GLU A 577 -30.58 -27.04 23.07
CA GLU A 577 -31.46 -27.53 24.11
C GLU A 577 -31.62 -26.44 25.18
N ALA A 578 -32.23 -26.80 26.31
CA ALA A 578 -32.43 -25.84 27.39
C ALA A 578 -31.08 -25.31 27.87
N GLY A 579 -30.99 -23.99 28.03
CA GLY A 579 -29.77 -23.35 28.49
C GLY A 579 -28.81 -22.96 27.38
N MET A 580 -29.08 -23.35 26.14
CA MET A 580 -28.22 -23.03 24.99
C MET A 580 -26.79 -23.45 25.36
N ALA A 581 -25.79 -22.58 25.20
CA ALA A 581 -24.42 -22.90 25.56
C ALA A 581 -23.96 -24.17 24.88
N PRO A 582 -23.72 -24.15 23.57
CA PRO A 582 -23.26 -25.37 22.88
C PRO A 582 -21.97 -25.89 23.48
N ALA A 583 -21.87 -27.22 23.59
CA ALA A 583 -20.73 -27.83 24.26
C ALA A 583 -19.47 -27.76 23.42
N VAL A 584 -19.57 -28.02 22.11
CA VAL A 584 -18.40 -28.13 21.24
C VAL A 584 -18.66 -27.36 19.95
N VAL A 585 -17.58 -27.11 19.23
CA VAL A 585 -17.63 -26.44 17.93
C VAL A 585 -17.27 -27.46 16.86
N LEU A 586 -18.11 -27.56 15.83
CA LEU A 586 -17.96 -28.54 14.77
C LEU A 586 -17.51 -27.86 13.49
N HIS A 587 -16.45 -28.39 12.87
CA HIS A 587 -15.98 -27.88 11.60
C HIS A 587 -15.33 -29.03 10.83
N GLY A 588 -15.25 -28.85 9.52
CA GLY A 588 -14.67 -29.87 8.65
C GLY A 588 -15.55 -30.19 7.46
N ASP A 589 -15.68 -31.46 7.13
CA ASP A 589 -16.51 -31.92 6.02
C ASP A 589 -17.88 -32.32 6.59
N THR A 590 -18.78 -31.34 6.68
CA THR A 590 -20.13 -31.56 7.19
C THR A 590 -21.16 -31.71 6.08
N HIS A 591 -20.72 -31.77 4.83
CA HIS A 591 -21.64 -31.88 3.70
C HIS A 591 -20.92 -32.57 2.55
N VAL A 592 -21.42 -33.74 2.15
CA VAL A 592 -20.79 -34.54 1.10
C VAL A 592 -21.85 -34.92 0.08
N GLN A 593 -21.54 -34.73 -1.20
CA GLN A 593 -22.43 -35.07 -2.29
C GLN A 593 -21.77 -36.09 -3.20
N GLU A 594 -22.53 -37.11 -3.59
CA GLU A 594 -22.06 -38.13 -4.51
C GLU A 594 -23.15 -38.43 -5.53
N GLN A 595 -22.75 -38.62 -6.78
CA GLN A 595 -23.71 -38.76 -7.88
C GLN A 595 -23.51 -40.09 -8.59
N THR A 596 -24.63 -40.77 -8.82
CA THR A 596 -24.69 -41.97 -9.65
C THR A 596 -25.56 -41.68 -10.88
N ARG A 597 -25.79 -42.70 -11.69
CA ARG A 597 -26.57 -42.52 -12.90
C ARG A 597 -27.07 -43.87 -13.40
N ILE A 598 -28.03 -43.80 -14.32
CA ILE A 598 -28.62 -45.00 -14.90
C ILE A 598 -27.75 -45.47 -16.06
N VAL A 599 -27.61 -46.79 -16.20
CA VAL A 599 -26.83 -47.34 -17.30
C VAL A 599 -27.48 -46.97 -18.61
N LEU A 600 -26.66 -46.53 -19.57
CA LEU A 600 -27.16 -46.16 -20.88
C LEU A 600 -25.99 -46.12 -21.86
N ASP A 601 -26.16 -46.76 -23.01
CA ASP A 601 -25.15 -46.75 -24.08
C ASP A 601 -23.80 -47.27 -23.57
N CYS A 602 -23.84 -48.29 -22.71
CA CYS A 602 -22.63 -48.96 -22.24
C CYS A 602 -22.43 -50.32 -22.91
N GLY A 603 -23.22 -50.64 -23.93
CA GLY A 603 -23.08 -51.90 -24.63
C GLY A 603 -23.89 -53.01 -23.98
N GLU A 604 -23.81 -54.19 -24.62
CA GLU A 604 -24.56 -55.34 -24.13
C GLU A 604 -24.10 -55.77 -22.74
N ASP A 605 -22.82 -55.55 -22.42
CA ASP A 605 -22.31 -55.96 -21.12
C ASP A 605 -22.97 -55.21 -19.97
N ASP A 606 -23.59 -54.06 -20.26
CA ASP A 606 -24.27 -53.23 -19.26
C ASP A 606 -23.31 -52.61 -18.25
N VAL A 607 -22.00 -52.70 -18.50
CA VAL A 607 -20.98 -52.12 -17.62
C VAL A 607 -20.06 -51.28 -18.50
N CYS A 608 -20.00 -49.99 -18.23
CA CYS A 608 -19.14 -49.09 -18.99
C CYS A 608 -17.69 -49.26 -18.54
N VAL A 609 -16.79 -49.36 -19.51
CA VAL A 609 -15.37 -49.56 -19.24
C VAL A 609 -14.58 -48.50 -20.01
N PRO A 610 -14.49 -47.27 -19.53
CA PRO A 610 -13.81 -46.22 -20.29
C PRO A 610 -12.32 -46.50 -20.43
N GLN A 611 -11.76 -46.00 -21.53
CA GLN A 611 -10.32 -46.04 -21.79
C GLN A 611 -9.86 -44.63 -22.13
N LEU A 612 -9.03 -44.06 -21.27
CA LEU A 612 -8.63 -42.67 -21.38
C LEU A 612 -7.15 -42.57 -21.77
N GLN A 613 -6.86 -41.65 -22.70
CA GLN A 613 -5.50 -41.35 -23.11
C GLN A 613 -5.24 -39.87 -22.93
N LEU A 614 -4.06 -39.54 -22.40
CA LEU A 614 -3.71 -38.15 -22.10
C LEU A 614 -2.31 -37.87 -22.62
N THR A 615 -2.15 -36.70 -23.24
CA THR A 615 -0.85 -36.21 -23.69
C THR A 615 -0.66 -34.79 -23.18
N ALA A 616 0.56 -34.46 -22.77
CA ALA A 616 0.86 -33.16 -22.18
C ALA A 616 2.11 -32.58 -22.82
N SER A 617 2.11 -31.26 -23.00
CA SER A 617 3.25 -30.54 -23.53
C SER A 617 3.40 -29.22 -22.77
N VAL A 618 4.64 -28.73 -22.71
CA VAL A 618 4.97 -27.54 -21.94
C VAL A 618 5.62 -26.53 -22.88
N THR A 619 5.22 -25.27 -22.74
CA THR A 619 5.84 -24.15 -23.46
C THR A 619 6.24 -23.09 -22.45
N GLY A 620 7.32 -22.38 -22.78
CA GLY A 620 7.98 -21.52 -21.81
C GLY A 620 9.01 -22.23 -20.98
N SER A 621 9.67 -23.25 -21.54
CA SER A 621 10.57 -24.09 -20.77
C SER A 621 11.62 -23.31 -19.98
N PRO A 622 12.32 -22.31 -20.54
CA PRO A 622 13.34 -21.62 -19.73
C PRO A 622 12.76 -20.97 -18.49
N LEU A 623 13.14 -21.47 -17.32
CA LEU A 623 12.69 -20.94 -16.04
C LEU A 623 13.83 -20.17 -15.41
N LEU A 624 13.63 -18.86 -15.24
CA LEU A 624 14.65 -17.99 -14.65
C LEU A 624 14.33 -17.77 -13.18
N VAL A 625 15.33 -18.00 -12.33
CA VAL A 625 15.13 -17.86 -10.88
C VAL A 625 14.88 -16.40 -10.55
N GLY A 626 13.88 -16.16 -9.70
CA GLY A 626 13.56 -14.80 -9.30
C GLY A 626 12.82 -14.00 -10.34
N ALA A 627 12.02 -14.66 -11.18
CA ALA A 627 11.26 -13.98 -12.22
C ALA A 627 9.84 -14.52 -12.23
N ASP A 628 8.92 -13.73 -12.79
CA ASP A 628 7.51 -14.12 -12.89
C ASP A 628 7.36 -15.15 -14.01
N ASN A 629 7.83 -16.36 -13.72
CA ASN A 629 7.79 -17.44 -14.69
C ASN A 629 6.35 -17.88 -14.92
N VAL A 630 5.95 -17.93 -16.20
CA VAL A 630 4.59 -18.29 -16.59
C VAL A 630 4.69 -19.40 -17.62
N LEU A 631 4.61 -20.65 -17.18
CA LEU A 631 4.59 -21.78 -18.09
C LEU A 631 3.19 -21.95 -18.68
N GLU A 632 3.13 -22.58 -19.85
CA GLU A 632 1.85 -22.87 -20.51
C GLU A 632 1.78 -24.36 -20.79
N LEU A 633 0.81 -25.03 -20.18
CA LEU A 633 0.63 -26.47 -20.33
C LEU A 633 -0.52 -26.74 -21.28
N GLN A 634 -0.25 -27.53 -22.32
CA GLN A 634 -1.25 -27.94 -23.28
C GLN A 634 -1.50 -29.43 -23.10
N MET A 635 -2.72 -29.78 -22.71
CA MET A 635 -3.10 -31.17 -22.46
C MET A 635 -4.22 -31.59 -23.40
N ASP A 636 -4.02 -32.71 -24.08
CA ASP A 636 -5.02 -33.29 -24.97
C ASP A 636 -5.48 -34.61 -24.37
N ALA A 637 -6.78 -34.73 -24.16
CA ALA A 637 -7.38 -35.93 -23.56
C ALA A 637 -8.39 -36.52 -24.52
N ALA A 638 -8.35 -37.85 -24.64
CA ALA A 638 -9.26 -38.59 -25.51
C ALA A 638 -9.79 -39.80 -24.77
N ASN A 639 -10.97 -40.26 -25.18
CA ASN A 639 -11.63 -41.43 -24.58
C ASN A 639 -11.94 -42.41 -25.69
N GLU A 640 -11.00 -43.33 -25.95
CA GLU A 640 -11.20 -44.36 -26.96
C GLU A 640 -12.13 -45.47 -26.48
N GLY A 641 -12.37 -45.57 -25.17
CA GLY A 641 -13.27 -46.55 -24.62
C GLY A 641 -14.67 -46.00 -24.45
N GLU A 642 -15.43 -46.64 -23.56
CA GLU A 642 -16.80 -46.22 -23.32
C GLU A 642 -16.83 -44.92 -22.52
N GLY A 643 -18.00 -44.31 -22.45
CA GLY A 643 -18.16 -43.04 -21.79
C GLY A 643 -17.70 -43.03 -20.36
N ALA A 644 -16.89 -42.05 -19.99
CA ALA A 644 -16.35 -41.94 -18.64
C ALA A 644 -17.30 -41.14 -17.76
N TYR A 645 -17.54 -41.65 -16.56
CA TYR A 645 -18.46 -41.04 -15.61
C TYR A 645 -17.72 -40.09 -14.69
N GLU A 646 -18.21 -38.86 -14.58
CA GLU A 646 -17.60 -37.82 -13.77
C GLU A 646 -16.09 -37.75 -14.03
N ALA A 647 -15.76 -37.43 -15.28
CA ALA A 647 -14.37 -37.39 -15.72
C ALA A 647 -13.82 -35.98 -15.50
N GLU A 648 -12.73 -35.90 -14.74
CA GLU A 648 -12.04 -34.63 -14.49
C GLU A 648 -10.56 -34.82 -14.74
N LEU A 649 -9.85 -33.69 -14.84
CA LEU A 649 -8.41 -33.68 -15.08
C LEU A 649 -7.71 -33.17 -13.82
N ALA A 650 -6.82 -33.98 -13.27
CA ALA A 650 -6.07 -33.62 -12.08
C ALA A 650 -4.64 -33.24 -12.47
N VAL A 651 -4.20 -32.07 -12.01
CA VAL A 651 -2.88 -31.53 -12.33
C VAL A 651 -2.22 -31.16 -11.01
N HIS A 652 -1.26 -31.96 -10.56
CA HIS A 652 -0.49 -31.65 -9.37
C HIS A 652 0.73 -30.81 -9.76
N LEU A 653 0.84 -29.63 -9.16
CA LEU A 653 1.86 -28.64 -9.46
C LEU A 653 2.90 -28.61 -8.35
N PRO A 654 4.09 -28.06 -8.64
CA PRO A 654 5.12 -27.97 -7.59
C PRO A 654 4.73 -27.01 -6.48
N GLN A 655 5.61 -26.84 -5.49
CA GLN A 655 5.27 -26.04 -4.32
C GLN A 655 4.98 -24.59 -4.68
N GLY A 656 5.81 -24.00 -5.53
CA GLY A 656 5.70 -22.60 -5.87
C GLY A 656 4.80 -22.26 -7.03
N ALA A 657 4.08 -23.23 -7.59
CA ALA A 657 3.24 -22.99 -8.75
C ALA A 657 1.87 -22.46 -8.33
N HIS A 658 1.17 -21.87 -9.29
CA HIS A 658 -0.17 -21.35 -9.06
C HIS A 658 -0.93 -21.37 -10.37
N TYR A 659 -2.27 -21.29 -10.27
CA TYR A 659 -3.16 -21.32 -11.41
C TYR A 659 -3.70 -19.93 -11.69
N MET A 660 -3.61 -19.50 -12.95
CA MET A 660 -4.07 -18.18 -13.36
C MET A 660 -5.24 -18.25 -14.32
N ARG A 661 -5.10 -18.96 -15.44
CA ARG A 661 -6.12 -18.97 -16.48
C ARG A 661 -6.06 -20.30 -17.22
N ALA A 662 -7.17 -20.65 -17.86
CA ALA A 662 -7.26 -21.87 -18.64
C ALA A 662 -8.30 -21.68 -19.74
N LEU A 663 -7.94 -22.09 -20.97
CA LEU A 663 -8.82 -21.99 -22.12
C LEU A 663 -8.95 -23.36 -22.77
N SER A 664 -10.04 -23.53 -23.52
CA SER A 664 -10.31 -24.75 -24.27
C SER A 664 -10.51 -24.39 -25.73
N ASN A 665 -9.62 -24.87 -26.59
CA ASN A 665 -9.71 -24.55 -28.01
C ASN A 665 -10.99 -25.13 -28.61
N VAL A 666 -11.35 -26.36 -28.23
CA VAL A 666 -12.52 -27.00 -28.79
C VAL A 666 -13.78 -26.31 -28.27
N GLU A 667 -14.68 -25.96 -29.19
CA GLU A 667 -15.95 -25.33 -28.83
C GLU A 667 -15.73 -23.92 -28.31
N GLY A 668 -16.66 -23.01 -28.61
CA GLY A 668 -16.56 -21.64 -28.18
C GLY A 668 -17.56 -21.26 -27.11
N PHE A 669 -18.54 -22.14 -26.88
CA PHE A 669 -19.58 -21.93 -25.87
C PHE A 669 -19.59 -23.08 -24.87
N GLU A 670 -18.41 -23.58 -24.51
CA GLU A 670 -18.30 -24.68 -23.57
C GLU A 670 -18.26 -24.21 -22.13
N ARG A 671 -17.73 -23.02 -21.86
CA ARG A 671 -17.65 -22.47 -20.51
C ARG A 671 -16.85 -23.40 -19.59
N LEU A 672 -15.59 -23.60 -19.94
CA LEU A 672 -14.71 -24.44 -19.14
C LEU A 672 -14.59 -23.87 -17.73
N ILE A 673 -14.65 -24.76 -16.74
CA ILE A 673 -14.54 -24.38 -15.33
C ILE A 673 -13.46 -25.23 -14.69
N CYS A 674 -12.47 -24.57 -14.09
CA CYS A 674 -11.41 -25.22 -13.35
C CYS A 674 -11.31 -24.62 -11.96
N ASN A 675 -10.98 -25.45 -10.97
CA ASN A 675 -10.82 -25.01 -9.59
C ASN A 675 -9.46 -25.45 -9.08
N GLN A 676 -8.99 -24.73 -8.07
CA GLN A 676 -7.67 -24.96 -7.48
C GLN A 676 -7.82 -25.11 -5.97
N LYS A 677 -7.21 -26.14 -5.39
CA LYS A 677 -7.26 -26.33 -3.96
C LYS A 677 -6.02 -27.08 -3.50
N LYS A 678 -5.69 -26.91 -2.22
CA LYS A 678 -4.53 -27.55 -1.61
C LYS A 678 -5.02 -28.76 -0.85
N GLU A 679 -4.87 -29.94 -1.46
CA GLU A 679 -5.30 -31.19 -0.83
C GLU A 679 -4.61 -31.36 0.53
N ASN A 680 -3.31 -31.63 0.51
CA ASN A 680 -2.52 -31.72 1.73
C ASN A 680 -1.43 -30.67 1.76
N GLU A 681 -0.62 -30.63 0.71
CA GLU A 681 0.47 -29.68 0.58
C GLU A 681 0.69 -29.18 -0.84
N THR A 682 0.12 -29.85 -1.85
CA THR A 682 0.30 -29.47 -3.24
C THR A 682 -0.96 -28.78 -3.76
N ARG A 683 -0.75 -27.85 -4.69
CA ARG A 683 -1.85 -27.08 -5.28
C ARG A 683 -2.42 -27.87 -6.44
N VAL A 684 -3.41 -28.72 -6.15
CA VAL A 684 -4.05 -29.55 -7.17
C VAL A 684 -5.12 -28.73 -7.88
N VAL A 685 -5.10 -28.76 -9.21
CA VAL A 685 -6.07 -28.07 -10.05
C VAL A 685 -6.93 -29.12 -10.72
N LEU A 686 -8.24 -29.07 -10.47
CA LEU A 686 -9.20 -29.97 -11.07
C LEU A 686 -10.00 -29.22 -12.14
N CYS A 687 -9.96 -29.75 -13.37
CA CYS A 687 -10.73 -29.22 -14.47
C CYS A 687 -11.79 -30.23 -14.88
N GLU A 688 -13.01 -29.76 -15.09
CA GLU A 688 -14.13 -30.64 -15.44
C GLU A 688 -14.03 -31.02 -16.91
N LEU A 689 -13.82 -32.30 -17.18
CA LEU A 689 -13.81 -32.80 -18.56
C LEU A 689 -15.20 -33.19 -19.02
N GLY A 690 -15.97 -33.86 -18.16
CA GLY A 690 -17.34 -34.17 -18.51
C GLY A 690 -17.99 -35.29 -17.72
N ASN A 691 -19.25 -35.10 -17.36
CA ASN A 691 -20.07 -36.20 -16.87
C ASN A 691 -20.54 -37.04 -18.07
N PRO A 692 -20.74 -38.37 -17.86
CA PRO A 692 -20.73 -39.30 -19.00
C PRO A 692 -20.35 -38.71 -20.34
N MET A 693 -19.07 -38.36 -20.50
CA MET A 693 -18.60 -37.74 -21.73
C MET A 693 -18.83 -38.68 -22.91
N LYS A 694 -19.14 -38.08 -24.06
CA LYS A 694 -19.57 -38.85 -25.23
C LYS A 694 -18.44 -39.70 -25.80
N LYS A 695 -18.78 -40.54 -26.77
CA LYS A 695 -17.81 -41.46 -27.35
C LYS A 695 -16.75 -40.70 -28.15
N ASN A 696 -15.50 -41.16 -28.03
CA ASN A 696 -14.38 -40.64 -28.80
C ASN A 696 -14.22 -39.13 -28.65
N ALA A 697 -14.65 -38.57 -27.52
CA ALA A 697 -14.50 -37.14 -27.30
C ALA A 697 -13.03 -36.78 -27.10
N GLN A 698 -12.61 -35.70 -27.76
CA GLN A 698 -11.23 -35.21 -27.66
C GLN A 698 -11.28 -33.76 -27.22
N ILE A 699 -10.60 -33.45 -26.11
CA ILE A 699 -10.64 -32.14 -25.49
C ILE A 699 -9.22 -31.64 -25.28
N GLY A 700 -8.95 -30.40 -25.68
CA GLY A 700 -7.66 -29.78 -25.48
C GLY A 700 -7.75 -28.58 -24.56
N ILE A 701 -6.91 -28.54 -23.53
CA ILE A 701 -6.91 -27.47 -22.54
C ILE A 701 -5.52 -26.83 -22.50
N ALA A 702 -5.48 -25.51 -22.61
CA ALA A 702 -4.25 -24.74 -22.49
C ALA A 702 -4.35 -23.89 -21.24
N MET A 703 -3.47 -24.14 -20.27
CA MET A 703 -3.55 -23.48 -18.97
C MET A 703 -2.23 -22.78 -18.65
N LEU A 704 -2.34 -21.61 -18.04
CA LEU A 704 -1.17 -20.84 -17.61
C LEU A 704 -0.88 -21.15 -16.15
N VAL A 705 0.37 -21.52 -15.85
CA VAL A 705 0.81 -21.83 -14.50
C VAL A 705 1.91 -20.83 -14.14
N SER A 706 1.69 -20.08 -13.06
CA SER A 706 2.66 -19.09 -12.59
C SER A 706 3.53 -19.73 -11.52
N VAL A 707 4.80 -19.95 -11.84
CA VAL A 707 5.74 -20.55 -10.91
C VAL A 707 6.35 -19.43 -10.07
N GLY A 708 6.22 -19.55 -8.75
CA GLY A 708 6.75 -18.55 -7.84
C GLY A 708 8.24 -18.72 -7.63
N ASN A 709 8.76 -17.94 -6.68
CA ASN A 709 10.18 -18.00 -6.36
C ASN A 709 10.58 -19.41 -5.96
N LEU A 710 11.67 -19.91 -6.53
CA LEU A 710 12.17 -21.24 -6.24
C LEU A 710 13.68 -21.17 -6.10
N GLU A 711 14.18 -21.54 -4.92
CA GLU A 711 15.61 -21.57 -4.65
C GLU A 711 16.11 -22.91 -4.14
N GLU A 712 15.21 -23.87 -3.91
CA GLU A 712 15.60 -25.19 -3.43
C GLU A 712 14.92 -26.32 -4.20
N ALA A 713 14.17 -26.02 -5.26
CA ALA A 713 13.49 -27.07 -6.02
C ALA A 713 14.46 -27.96 -6.77
N GLY A 714 15.72 -27.59 -6.88
CA GLY A 714 16.70 -28.40 -7.58
C GLY A 714 16.88 -27.97 -9.03
N GLU A 715 17.51 -28.86 -9.79
CA GLU A 715 17.81 -28.56 -11.19
C GLU A 715 16.53 -28.40 -12.00
N SER A 716 15.54 -29.25 -11.75
CA SER A 716 14.29 -29.23 -12.51
C SER A 716 13.10 -29.43 -11.58
N VAL A 717 11.94 -28.99 -12.05
CA VAL A 717 10.69 -29.15 -11.33
C VAL A 717 9.84 -30.19 -12.07
N SER A 718 8.87 -30.75 -11.35
CA SER A 718 8.05 -31.83 -11.86
C SER A 718 6.57 -31.48 -11.75
N PHE A 719 5.84 -31.67 -12.84
CA PHE A 719 4.38 -31.53 -12.87
C PHE A 719 3.77 -32.89 -13.15
N GLN A 720 2.71 -33.23 -12.43
CA GLN A 720 2.02 -34.50 -12.62
C GLN A 720 0.63 -34.26 -13.18
N LEU A 721 0.22 -35.10 -14.13
CA LEU A 721 -1.08 -34.98 -14.76
C LEU A 721 -1.74 -36.35 -14.86
N GLN A 722 -3.05 -36.39 -14.61
CA GLN A 722 -3.80 -37.63 -14.63
C GLN A 722 -5.26 -37.31 -14.86
N ILE A 723 -6.05 -38.33 -15.15
CA ILE A 723 -7.49 -38.20 -15.35
C ILE A 723 -8.19 -39.01 -14.27
N ARG A 724 -9.12 -38.36 -13.57
CA ARG A 724 -9.91 -39.00 -12.52
C ARG A 724 -11.29 -39.34 -13.06
N SER A 725 -11.69 -40.60 -12.92
CA SER A 725 -13.01 -41.05 -13.31
C SER A 725 -13.56 -41.98 -12.24
N LYS A 726 -14.86 -41.87 -11.98
CA LYS A 726 -15.51 -42.66 -10.94
C LYS A 726 -15.89 -44.06 -11.41
N ASN A 727 -15.63 -44.40 -12.67
CA ASN A 727 -16.00 -45.71 -13.19
C ASN A 727 -15.26 -46.81 -12.45
N SER A 728 -15.94 -47.96 -12.30
CA SER A 728 -15.36 -49.09 -11.58
C SER A 728 -14.12 -49.62 -12.27
N GLN A 729 -14.15 -49.72 -13.60
CA GLN A 729 -13.05 -50.28 -14.37
C GLN A 729 -12.22 -49.15 -14.97
N ASN A 730 -10.90 -49.26 -14.82
CA ASN A 730 -9.98 -48.24 -15.33
C ASN A 730 -10.36 -46.89 -14.74
N PRO A 731 -10.36 -46.73 -13.42
CA PRO A 731 -10.80 -45.47 -12.82
C PRO A 731 -9.95 -44.27 -13.20
N ASN A 732 -8.69 -44.47 -13.58
CA ASN A 732 -7.79 -43.38 -13.90
C ASN A 732 -6.99 -43.73 -15.15
N SER A 733 -6.42 -42.70 -15.77
CA SER A 733 -5.60 -42.85 -16.96
C SER A 733 -4.13 -42.99 -16.56
N LYS A 734 -3.27 -43.09 -17.57
CA LYS A 734 -1.84 -43.21 -17.32
C LYS A 734 -1.31 -41.93 -16.69
N ILE A 735 -0.37 -42.09 -15.77
CA ILE A 735 0.24 -40.95 -15.09
C ILE A 735 1.24 -40.29 -16.03
N VAL A 736 1.13 -38.98 -16.19
CA VAL A 736 2.01 -38.20 -17.06
C VAL A 736 2.88 -37.30 -16.20
N LEU A 737 4.18 -37.33 -16.44
CA LEU A 737 5.15 -36.53 -15.70
C LEU A 737 5.86 -35.60 -16.65
N LEU A 738 5.86 -34.30 -16.33
CA LEU A 738 6.56 -33.29 -17.11
C LEU A 738 7.70 -32.73 -16.27
N ASP A 739 8.92 -32.83 -16.80
CA ASP A 739 10.11 -32.37 -16.10
C ASP A 739 10.61 -31.10 -16.77
N VAL A 740 10.46 -29.97 -16.08
CA VAL A 740 10.84 -28.66 -16.61
C VAL A 740 12.18 -28.28 -16.00
N PRO A 741 13.25 -28.17 -16.78
CA PRO A 741 14.54 -27.78 -16.21
C PRO A 741 14.53 -26.32 -15.76
N VAL A 742 15.39 -26.03 -14.79
CA VAL A 742 15.52 -24.69 -14.22
C VAL A 742 16.97 -24.24 -14.38
N ARG A 743 17.17 -23.03 -14.90
CA ARG A 743 18.49 -22.45 -15.07
C ARG A 743 18.47 -21.00 -14.57
N ALA A 744 19.61 -20.57 -14.05
CA ALA A 744 19.77 -19.22 -13.52
C ALA A 744 20.58 -18.39 -14.49
N GLU A 745 20.03 -17.25 -14.90
CA GLU A 745 20.70 -16.34 -15.81
C GLU A 745 20.40 -14.91 -15.41
N ALA A 746 21.41 -14.04 -15.51
CA ALA A 746 21.28 -12.66 -15.14
C ALA A 746 22.04 -11.79 -16.13
N GLN A 747 21.46 -10.63 -16.45
CA GLN A 747 22.08 -9.67 -17.36
C GLN A 747 22.48 -8.43 -16.58
N VAL A 748 23.69 -7.94 -16.81
CA VAL A 748 24.22 -6.74 -16.16
C VAL A 748 24.50 -5.71 -17.24
N GLU A 749 24.00 -4.49 -17.01
CA GLU A 749 24.11 -3.40 -17.97
C GLU A 749 25.10 -2.37 -17.47
N LEU A 750 26.03 -1.98 -18.34
CA LEU A 750 26.99 -0.91 -18.05
C LEU A 750 26.68 0.27 -18.96
N ARG A 751 26.46 1.44 -18.36
CA ARG A 751 26.15 2.65 -19.12
C ARG A 751 27.08 3.78 -18.69
N GLY A 752 27.60 4.51 -19.67
CA GLY A 752 28.54 5.59 -19.41
C GLY A 752 28.09 6.91 -19.98
N ASN A 753 28.43 7.99 -19.27
CA ASN A 753 28.06 9.33 -19.70
C ASN A 753 29.15 10.31 -19.30
N SER A 754 29.17 11.45 -19.98
CA SER A 754 30.12 12.53 -19.69
C SER A 754 29.38 13.84 -19.54
N PHE A 755 29.77 14.63 -18.54
CA PHE A 755 29.15 15.92 -18.28
C PHE A 755 30.25 16.98 -18.23
N PRO A 756 30.15 18.05 -19.04
CA PRO A 756 29.15 18.33 -20.08
C PRO A 756 29.42 17.54 -21.37
N ALA A 757 28.38 17.21 -22.13
CA ALA A 757 28.61 16.50 -23.39
C ALA A 757 29.42 17.34 -24.36
N SER A 758 29.09 18.63 -24.47
CA SER A 758 29.81 19.57 -25.34
C SER A 758 30.39 20.68 -24.48
N LEU A 759 31.69 20.92 -24.62
CA LEU A 759 32.38 21.95 -23.86
C LEU A 759 33.22 22.79 -24.81
N VAL A 760 33.28 24.09 -24.54
CA VAL A 760 34.06 25.04 -25.34
C VAL A 760 35.01 25.78 -24.40
N VAL A 761 36.27 25.88 -24.80
CA VAL A 761 37.31 26.52 -23.99
C VAL A 761 37.77 27.78 -24.72
N ALA A 762 37.83 28.89 -24.01
CA ALA A 762 38.28 30.15 -24.57
C ALA A 762 39.79 30.30 -24.37
N ALA A 763 40.34 31.39 -24.90
CA ALA A 763 41.77 31.66 -24.80
C ALA A 763 42.03 33.16 -24.82
N SER A 775 47.10 26.77 -14.07
CA SER A 775 45.96 27.02 -13.20
C SER A 775 44.91 25.91 -13.33
N TRP A 776 43.70 26.21 -12.91
CA TRP A 776 42.59 25.25 -12.96
C TRP A 776 41.64 25.61 -14.09
N GLY A 777 41.36 24.63 -14.95
CA GLY A 777 40.51 24.84 -16.09
C GLY A 777 39.08 24.36 -15.85
N PRO A 778 38.33 24.18 -16.93
CA PRO A 778 36.93 23.74 -16.78
C PRO A 778 36.84 22.32 -16.22
N LYS A 779 35.71 22.02 -15.60
CA LYS A 779 35.48 20.75 -14.96
C LYS A 779 34.70 19.81 -15.88
N VAL A 780 35.20 18.58 -16.02
CA VAL A 780 34.54 17.54 -16.80
C VAL A 780 34.52 16.28 -15.97
N GLU A 781 33.37 15.61 -15.92
CA GLU A 781 33.20 14.40 -15.13
C GLU A 781 32.69 13.27 -16.01
N HIS A 782 33.16 12.06 -15.73
CA HIS A 782 32.72 10.85 -16.40
C HIS A 782 32.04 9.93 -15.38
N THR A 783 30.85 9.46 -15.71
CA THR A 783 30.06 8.62 -14.82
C THR A 783 29.78 7.28 -15.48
N TYR A 784 29.96 6.20 -14.72
CA TYR A 784 29.68 4.86 -15.18
C TYR A 784 28.76 4.17 -14.18
N GLU A 785 27.69 3.56 -14.68
CA GLU A 785 26.71 2.89 -13.84
C GLU A 785 26.58 1.43 -14.25
N LEU A 786 26.57 0.56 -13.24
CA LEU A 786 26.28 -0.86 -13.40
C LEU A 786 24.91 -1.14 -12.80
N HIS A 787 24.03 -1.75 -13.60
CA HIS A 787 22.66 -2.05 -13.20
C HIS A 787 22.41 -3.54 -13.38
N ASN A 788 21.88 -4.18 -12.34
CA ASN A 788 21.59 -5.62 -12.38
C ASN A 788 20.12 -5.83 -12.75
N ASN A 789 19.82 -5.54 -14.02
CA ASN A 789 18.45 -5.69 -14.51
C ASN A 789 17.99 -7.15 -14.47
N GLY A 790 18.94 -8.10 -14.54
CA GLY A 790 18.60 -9.49 -14.57
C GLY A 790 17.84 -9.93 -13.34
N PRO A 791 16.88 -10.84 -13.50
CA PRO A 791 16.15 -11.34 -12.32
C PRO A 791 17.04 -12.01 -11.30
N GLY A 792 18.15 -12.61 -11.72
CA GLY A 792 19.03 -13.33 -10.82
C GLY A 792 19.99 -12.42 -10.08
N THR A 793 20.91 -13.06 -9.37
CA THR A 793 21.92 -12.38 -8.58
C THR A 793 23.30 -12.75 -9.11
N VAL A 794 24.22 -11.78 -9.07
CA VAL A 794 25.57 -11.96 -9.61
C VAL A 794 26.58 -11.64 -8.53
N ASN A 795 27.61 -12.48 -8.42
CA ASN A 795 28.70 -12.30 -7.48
C ASN A 795 30.03 -12.25 -8.24
N GLY A 796 31.08 -11.89 -7.51
CA GLY A 796 32.40 -11.80 -8.11
C GLY A 796 32.48 -10.77 -9.22
N LEU A 797 31.86 -9.62 -9.02
CA LEU A 797 31.85 -8.57 -10.02
C LEU A 797 33.16 -7.80 -10.00
N HIS A 798 33.83 -7.73 -11.14
CA HIS A 798 35.09 -7.00 -11.28
C HIS A 798 35.00 -6.11 -12.50
N LEU A 799 35.30 -4.82 -12.31
CA LEU A 799 35.24 -3.83 -13.38
C LEU A 799 36.57 -3.08 -13.44
N SER A 800 36.92 -2.65 -14.65
CA SER A 800 38.11 -1.84 -14.89
C SER A 800 37.73 -0.65 -15.75
N ILE A 801 38.12 0.54 -15.33
CA ILE A 801 37.89 1.77 -16.08
C ILE A 801 39.26 2.30 -16.52
N HIS A 802 39.41 2.48 -17.83
CA HIS A 802 40.66 2.91 -18.43
C HIS A 802 40.49 4.32 -18.98
N LEU A 803 41.42 5.20 -18.63
CA LEU A 803 41.39 6.60 -19.02
C LEU A 803 42.74 7.01 -19.60
N PRO A 804 42.77 7.89 -20.58
CA PRO A 804 44.06 8.37 -21.09
C PRO A 804 44.79 9.21 -20.05
N GLY A 805 46.12 9.16 -20.11
CA GLY A 805 46.97 9.91 -19.20
C GLY A 805 47.27 9.15 -17.93
N GLN A 806 48.20 9.72 -17.16
CA GLN A 806 48.64 9.14 -15.89
C GLN A 806 48.65 10.19 -14.78
N SER A 807 47.78 11.19 -14.88
CA SER A 807 47.65 12.23 -13.86
C SER A 807 48.99 12.92 -13.63
N GLN A 808 49.48 13.56 -14.67
CA GLN A 808 50.74 14.28 -14.66
C GLN A 808 50.56 15.63 -15.34
N PRO A 809 51.44 16.60 -15.06
CA PRO A 809 51.33 17.89 -15.75
C PRO A 809 51.37 17.79 -17.26
N SER A 810 52.14 16.85 -17.81
CA SER A 810 52.17 16.67 -19.26
C SER A 810 50.85 16.12 -19.80
N ASP A 811 50.10 15.41 -18.96
CA ASP A 811 48.84 14.83 -19.40
C ASP A 811 47.84 15.92 -19.78
N LEU A 812 47.07 15.66 -20.83
CA LEU A 812 46.08 16.63 -21.29
C LEU A 812 45.00 16.84 -20.25
N LEU A 813 44.54 15.76 -19.62
CA LEU A 813 43.53 15.83 -18.57
C LEU A 813 44.11 15.34 -17.26
N TYR A 814 43.68 15.97 -16.16
CA TYR A 814 44.18 15.68 -14.83
C TYR A 814 43.02 15.22 -13.96
N ILE A 815 43.17 14.06 -13.33
CA ILE A 815 42.11 13.47 -12.52
C ILE A 815 42.22 14.03 -11.11
N LEU A 816 41.16 14.65 -10.62
CA LEU A 816 41.15 15.19 -9.26
C LEU A 816 40.71 14.15 -8.25
N ASP A 817 39.51 13.59 -8.43
CA ASP A 817 38.98 12.65 -7.46
C ASP A 817 38.02 11.68 -8.14
N ILE A 818 37.98 10.46 -7.60
CA ILE A 818 37.08 9.41 -8.05
C ILE A 818 36.17 9.03 -6.89
N GLN A 819 34.86 9.13 -7.11
CA GLN A 819 33.88 8.79 -6.09
C GLN A 819 33.16 7.51 -6.49
N PRO A 820 33.35 6.39 -5.74
CA PRO A 820 32.49 5.22 -5.94
C PRO A 820 31.30 5.22 -5.01
N GLN A 821 30.15 4.74 -5.49
CA GLN A 821 28.93 4.65 -4.69
C GLN A 821 28.28 3.31 -4.93
N GLY A 822 27.80 2.69 -3.84
CA GLY A 822 27.19 1.38 -3.89
C GLY A 822 27.95 0.29 -3.17
N GLY A 823 29.03 0.62 -2.47
CA GLY A 823 29.79 -0.35 -1.73
C GLY A 823 30.95 -0.98 -2.48
N LEU A 824 31.07 -0.73 -3.78
CA LEU A 824 32.18 -1.28 -4.55
C LEU A 824 33.50 -0.71 -4.04
N GLN A 825 34.52 -1.57 -3.98
CA GLN A 825 35.85 -1.17 -3.53
C GLN A 825 36.73 -0.93 -4.74
N CYS A 826 37.22 0.29 -4.89
CA CYS A 826 37.97 0.70 -6.07
C CYS A 826 39.38 1.12 -5.67
N PHE A 827 40.35 0.84 -6.55
CA PHE A 827 41.72 1.30 -6.36
C PHE A 827 42.29 1.68 -7.73
N PRO A 828 42.97 2.81 -7.86
CA PRO A 828 43.54 3.21 -9.14
C PRO A 828 44.99 2.75 -9.32
N GLN A 829 45.46 2.85 -10.56
CA GLN A 829 46.85 2.59 -10.89
C GLN A 829 47.19 3.26 -12.22
N PRO A 830 48.19 4.15 -12.27
CA PRO A 830 49.01 4.66 -11.16
C PRO A 830 48.19 5.57 -10.24
N PRO A 831 48.70 5.91 -9.06
CA PRO A 831 47.95 6.80 -8.16
C PRO A 831 47.59 8.10 -8.87
N VAL A 832 46.36 8.55 -8.65
CA VAL A 832 45.84 9.72 -9.33
C VAL A 832 45.89 10.91 -8.36
N ASN A 833 45.87 12.11 -8.93
CA ASN A 833 45.91 13.34 -8.16
C ASN A 833 47.13 13.38 -7.26
N PRO A 834 48.35 13.37 -7.82
CA PRO A 834 49.54 13.46 -6.95
C PRO A 834 49.52 14.67 -6.04
N LEU A 835 49.33 15.86 -6.59
CA LEU A 835 49.22 17.06 -5.76
C LEU A 835 47.89 17.06 -5.02
N LYS A 836 47.90 17.58 -3.80
CA LYS A 836 46.67 17.62 -2.99
C LYS A 836 45.59 18.42 -3.69
N VAL A 837 45.94 19.60 -4.21
CA VAL A 837 45.01 20.45 -4.93
C VAL A 837 43.82 20.77 -4.05
N ASP A 838 43.90 21.87 -3.29
CA ASP A 838 42.82 22.30 -2.42
C ASP A 838 41.80 23.11 -3.22
N TRP A 839 41.11 22.39 -4.11
CA TRP A 839 40.11 23.02 -4.96
C TRP A 839 39.28 21.95 -5.69
N ASP A 874 39.79 19.19 -37.53
CA ASP A 874 39.61 17.75 -37.59
C ASP A 874 39.66 17.16 -36.18
N PRO A 875 38.63 16.41 -35.77
CA PRO A 875 38.65 15.79 -34.44
C PRO A 875 39.85 14.87 -34.28
N VAL A 876 40.43 14.89 -33.07
CA VAL A 876 41.56 14.04 -32.72
C VAL A 876 41.12 13.14 -31.58
N LEU A 877 41.35 11.84 -31.74
CA LEU A 877 40.91 10.84 -30.76
C LEU A 877 42.07 10.47 -29.85
N VAL A 878 41.84 10.56 -28.54
CA VAL A 878 42.81 10.17 -27.53
C VAL A 878 42.16 9.12 -26.64
N SER A 879 42.86 8.00 -26.44
CA SER A 879 42.30 6.88 -25.69
C SER A 879 43.43 6.13 -25.00
N CYS A 880 43.04 5.20 -24.11
CA CYS A 880 44.01 4.41 -23.37
C CYS A 880 44.89 3.58 -24.31
N ASP A 881 44.37 3.23 -25.49
CA ASP A 881 45.14 2.38 -26.40
C ASP A 881 46.42 3.05 -26.85
N SER A 882 46.34 4.34 -27.22
CA SER A 882 47.50 5.07 -27.72
C SER A 882 48.19 5.86 -26.60
N ALA A 883 47.45 6.75 -25.97
CA ALA A 883 48.01 7.57 -24.90
C ALA A 883 48.22 6.72 -23.65
N PRO A 884 49.04 7.22 -22.71
CA PRO A 884 49.27 6.45 -21.47
C PRO A 884 47.95 6.13 -20.78
N CYS A 885 47.88 4.91 -20.24
CA CYS A 885 46.64 4.35 -19.72
C CYS A 885 46.66 4.35 -18.20
N THR A 886 45.57 4.85 -17.60
CA THR A 886 45.35 4.77 -16.16
C THR A 886 44.14 3.88 -15.93
N VAL A 887 44.32 2.82 -15.14
CA VAL A 887 43.31 1.80 -14.93
C VAL A 887 42.90 1.83 -13.47
N VAL A 888 41.61 1.97 -13.22
CA VAL A 888 41.05 1.88 -11.87
C VAL A 888 40.19 0.63 -11.81
N GLN A 889 40.48 -0.24 -10.85
CA GLN A 889 39.82 -1.52 -10.70
C GLN A 889 38.86 -1.47 -9.53
N CYS A 890 37.60 -1.85 -9.77
CA CYS A 890 36.57 -1.91 -8.75
C CYS A 890 36.07 -3.34 -8.60
N ASP A 891 35.73 -3.69 -7.36
CA ASP A 891 35.28 -5.04 -7.02
C ASP A 891 34.01 -4.97 -6.20
N LEU A 892 33.14 -5.95 -6.41
CA LEU A 892 31.90 -6.13 -5.65
C LEU A 892 31.64 -7.61 -5.49
N GLN A 893 31.74 -8.10 -4.25
CA GLN A 893 31.51 -9.53 -4.01
C GLN A 893 30.03 -9.88 -4.12
N GLU A 894 29.15 -8.97 -3.71
CA GLU A 894 27.71 -9.20 -3.71
C GLU A 894 27.02 -8.10 -4.50
N MET A 895 26.10 -8.49 -5.39
CA MET A 895 25.33 -7.56 -6.21
C MET A 895 23.92 -8.13 -6.32
N ALA A 896 23.04 -7.69 -5.41
CA ALA A 896 21.67 -8.21 -5.38
C ALA A 896 20.86 -7.66 -6.54
N ARG A 897 19.72 -8.31 -6.79
CA ARG A 897 18.84 -7.90 -7.87
C ARG A 897 18.32 -6.49 -7.62
N GLY A 898 18.34 -5.65 -8.65
CA GLY A 898 17.84 -4.30 -8.57
C GLY A 898 18.82 -3.29 -8.01
N GLN A 899 20.00 -3.71 -7.59
CA GLN A 899 21.00 -2.79 -7.08
C GLN A 899 21.74 -2.11 -8.23
N ARG A 900 22.18 -0.87 -7.97
CA ARG A 900 22.93 -0.09 -8.94
C ARG A 900 24.20 0.44 -8.30
N ALA A 901 25.30 0.40 -9.05
CA ALA A 901 26.59 0.89 -8.60
C ALA A 901 27.05 2.02 -9.50
N MET A 902 27.58 3.09 -8.90
CA MET A 902 28.00 4.27 -9.64
C MET A 902 29.48 4.52 -9.40
N VAL A 903 30.16 5.01 -10.43
CA VAL A 903 31.57 5.41 -10.33
C VAL A 903 31.74 6.70 -11.12
N THR A 904 32.11 7.77 -10.43
CA THR A 904 32.30 9.07 -11.06
C THR A 904 33.77 9.48 -10.94
N VAL A 905 34.30 10.08 -11.99
CA VAL A 905 35.68 10.58 -12.00
C VAL A 905 35.66 12.02 -12.48
N LEU A 906 36.29 12.90 -11.71
CA LEU A 906 36.38 14.32 -12.04
C LEU A 906 37.74 14.62 -12.67
N ALA A 907 37.77 15.65 -13.51
CA ALA A 907 39.02 16.09 -14.12
C ALA A 907 38.82 17.49 -14.67
N PHE A 908 39.93 18.09 -15.09
CA PHE A 908 39.92 19.40 -15.71
C PHE A 908 41.00 19.44 -16.79
N LEU A 909 40.67 20.07 -17.92
CA LEU A 909 41.63 20.19 -19.01
C LEU A 909 42.83 21.01 -18.55
N TRP A 910 44.02 20.51 -18.83
CA TRP A 910 45.25 21.15 -18.37
C TRP A 910 45.49 22.41 -19.19
N LEU A 911 45.29 23.57 -18.56
CA LEU A 911 45.43 24.84 -19.28
C LEU A 911 46.80 25.01 -19.91
N PRO A 912 47.92 24.69 -19.25
CA PRO A 912 49.22 24.78 -19.95
C PRO A 912 49.26 23.94 -21.21
N SER A 913 48.67 22.74 -21.19
CA SER A 913 48.56 21.94 -22.40
C SER A 913 47.43 22.39 -23.30
N LEU A 914 46.47 23.14 -22.76
CA LEU A 914 45.41 23.72 -23.59
C LEU A 914 45.97 24.81 -24.50
N TYR A 915 46.86 25.64 -23.96
CA TYR A 915 47.39 26.77 -24.73
C TYR A 915 48.14 26.29 -25.97
N GLN A 916 48.98 25.27 -25.82
CA GLN A 916 49.74 24.75 -26.95
C GLN A 916 48.82 24.08 -27.96
N ARG A 917 49.12 24.30 -29.25
CA ARG A 917 48.30 23.84 -30.36
C ARG A 917 46.81 23.98 -30.05
N PRO A 918 46.31 25.19 -29.90
CA PRO A 918 44.88 25.39 -29.58
C PRO A 918 43.96 25.34 -30.79
N LEU A 919 44.49 25.05 -31.98
CA LEU A 919 43.71 25.06 -33.21
C LEU A 919 43.28 23.67 -33.65
N ASP A 920 43.46 22.65 -32.81
CA ASP A 920 43.14 21.27 -33.13
C ASP A 920 41.97 20.81 -32.27
N GLN A 921 40.96 20.24 -32.93
CA GLN A 921 39.82 19.70 -32.20
C GLN A 921 40.25 18.49 -31.38
N PHE A 922 39.63 18.33 -30.21
CA PHE A 922 40.05 17.33 -29.23
C PHE A 922 38.84 16.50 -28.82
N VAL A 923 38.86 15.21 -29.15
CA VAL A 923 37.86 14.26 -28.70
C VAL A 923 38.56 13.21 -27.85
N LEU A 924 38.13 13.06 -26.61
CA LEU A 924 38.72 12.12 -25.67
C LEU A 924 37.75 10.98 -25.41
N GLN A 925 38.31 9.79 -25.14
CA GLN A 925 37.54 8.59 -24.94
C GLN A 925 37.99 7.88 -23.67
N SER A 926 37.03 7.27 -22.99
CA SER A 926 37.29 6.46 -21.80
C SER A 926 36.59 5.11 -21.97
N HIS A 927 37.26 4.05 -21.54
CA HIS A 927 36.81 2.69 -21.80
C HIS A 927 36.50 1.98 -20.48
N ALA A 928 35.59 1.02 -20.55
CA ALA A 928 35.25 0.20 -19.40
C ALA A 928 35.17 -1.26 -19.80
N TRP A 929 35.45 -2.15 -18.84
CA TRP A 929 35.40 -3.58 -19.08
C TRP A 929 35.13 -4.29 -17.76
N PHE A 930 34.00 -4.98 -17.66
CA PHE A 930 33.62 -5.64 -16.42
C PHE A 930 33.10 -7.04 -16.72
N ASN A 931 33.17 -7.89 -15.71
CA ASN A 931 32.57 -9.22 -15.79
C ASN A 931 32.47 -9.81 -14.39
N VAL A 932 31.63 -10.83 -14.27
CA VAL A 932 31.38 -11.48 -13.00
C VAL A 932 32.08 -12.83 -12.98
N SER A 933 32.14 -13.43 -11.80
CA SER A 933 32.81 -14.72 -11.61
C SER A 933 31.82 -15.88 -11.63
N SER A 934 30.80 -15.84 -10.77
CA SER A 934 29.83 -16.91 -10.66
C SER A 934 28.51 -16.33 -10.16
N LEU A 935 27.55 -17.22 -9.89
CA LEU A 935 26.24 -16.84 -9.38
C LEU A 935 25.93 -17.64 -8.12
N PRO A 936 25.15 -17.07 -7.18
CA PRO A 936 24.82 -17.75 -5.92
C PRO A 936 23.62 -18.69 -6.03
N TYR A 937 23.65 -19.56 -7.04
CA TYR A 937 22.57 -20.51 -7.27
C TYR A 937 23.15 -21.88 -7.58
N ALA A 938 22.38 -22.92 -7.25
CA ALA A 938 22.86 -24.28 -7.42
C ALA A 938 23.11 -24.61 -8.88
N VAL A 939 22.22 -24.16 -9.76
CA VAL A 939 22.29 -24.51 -11.18
C VAL A 939 23.54 -23.87 -11.79
N PRO A 940 24.48 -24.64 -12.33
CA PRO A 940 25.70 -24.06 -12.90
C PRO A 940 25.42 -23.07 -14.01
N PRO A 941 24.45 -23.36 -14.91
CA PRO A 941 24.32 -22.52 -16.12
C PRO A 941 23.99 -21.07 -15.80
N LEU A 942 24.41 -20.12 -16.65
CA LEU A 942 25.22 -20.30 -17.86
C LEU A 942 26.10 -19.09 -18.14
N SER A 943 27.33 -19.13 -17.63
CA SER A 943 28.33 -18.09 -17.89
C SER A 943 27.71 -16.70 -17.80
N LEU A 944 28.19 -15.76 -18.63
CA LEU A 944 27.63 -14.43 -18.72
C LEU A 944 27.80 -13.66 -17.41
N PRO A 945 27.69 -12.33 -17.42
CA PRO A 945 27.51 -11.43 -18.57
C PRO A 945 28.77 -10.66 -18.93
N ARG A 946 28.83 -10.10 -20.13
CA ARG A 946 29.95 -9.27 -20.57
C ARG A 946 29.51 -7.81 -20.62
N GLY A 947 30.48 -6.94 -20.88
CA GLY A 947 30.21 -5.52 -20.94
C GLY A 947 31.33 -4.70 -21.55
N GLU A 948 30.97 -3.75 -22.40
CA GLU A 948 31.93 -2.85 -23.04
C GLU A 948 31.28 -1.49 -23.18
N ALA A 949 31.75 -0.52 -22.41
CA ALA A 949 31.22 0.84 -22.43
C ALA A 949 32.31 1.81 -22.85
N GLN A 950 32.00 2.67 -23.81
CA GLN A 950 32.90 3.72 -24.28
C GLN A 950 32.21 5.06 -24.13
N VAL A 951 32.91 6.02 -23.51
CA VAL A 951 32.37 7.34 -23.27
C VAL A 951 33.25 8.36 -23.99
N TRP A 952 32.61 9.22 -24.78
CA TRP A 952 33.30 10.23 -25.57
C TRP A 952 33.00 11.62 -25.04
N THR A 953 33.96 12.53 -25.22
CA THR A 953 33.77 13.93 -24.87
C THR A 953 34.55 14.79 -25.85
N GLN A 954 33.86 15.73 -26.50
CA GLN A 954 34.44 16.57 -27.53
C GLN A 954 34.58 17.99 -27.01
N LEU A 955 35.67 18.65 -27.40
CA LEU A 955 35.96 20.01 -26.98
C LEU A 955 36.02 20.92 -28.20
N LEU A 956 35.63 22.18 -28.01
CA LEU A 956 35.66 23.17 -29.07
C LEU A 956 36.30 24.45 -28.54
N ARG A 957 36.60 25.36 -29.46
CA ARG A 957 37.16 26.66 -29.14
C ARG A 957 36.34 27.74 -29.82
N ALA A 958 36.61 28.99 -29.47
CA ALA A 958 35.91 30.14 -30.04
C ALA A 958 36.41 30.38 -31.47
N LEU A 959 36.09 29.40 -32.33
CA LEU A 959 36.50 29.44 -33.73
C LEU A 959 37.99 29.17 -33.83
N GLU A 960 38.39 28.32 -34.78
CA GLU A 960 39.78 27.94 -34.92
C GLU A 960 40.48 28.84 -35.94
N GLU A 961 41.76 29.10 -35.68
CA GLU A 961 42.60 29.89 -36.59
C GLU A 961 43.32 29.03 -37.62
N ARG A 962 42.76 27.86 -37.94
CA ARG A 962 43.39 26.99 -38.93
C ARG A 962 43.44 27.68 -40.28
N ALA A 963 44.50 27.39 -41.04
CA ALA A 963 44.68 28.00 -42.35
C ALA A 963 43.45 27.76 -43.23
N ILE A 964 42.76 28.84 -43.58
CA ILE A 964 41.57 28.69 -44.45
C ILE A 964 42.02 28.13 -45.80
N PRO A 965 41.26 27.23 -46.43
CA PRO A 965 41.73 26.65 -47.70
C PRO A 965 41.75 27.66 -48.83
N ILE A 966 42.66 28.64 -48.76
CA ILE A 966 42.84 29.58 -49.86
C ILE A 966 43.59 28.95 -51.02
N TRP A 967 44.10 27.72 -50.87
CA TRP A 967 44.79 27.07 -51.96
C TRP A 967 43.87 26.86 -53.15
N TRP A 968 42.62 26.46 -52.90
CA TRP A 968 41.66 26.32 -53.98
C TRP A 968 41.40 27.64 -54.68
N VAL A 969 41.32 28.73 -53.90
CA VAL A 969 41.11 30.05 -54.48
C VAL A 969 42.29 30.42 -55.38
N LEU A 970 43.51 30.16 -54.90
CA LEU A 970 44.69 30.46 -55.71
C LEU A 970 44.71 29.63 -57.00
N VAL A 971 44.34 28.35 -56.89
CA VAL A 971 44.30 27.49 -58.08
C VAL A 971 43.27 28.02 -59.08
N GLY A 972 42.10 28.41 -58.59
CA GLY A 972 41.09 28.97 -59.48
C GLY A 972 41.55 30.26 -60.14
N VAL A 973 42.21 31.13 -59.37
CA VAL A 973 42.73 32.37 -59.94
C VAL A 973 43.77 32.09 -61.01
N LEU A 974 44.67 31.13 -60.74
CA LEU A 974 45.68 30.77 -61.74
C LEU A 974 45.03 30.21 -63.00
N GLY A 975 44.02 29.36 -62.83
CA GLY A 975 43.33 28.82 -64.00
C GLY A 975 42.64 29.90 -64.81
N GLY A 976 41.98 30.84 -64.13
CA GLY A 976 41.35 31.95 -64.82
C GLY A 976 42.36 32.81 -65.56
N LEU A 977 43.50 33.07 -64.92
CA LEU A 977 44.55 33.85 -65.57
C LEU A 977 45.07 33.15 -66.81
N LEU A 978 45.30 31.84 -66.72
CA LEU A 978 45.76 31.08 -67.88
C LEU A 978 44.73 31.11 -69.00
N LEU A 979 43.45 30.94 -68.65
CA LEU A 979 42.41 30.98 -69.66
C LEU A 979 42.35 32.35 -70.34
N LEU A 980 42.45 33.43 -69.56
CA LEU A 980 42.44 34.76 -70.14
C LEU A 980 43.65 34.96 -71.04
N THR A 981 44.82 34.51 -70.61
CA THR A 981 46.04 34.68 -71.40
C THR A 981 45.92 33.95 -72.73
N ILE A 982 45.45 32.70 -72.70
CA ILE A 982 45.34 31.93 -73.94
C ILE A 982 44.27 32.53 -74.84
N LEU A 983 43.16 32.99 -74.26
CA LEU A 983 42.12 33.61 -75.06
C LEU A 983 42.64 34.87 -75.76
N VAL A 984 43.38 35.70 -75.04
CA VAL A 984 43.94 36.91 -75.64
C VAL A 984 44.93 36.53 -76.74
N LEU A 985 45.83 35.59 -76.45
CA LEU A 985 46.83 35.20 -77.43
C LEU A 985 46.19 34.63 -78.69
N ALA A 986 45.00 34.03 -78.55
CA ALA A 986 44.32 33.47 -79.72
C ALA A 986 44.17 34.52 -80.81
N MET A 987 43.41 35.59 -80.53
CA MET A 987 43.23 36.64 -81.53
C MET A 987 44.44 37.56 -81.65
N TRP A 988 45.39 37.51 -80.72
CA TRP A 988 46.62 38.28 -80.89
C TRP A 988 47.47 37.70 -82.00
N LYS A 989 47.67 36.38 -81.99
CA LYS A 989 48.44 35.72 -83.04
C LYS A 989 47.62 35.57 -84.32
N VAL A 990 46.32 35.30 -84.20
CA VAL A 990 45.48 35.20 -85.39
C VAL A 990 45.35 36.55 -86.07
N GLY A 991 45.16 37.61 -85.29
CA GLY A 991 45.03 38.96 -85.84
C GLY A 991 43.61 39.29 -86.24
N GLY B 1 -29.90 -9.20 -34.90
CA GLY B 1 -29.31 -10.49 -34.41
C GLY B 1 -29.72 -10.82 -32.99
N PRO B 2 -29.34 -12.02 -32.53
CA PRO B 2 -29.71 -12.40 -31.15
C PRO B 2 -29.18 -11.45 -30.10
N ASN B 3 -27.97 -10.93 -30.29
CA ASN B 3 -27.35 -10.02 -29.33
C ASN B 3 -27.37 -10.70 -27.97
N ILE B 4 -27.50 -9.93 -26.90
CA ILE B 4 -27.59 -10.48 -25.55
C ILE B 4 -28.93 -10.18 -24.88
N CYS B 5 -29.75 -9.28 -25.45
CA CYS B 5 -31.08 -9.05 -24.90
C CYS B 5 -32.02 -10.20 -25.22
N THR B 6 -31.97 -10.71 -26.45
CA THR B 6 -32.87 -11.80 -26.84
C THR B 6 -32.63 -13.03 -25.98
N THR B 7 -31.36 -13.37 -25.75
CA THR B 7 -31.02 -14.47 -24.87
C THR B 7 -30.81 -13.95 -23.44
N ARG B 8 -30.75 -14.89 -22.49
CA ARG B 8 -30.54 -14.58 -21.09
C ARG B 8 -31.62 -13.67 -20.52
N GLY B 9 -32.81 -13.68 -21.12
CA GLY B 9 -33.89 -12.81 -20.69
C GLY B 9 -35.23 -13.34 -21.16
N VAL B 10 -36.11 -12.41 -21.53
CA VAL B 10 -37.47 -12.74 -21.97
C VAL B 10 -38.22 -13.38 -20.81
N SER B 11 -38.24 -12.69 -19.67
CA SER B 11 -38.98 -13.16 -18.50
C SER B 11 -39.91 -12.08 -17.98
N SER B 12 -39.47 -10.83 -18.05
CA SER B 12 -40.25 -9.69 -17.60
C SER B 12 -39.46 -8.43 -17.92
N CYS B 13 -40.13 -7.29 -17.83
CA CYS B 13 -39.49 -6.02 -18.17
C CYS B 13 -38.32 -5.73 -17.25
N GLN B 14 -38.48 -6.02 -15.95
CA GLN B 14 -37.41 -5.74 -14.99
C GLN B 14 -36.11 -6.42 -15.40
N GLN B 15 -36.10 -7.76 -15.41
CA GLN B 15 -34.90 -8.49 -15.76
C GLN B 15 -34.46 -8.19 -17.19
N CYS B 16 -35.42 -8.12 -18.12
CA CYS B 16 -35.10 -7.87 -19.51
C CYS B 16 -34.31 -6.58 -19.67
N LEU B 17 -34.71 -5.51 -18.98
CA LEU B 17 -33.96 -4.27 -19.02
C LEU B 17 -32.70 -4.32 -18.16
N ALA B 18 -32.66 -5.24 -17.19
CA ALA B 18 -31.54 -5.34 -16.26
C ALA B 18 -30.43 -6.27 -16.76
N VAL B 19 -30.51 -6.75 -18.00
CA VAL B 19 -29.51 -7.66 -18.53
C VAL B 19 -28.34 -6.86 -19.11
N SER B 20 -28.62 -5.98 -20.06
CA SER B 20 -27.60 -5.23 -20.75
C SER B 20 -28.01 -3.76 -20.79
N PRO B 21 -27.04 -2.84 -20.90
CA PRO B 21 -27.40 -1.41 -20.91
C PRO B 21 -28.28 -1.01 -22.09
N MET B 22 -28.33 -1.80 -23.16
CA MET B 22 -29.10 -1.46 -24.36
C MET B 22 -30.06 -2.60 -24.68
N CYS B 23 -31.25 -2.54 -24.10
CA CYS B 23 -32.33 -3.47 -24.42
C CYS B 23 -33.65 -2.71 -24.40
N ALA B 24 -34.63 -3.24 -25.14
CA ALA B 24 -35.92 -2.61 -25.27
C ALA B 24 -37.03 -3.62 -25.02
N TRP B 25 -38.20 -3.11 -24.63
CA TRP B 25 -39.36 -3.93 -24.31
C TRP B 25 -40.57 -3.42 -25.05
N CYS B 26 -41.31 -4.33 -25.68
CA CYS B 26 -42.50 -4.01 -26.48
C CYS B 26 -43.72 -4.42 -25.66
N SER B 27 -44.28 -3.47 -24.93
CA SER B 27 -45.45 -3.76 -24.10
C SER B 27 -46.69 -4.00 -24.95
N ASP B 28 -46.86 -3.24 -26.02
CA ASP B 28 -48.05 -3.35 -26.86
C ASP B 28 -48.15 -4.77 -27.43
N GLU B 29 -49.38 -5.29 -27.45
CA GLU B 29 -49.59 -6.66 -27.92
C GLU B 29 -49.17 -6.80 -29.37
N ALA B 30 -48.50 -7.91 -29.67
CA ALA B 30 -48.05 -8.22 -31.02
C ALA B 30 -47.90 -9.73 -31.14
N LEU B 31 -47.37 -10.17 -32.27
CA LEU B 31 -47.16 -11.59 -32.50
C LEU B 31 -46.15 -12.12 -31.50
N PRO B 32 -46.48 -13.16 -30.73
CA PRO B 32 -45.53 -13.70 -29.74
C PRO B 32 -44.56 -14.74 -30.28
N LEU B 33 -44.54 -14.99 -31.59
CA LEU B 33 -43.67 -15.98 -32.20
C LEU B 33 -42.37 -15.38 -32.72
N GLY B 34 -42.17 -14.08 -32.57
CA GLY B 34 -40.98 -13.43 -33.08
C GLY B 34 -39.92 -13.17 -32.02
N SER B 35 -40.08 -13.80 -30.86
CA SER B 35 -39.17 -13.59 -29.73
C SER B 35 -38.99 -12.10 -29.46
N PRO B 36 -40.09 -11.37 -29.22
CA PRO B 36 -39.97 -9.91 -29.05
C PRO B 36 -39.73 -9.49 -27.61
N ARG B 37 -39.67 -8.19 -27.38
CA ARG B 37 -39.66 -7.54 -26.08
C ARG B 37 -38.28 -7.54 -25.41
N CYS B 38 -37.27 -8.17 -26.00
CA CYS B 38 -35.91 -8.09 -25.46
C CYS B 38 -34.94 -8.16 -26.66
N ASP B 39 -34.57 -6.99 -27.15
CA ASP B 39 -33.72 -6.86 -28.32
C ASP B 39 -33.37 -5.38 -28.46
N LEU B 40 -32.50 -5.08 -29.43
CA LEU B 40 -32.12 -3.70 -29.67
C LEU B 40 -33.33 -2.89 -30.14
N LYS B 41 -33.30 -1.59 -29.83
CA LYS B 41 -34.38 -0.70 -30.25
C LYS B 41 -34.62 -0.78 -31.75
N GLU B 42 -33.55 -0.96 -32.53
CA GLU B 42 -33.69 -1.04 -33.97
C GLU B 42 -34.53 -2.24 -34.38
N ASN B 43 -34.32 -3.39 -33.75
CA ASN B 43 -35.10 -4.58 -34.09
C ASN B 43 -36.58 -4.37 -33.78
N LEU B 44 -36.88 -3.79 -32.61
CA LEU B 44 -38.27 -3.53 -32.28
C LEU B 44 -38.90 -2.54 -33.27
N LEU B 45 -38.17 -1.49 -33.63
CA LEU B 45 -38.68 -0.55 -34.62
C LEU B 45 -38.96 -1.24 -35.95
N LYS B 46 -38.06 -2.13 -36.38
CA LYS B 46 -38.33 -2.93 -37.58
C LYS B 46 -39.55 -3.81 -37.40
N ASP B 47 -39.84 -4.23 -36.17
CA ASP B 47 -41.05 -5.00 -35.86
C ASP B 47 -42.19 -4.12 -35.39
N ASN B 48 -42.07 -2.79 -35.54
CA ASN B 48 -43.12 -1.87 -35.15
C ASN B 48 -43.26 -1.85 -33.62
N CYS B 49 -44.49 -1.82 -33.12
CA CYS B 49 -44.75 -1.77 -31.68
C CYS B 49 -44.09 -0.54 -31.06
N ALA B 50 -44.53 0.63 -31.52
CA ALA B 50 -44.10 1.89 -30.92
C ALA B 50 -45.25 2.89 -30.86
N PRO B 51 -46.40 2.53 -30.23
CA PRO B 51 -47.51 3.49 -30.07
C PRO B 51 -47.40 4.30 -28.77
N GLU B 52 -46.25 4.95 -28.58
CA GLU B 52 -45.90 5.64 -27.35
C GLU B 52 -45.84 4.71 -26.15
N SER B 53 -45.83 3.39 -26.37
CA SER B 53 -45.73 2.41 -25.31
C SER B 53 -44.37 1.73 -25.26
N ILE B 54 -43.47 2.06 -26.19
CA ILE B 54 -42.14 1.47 -26.18
C ILE B 54 -41.40 1.91 -24.92
N GLU B 55 -40.80 0.93 -24.23
CA GLU B 55 -40.06 1.19 -23.00
C GLU B 55 -38.57 1.01 -23.30
N PHE B 56 -37.81 2.09 -23.15
CA PHE B 56 -36.38 2.06 -23.42
C PHE B 56 -35.70 3.19 -22.64
N PRO B 57 -35.54 3.05 -21.32
CA PRO B 57 -34.94 4.13 -20.54
C PRO B 57 -33.51 4.41 -20.99
N VAL B 58 -33.14 5.68 -20.97
CA VAL B 58 -31.79 6.12 -21.33
C VAL B 58 -31.27 7.03 -20.23
N SER B 59 -29.96 7.02 -20.04
CA SER B 59 -29.33 7.83 -19.01
C SER B 59 -29.39 9.31 -19.40
N GLU B 60 -29.51 10.16 -18.39
CA GLU B 60 -29.58 11.60 -18.57
C GLU B 60 -28.63 12.30 -17.61
N ALA B 61 -28.16 13.48 -18.02
CA ALA B 61 -27.26 14.29 -17.22
C ALA B 61 -27.74 15.74 -17.20
N ARG B 62 -29.04 15.94 -16.97
CA ARG B 62 -29.61 17.27 -16.96
C ARG B 62 -28.97 18.13 -15.88
N VAL B 63 -28.66 19.38 -16.22
CA VAL B 63 -28.05 20.32 -15.29
C VAL B 63 -29.16 21.13 -14.64
N LEU B 64 -29.24 21.07 -13.31
CA LEU B 64 -30.28 21.80 -12.59
C LEU B 64 -29.96 23.29 -12.53
N GLU B 65 -28.84 23.64 -11.91
CA GLU B 65 -28.42 25.03 -11.76
C GLU B 65 -27.00 25.19 -12.27
N ASP B 66 -26.79 26.19 -13.11
CA ASP B 66 -25.46 26.48 -13.64
C ASP B 66 -25.34 27.99 -13.83
N ARG B 67 -24.21 28.55 -13.42
CA ARG B 67 -23.95 29.97 -13.53
C ARG B 67 -22.57 30.20 -14.15
N PRO B 68 -22.39 31.31 -14.86
CA PRO B 68 -21.10 31.56 -15.49
C PRO B 68 -20.00 31.81 -14.45
N LEU B 69 -18.78 31.43 -14.81
CA LEU B 69 -17.64 31.64 -13.94
C LEU B 69 -17.28 33.12 -13.91
N SER B 70 -17.08 33.66 -12.71
CA SER B 70 -16.77 35.07 -12.57
C SER B 70 -15.35 35.37 -13.06
N ASP B 71 -15.12 36.62 -13.43
CA ASP B 71 -13.84 37.07 -13.94
C ASP B 71 -12.93 37.63 -12.86
N LYS B 72 -13.48 38.45 -11.96
CA LYS B 72 -12.70 39.05 -10.89
C LYS B 72 -13.52 39.07 -9.61
N GLY B 73 -12.87 38.72 -8.50
CA GLY B 73 -13.51 38.78 -7.20
C GLY B 73 -13.01 39.92 -6.35
N SER B 74 -13.82 40.98 -6.23
CA SER B 74 -13.48 42.13 -5.41
C SER B 74 -14.57 42.49 -4.42
N GLY B 75 -15.84 42.32 -4.79
CA GLY B 75 -16.94 42.60 -3.89
C GLY B 75 -18.02 41.55 -4.05
N ASP B 76 -18.97 41.59 -3.12
CA ASP B 76 -20.08 40.63 -3.06
C ASP B 76 -19.58 39.22 -3.37
N SER B 77 -18.62 38.77 -2.55
CA SER B 77 -17.96 37.49 -2.77
C SER B 77 -18.88 36.30 -2.54
N SER B 78 -20.12 36.52 -2.09
CA SER B 78 -21.03 35.40 -1.85
C SER B 78 -21.40 34.66 -3.12
N GLN B 79 -21.18 35.27 -4.29
CA GLN B 79 -21.55 34.67 -5.58
C GLN B 79 -20.39 34.76 -6.56
N VAL B 80 -19.18 34.39 -6.09
CA VAL B 80 -18.04 34.35 -7.00
C VAL B 80 -18.25 33.26 -8.06
N THR B 81 -18.70 32.07 -7.65
CA THR B 81 -19.01 30.98 -8.56
C THR B 81 -17.83 30.65 -9.45
N GLN B 82 -16.74 30.21 -8.81
CA GLN B 82 -15.51 29.85 -9.48
C GLN B 82 -15.49 28.41 -9.96
N VAL B 83 -16.54 27.64 -9.68
CA VAL B 83 -16.67 26.26 -10.15
C VAL B 83 -18.07 26.08 -10.73
N SER B 84 -18.13 25.67 -11.99
CA SER B 84 -19.40 25.45 -12.67
C SER B 84 -19.35 24.13 -13.43
N PRO B 85 -20.47 23.39 -13.53
CA PRO B 85 -21.79 23.66 -12.93
C PRO B 85 -21.80 23.44 -11.43
N GLN B 86 -22.76 24.03 -10.72
CA GLN B 86 -22.79 23.94 -9.26
C GLN B 86 -23.51 22.69 -8.76
N ARG B 87 -24.55 22.23 -9.48
CA ARG B 87 -25.31 21.06 -9.03
C ARG B 87 -26.04 20.49 -10.24
N ILE B 88 -25.84 19.19 -10.50
CA ILE B 88 -26.49 18.51 -11.61
C ILE B 88 -27.10 17.21 -11.09
N ALA B 89 -28.11 16.72 -11.81
CA ALA B 89 -28.81 15.49 -11.46
C ALA B 89 -28.59 14.46 -12.54
N LEU B 90 -28.26 13.23 -12.14
CA LEU B 90 -28.01 12.13 -13.06
C LEU B 90 -29.02 11.02 -12.82
N ARG B 91 -29.50 10.43 -13.91
CA ARG B 91 -30.40 9.28 -13.87
C ARG B 91 -29.77 8.16 -14.67
N LEU B 92 -29.38 7.08 -14.00
CA LEU B 92 -28.63 5.99 -14.60
C LEU B 92 -29.45 4.71 -14.54
N ARG B 93 -29.59 4.04 -15.68
CA ARG B 93 -30.17 2.72 -15.72
C ARG B 93 -29.17 1.70 -15.18
N PRO B 94 -29.64 0.54 -14.72
CA PRO B 94 -28.72 -0.40 -14.06
C PRO B 94 -27.56 -0.80 -14.96
N ASP B 95 -26.38 -0.92 -14.34
CA ASP B 95 -25.16 -1.35 -15.05
C ASP B 95 -24.87 -0.47 -16.26
N ASP B 96 -25.08 0.84 -16.11
CA ASP B 96 -24.81 1.80 -17.16
C ASP B 96 -24.00 2.96 -16.60
N SER B 97 -23.12 3.51 -17.44
CA SER B 97 -22.23 4.59 -17.05
C SER B 97 -22.54 5.83 -17.88
N LYS B 98 -22.45 7.00 -17.23
CA LYS B 98 -22.67 8.28 -17.90
C LYS B 98 -21.57 9.26 -17.52
N ASN B 99 -21.25 10.15 -18.45
CA ASN B 99 -20.14 11.09 -18.29
C ASN B 99 -20.66 12.53 -18.30
N PHE B 100 -19.97 13.39 -17.57
CA PHE B 100 -20.23 14.81 -17.55
C PHE B 100 -18.88 15.55 -17.44
N SER B 101 -18.94 16.87 -17.49
CA SER B 101 -17.73 17.69 -17.45
C SER B 101 -17.92 18.88 -16.52
N ILE B 102 -16.82 19.30 -15.90
CA ILE B 102 -16.80 20.46 -15.01
C ILE B 102 -15.59 21.31 -15.35
N GLN B 103 -15.65 22.57 -14.94
CA GLN B 103 -14.59 23.54 -15.18
C GLN B 103 -14.19 24.19 -13.86
N VAL B 104 -12.89 24.42 -13.70
CA VAL B 104 -12.33 25.02 -12.50
C VAL B 104 -11.47 26.20 -12.90
N ARG B 105 -11.64 27.32 -12.21
CA ARG B 105 -10.91 28.55 -12.51
C ARG B 105 -10.60 29.28 -11.21
N GLN B 106 -9.44 29.92 -11.16
CA GLN B 106 -9.09 30.84 -10.09
C GLN B 106 -9.51 32.25 -10.52
N VAL B 107 -10.35 32.89 -9.72
CA VAL B 107 -10.96 34.17 -10.12
C VAL B 107 -10.01 35.26 -9.67
N GLU B 108 -8.98 35.50 -10.49
CA GLU B 108 -8.04 36.61 -10.33
C GLU B 108 -7.82 36.97 -8.86
N ASP B 109 -8.19 38.19 -8.47
CA ASP B 109 -8.11 38.58 -7.07
C ASP B 109 -9.17 37.83 -6.28
N TYR B 110 -8.75 37.24 -5.15
CA TYR B 110 -9.64 36.50 -4.28
C TYR B 110 -9.21 36.80 -2.84
N PRO B 111 -10.13 37.07 -1.92
CA PRO B 111 -9.72 37.40 -0.56
C PRO B 111 -8.93 36.27 0.08
N VAL B 112 -7.92 36.65 0.87
CA VAL B 112 -7.01 35.70 1.50
C VAL B 112 -6.88 36.07 2.97
N ASP B 113 -6.92 35.05 3.83
CA ASP B 113 -6.65 35.21 5.25
C ASP B 113 -5.54 34.24 5.64
N ILE B 114 -4.53 34.76 6.33
CA ILE B 114 -3.34 33.99 6.67
C ILE B 114 -3.20 33.96 8.19
N TYR B 115 -3.07 32.77 8.76
CA TYR B 115 -2.83 32.58 10.18
C TYR B 115 -1.39 32.11 10.37
N TYR B 116 -0.63 32.86 11.16
CA TYR B 116 0.79 32.60 11.36
C TYR B 116 0.97 31.83 12.65
N LEU B 117 1.44 30.58 12.55
CA LEU B 117 1.68 29.71 13.69
C LEU B 117 3.18 29.47 13.78
N MET B 118 3.80 29.98 14.85
CA MET B 118 5.24 29.93 15.03
C MET B 118 5.58 29.26 16.35
N ASP B 119 6.54 28.34 16.31
CA ASP B 119 7.06 27.73 17.53
C ASP B 119 7.80 28.79 18.35
N LEU B 120 7.83 28.58 19.67
CA LEU B 120 8.50 29.49 20.59
C LEU B 120 9.44 28.72 21.50
N SER B 121 10.23 27.83 20.92
CA SER B 121 11.32 27.19 21.65
C SER B 121 12.51 28.15 21.76
N TYR B 122 13.43 27.84 22.67
CA TYR B 122 14.53 28.75 22.95
C TYR B 122 15.30 29.08 21.68
N SER B 123 15.60 28.08 20.86
CA SER B 123 16.36 28.32 19.62
C SER B 123 15.64 29.29 18.69
N MET B 124 14.34 29.47 18.86
CA MET B 124 13.55 30.36 18.01
C MET B 124 13.59 31.81 18.49
N LYS B 125 14.25 32.09 19.61
CA LYS B 125 14.20 33.43 20.19
C LYS B 125 14.61 34.48 19.17
N ASP B 126 15.78 34.30 18.54
CA ASP B 126 16.25 35.26 17.56
C ASP B 126 15.24 35.47 16.46
N ASP B 127 14.58 34.38 16.03
CA ASP B 127 13.58 34.50 14.96
C ASP B 127 12.47 35.46 15.37
N LEU B 128 12.04 35.40 16.63
CA LEU B 128 10.99 36.30 17.08
C LEU B 128 11.39 37.76 16.93
N TRP B 129 12.68 38.06 16.92
CA TRP B 129 13.13 39.44 16.76
C TRP B 129 12.98 39.92 15.33
N SER B 130 12.97 39.01 14.36
CA SER B 130 12.91 39.37 12.95
C SER B 130 11.48 39.47 12.42
N ILE B 131 10.49 39.28 13.28
CA ILE B 131 9.08 39.32 12.86
C ILE B 131 8.35 40.52 13.44
N GLN B 132 9.02 41.36 14.24
CA GLN B 132 8.34 42.49 14.89
C GLN B 132 7.77 43.48 13.91
N ASN B 133 8.24 43.50 12.66
CA ASN B 133 7.75 44.42 11.64
C ASN B 133 7.43 43.66 10.36
N LEU B 134 6.70 42.55 10.50
CA LEU B 134 6.33 41.73 9.35
C LEU B 134 4.93 42.04 8.81
N GLY B 135 4.04 42.58 9.65
CA GLY B 135 2.68 42.81 9.19
C GLY B 135 2.60 43.81 8.06
N THR B 136 3.30 44.94 8.21
CA THR B 136 3.26 45.98 7.18
C THR B 136 3.89 45.49 5.88
N LYS B 137 5.03 44.82 5.97
CA LYS B 137 5.68 44.30 4.76
C LYS B 137 4.81 43.26 4.08
N LEU B 138 4.20 42.36 4.86
CA LEU B 138 3.33 41.35 4.29
C LEU B 138 2.13 41.99 3.60
N ALA B 139 1.53 43.01 4.24
CA ALA B 139 0.39 43.68 3.64
C ALA B 139 0.79 44.36 2.34
N THR B 140 1.94 45.03 2.32
CA THR B 140 2.38 45.71 1.10
C THR B 140 2.67 44.72 -0.01
N GLN B 141 3.33 43.61 0.30
CA GLN B 141 3.68 42.64 -0.74
C GLN B 141 2.44 41.90 -1.25
N MET B 142 1.49 41.60 -0.37
CA MET B 142 0.30 40.87 -0.75
C MET B 142 -0.77 41.74 -1.39
N ARG B 143 -0.63 43.06 -1.32
CA ARG B 143 -1.61 43.96 -1.91
C ARG B 143 -1.66 43.83 -3.43
N LYS B 144 -0.58 43.35 -4.05
CA LYS B 144 -0.54 43.20 -5.50
C LYS B 144 -1.34 42.00 -5.99
N LEU B 145 -1.74 41.11 -5.10
CA LEU B 145 -2.51 39.92 -5.46
C LEU B 145 -3.90 39.90 -4.84
N THR B 146 -4.04 40.34 -3.59
CA THR B 146 -5.31 40.31 -2.88
C THR B 146 -5.63 41.70 -2.35
N SER B 147 -6.85 42.17 -2.61
CA SER B 147 -7.30 43.47 -2.14
C SER B 147 -7.98 43.43 -0.78
N ASN B 148 -8.23 42.23 -0.24
CA ASN B 148 -8.84 42.07 1.07
C ASN B 148 -8.04 41.01 1.82
N LEU B 149 -7.23 41.45 2.78
CA LEU B 149 -6.29 40.58 3.48
C LEU B 149 -6.53 40.65 4.98
N ARG B 150 -6.40 39.49 5.64
CA ARG B 150 -6.44 39.40 7.10
C ARG B 150 -5.26 38.56 7.56
N ILE B 151 -4.72 38.91 8.72
CA ILE B 151 -3.52 38.27 9.26
C ILE B 151 -3.78 37.85 10.70
N GLY B 152 -3.03 36.85 11.15
CA GLY B 152 -3.17 36.33 12.50
C GLY B 152 -1.86 35.76 12.99
N PHE B 153 -1.82 35.47 14.28
CA PHE B 153 -0.62 34.96 14.93
C PHE B 153 -0.98 33.85 15.91
N GLY B 154 -0.03 32.96 16.15
CA GLY B 154 -0.22 31.87 17.08
C GLY B 154 1.10 31.44 17.67
N ALA B 155 1.03 30.55 18.65
CA ALA B 155 2.23 30.07 19.34
C ALA B 155 2.01 28.65 19.84
N PHE B 156 3.12 27.95 20.05
CA PHE B 156 3.09 26.58 20.55
C PHE B 156 4.51 26.16 20.89
N VAL B 157 4.68 25.44 22.00
CA VAL B 157 5.99 24.93 22.37
C VAL B 157 5.93 23.42 22.53
N ASP B 158 5.13 22.93 23.49
CA ASP B 158 5.02 21.51 23.75
C ASP B 158 4.02 21.26 24.87
N LYS B 159 3.75 19.99 25.18
CA LYS B 159 2.85 19.66 26.28
C LYS B 159 3.49 20.05 27.61
N PRO B 160 2.82 20.84 28.45
CA PRO B 160 3.38 21.11 29.79
C PRO B 160 3.24 19.92 30.72
N VAL B 161 4.14 18.95 30.58
CA VAL B 161 4.11 17.75 31.42
C VAL B 161 5.49 17.11 31.37
N SER B 162 5.86 16.49 32.49
CA SER B 162 7.14 15.79 32.54
C SER B 162 7.13 14.61 31.58
N PRO B 163 8.28 14.26 30.97
CA PRO B 163 9.61 14.86 31.14
C PRO B 163 9.83 16.07 30.23
N TYR B 164 8.79 16.56 29.55
CA TYR B 164 8.97 17.70 28.67
C TYR B 164 9.25 18.99 29.43
N MET B 165 8.85 19.07 30.70
CA MET B 165 9.07 20.24 31.53
C MET B 165 10.26 20.01 32.46
N TYR B 166 10.66 21.08 33.16
CA TYR B 166 11.65 21.03 34.22
C TYR B 166 10.88 21.19 35.53
N ILE B 167 10.39 20.07 36.06
CA ILE B 167 9.51 20.12 37.23
C ILE B 167 10.28 20.62 38.45
N SER B 168 11.56 20.25 38.57
CA SER B 168 12.37 20.68 39.69
C SER B 168 13.60 21.43 39.20
N PRO B 169 14.08 22.44 39.96
CA PRO B 169 13.56 22.94 41.24
C PRO B 169 12.26 23.73 41.05
N PRO B 170 11.55 24.07 42.14
CA PRO B 170 10.30 24.81 41.96
C PRO B 170 10.46 26.12 41.19
N GLU B 171 11.60 26.79 41.36
CA GLU B 171 11.84 28.03 40.61
C GLU B 171 11.77 27.78 39.11
N ALA B 172 12.10 26.57 38.66
CA ALA B 172 12.05 26.26 37.24
C ALA B 172 10.62 26.26 36.70
N LEU B 173 9.61 26.10 37.56
CA LEU B 173 8.24 26.10 37.08
C LEU B 173 7.86 27.43 36.46
N GLU B 174 8.26 28.54 37.09
CA GLU B 174 7.97 29.87 36.58
C GLU B 174 9.16 30.47 35.83
N ASN B 175 10.26 29.73 35.70
CA ASN B 175 11.43 30.21 34.98
C ASN B 175 12.32 29.04 34.59
N PRO B 176 11.97 28.27 33.56
CA PRO B 176 12.79 27.11 33.20
C PRO B 176 14.22 27.47 32.84
N CYS B 177 14.44 28.64 32.24
CA CYS B 177 15.77 29.07 31.83
C CYS B 177 16.50 29.80 32.95
N TYR B 178 16.54 29.20 34.13
CA TYR B 178 17.19 29.84 35.28
C TYR B 178 18.68 29.53 35.35
N ASP B 179 19.13 28.43 34.76
CA ASP B 179 20.54 28.09 34.81
C ASP B 179 21.38 29.08 34.01
N MET B 180 20.86 29.57 32.89
CA MET B 180 21.59 30.49 32.01
C MET B 180 21.34 31.95 32.36
N LYS B 181 20.60 32.22 33.43
CA LYS B 181 20.33 33.59 33.88
C LYS B 181 19.57 34.37 32.79
N THR B 182 18.38 33.85 32.47
CA THR B 182 17.51 34.45 31.47
C THR B 182 16.06 34.36 31.94
N THR B 183 15.22 35.23 31.40
CA THR B 183 13.81 35.30 31.74
C THR B 183 12.99 34.64 30.63
N CYS B 184 12.15 33.69 30.99
CA CYS B 184 11.33 32.95 30.04
C CYS B 184 9.97 32.67 30.66
N LEU B 185 8.96 32.51 29.80
CA LEU B 185 7.62 32.21 30.26
C LEU B 185 7.44 30.71 30.50
N PRO B 186 6.47 30.32 31.32
CA PRO B 186 6.22 28.89 31.53
C PRO B 186 5.78 28.21 30.25
N MET B 187 6.06 26.91 30.17
CA MET B 187 5.75 26.16 28.98
C MET B 187 4.24 26.12 28.73
N PHE B 188 3.88 26.11 27.44
CA PHE B 188 2.49 26.05 27.03
C PHE B 188 2.40 25.23 25.74
N GLY B 189 1.22 24.69 25.49
CA GLY B 189 1.01 23.85 24.32
C GLY B 189 0.55 24.63 23.11
N TYR B 190 -0.39 25.55 23.31
CA TYR B 190 -0.92 26.36 22.22
C TYR B 190 -1.59 27.59 22.81
N LYS B 191 -1.17 28.77 22.36
CA LYS B 191 -1.63 30.04 22.92
C LYS B 191 -2.00 30.97 21.76
N HIS B 192 -3.27 30.92 21.36
CA HIS B 192 -3.78 31.88 20.40
C HIS B 192 -3.81 33.27 21.03
N VAL B 193 -3.32 34.27 20.30
CA VAL B 193 -3.17 35.63 20.81
C VAL B 193 -3.93 36.64 19.94
N LEU B 194 -3.78 36.54 18.62
CA LEU B 194 -4.38 37.48 17.69
C LEU B 194 -5.31 36.73 16.76
N THR B 195 -6.56 37.19 16.68
CA THR B 195 -7.51 36.64 15.72
C THR B 195 -7.31 37.30 14.35
N LEU B 196 -7.85 36.66 13.32
CA LEU B 196 -7.74 37.18 11.97
C LEU B 196 -8.45 38.53 11.89
N THR B 197 -7.67 39.60 11.70
CA THR B 197 -8.19 40.96 11.63
C THR B 197 -7.55 41.67 10.45
N ASP B 198 -8.30 42.60 9.86
CA ASP B 198 -7.79 43.37 8.73
C ASP B 198 -6.86 44.50 9.15
N GLN B 199 -6.78 44.80 10.45
CA GLN B 199 -5.90 45.85 10.93
C GLN B 199 -4.47 45.32 10.97
N VAL B 200 -3.63 45.83 10.08
CA VAL B 200 -2.26 45.32 9.97
C VAL B 200 -1.47 45.66 11.23
N THR B 201 -1.72 46.83 11.82
CA THR B 201 -0.94 47.26 12.98
C THR B 201 -1.12 46.31 14.16
N ARG B 202 -2.23 45.58 14.20
CA ARG B 202 -2.46 44.66 15.31
C ARG B 202 -1.44 43.54 15.32
N PHE B 203 -1.06 43.04 14.13
CA PHE B 203 -0.06 41.98 14.08
C PHE B 203 1.27 42.45 14.63
N ASN B 204 1.69 43.67 14.27
CA ASN B 204 2.93 44.21 14.81
C ASN B 204 2.83 44.44 16.32
N GLU B 205 1.69 44.96 16.78
CA GLU B 205 1.54 45.22 18.21
C GLU B 205 1.58 43.94 19.03
N GLU B 206 0.90 42.89 18.56
CA GLU B 206 0.89 41.65 19.31
C GLU B 206 2.29 41.04 19.40
N VAL B 207 3.04 41.07 18.30
CA VAL B 207 4.43 40.63 18.34
C VAL B 207 5.28 41.68 19.05
N LYS B 208 6.39 41.23 19.62
CA LYS B 208 7.29 41.95 20.49
C LYS B 208 6.73 42.03 21.91
N LYS B 209 5.49 41.60 22.14
CA LYS B 209 4.96 41.40 23.49
C LYS B 209 5.02 39.95 23.91
N GLN B 210 5.42 39.05 23.01
CA GLN B 210 5.54 37.63 23.31
C GLN B 210 6.95 37.32 23.81
N SER B 211 7.13 36.11 24.31
CA SER B 211 8.41 35.64 24.82
C SER B 211 8.69 34.25 24.27
N VAL B 212 9.77 33.64 24.78
CA VAL B 212 10.21 32.33 24.33
C VAL B 212 10.38 31.44 25.55
N SER B 213 9.88 30.22 25.47
CA SER B 213 9.97 29.25 26.56
C SER B 213 11.07 28.24 26.26
N ARG B 214 11.18 27.21 27.12
CA ARG B 214 12.20 26.20 26.98
C ARG B 214 11.61 24.85 27.36
N ASN B 215 12.15 23.78 26.76
CA ASN B 215 11.74 22.42 27.05
C ASN B 215 12.96 21.52 26.94
N ARG B 216 12.77 20.23 27.21
CA ARG B 216 13.85 19.25 27.18
C ARG B 216 13.89 18.46 25.87
N ASP B 217 12.79 17.81 25.50
CA ASP B 217 12.77 16.97 24.31
C ASP B 217 12.95 17.82 23.05
N ALA B 218 13.81 17.35 22.14
CA ALA B 218 14.04 18.08 20.90
C ALA B 218 12.76 18.21 20.07
N PRO B 219 11.97 17.17 19.86
CA PRO B 219 10.76 17.32 19.05
C PRO B 219 9.77 18.29 19.69
N GLU B 220 9.02 18.98 18.84
CA GLU B 220 8.04 19.96 19.27
C GLU B 220 6.65 19.52 18.82
N GLY B 221 5.69 19.59 19.73
CA GLY B 221 4.33 19.16 19.44
C GLY B 221 3.52 20.20 18.70
N GLY B 222 3.82 20.39 17.42
CA GLY B 222 3.13 21.38 16.63
C GLY B 222 1.83 20.90 16.02
N PHE B 223 1.67 19.59 15.90
CA PHE B 223 0.43 19.04 15.34
C PHE B 223 -0.77 19.38 16.20
N ASP B 224 -0.61 19.40 17.53
CA ASP B 224 -1.70 19.82 18.40
C ASP B 224 -2.13 21.24 18.07
N ALA B 225 -1.17 22.15 17.91
CA ALA B 225 -1.49 23.52 17.58
C ALA B 225 -2.17 23.61 16.22
N ILE B 226 -1.68 22.87 15.23
CA ILE B 226 -2.28 22.90 13.90
C ILE B 226 -3.73 22.45 13.97
N MET B 227 -3.99 21.34 14.67
CA MET B 227 -5.34 20.81 14.76
C MET B 227 -6.26 21.78 15.52
N GLN B 228 -5.77 22.37 16.61
CA GLN B 228 -6.60 23.32 17.35
C GLN B 228 -6.92 24.54 16.51
N ALA B 229 -5.94 25.05 15.76
CA ALA B 229 -6.20 26.18 14.88
C ALA B 229 -7.23 25.82 13.80
N THR B 230 -7.11 24.63 13.22
CA THR B 230 -8.03 24.23 12.15
C THR B 230 -9.45 24.05 12.67
N VAL B 231 -9.61 23.29 13.75
CA VAL B 231 -10.96 22.97 14.24
C VAL B 231 -11.62 24.19 14.86
N CYS B 232 -10.88 24.97 15.63
CA CYS B 232 -11.45 26.14 16.31
C CYS B 232 -11.69 27.27 15.32
N ASP B 233 -12.66 27.09 14.43
CA ASP B 233 -12.90 28.10 13.39
C ASP B 233 -13.37 29.43 14.01
N GLU B 234 -14.31 29.36 14.96
CA GLU B 234 -14.87 30.58 15.51
C GLU B 234 -13.87 31.35 16.36
N LYS B 235 -13.02 30.64 17.11
CA LYS B 235 -12.09 31.33 18.01
C LYS B 235 -11.13 32.23 17.25
N ILE B 236 -10.61 31.75 16.11
CA ILE B 236 -9.64 32.50 15.34
C ILE B 236 -10.34 33.21 14.20
N GLY B 237 -11.43 32.62 13.69
CA GLY B 237 -12.29 33.30 12.75
C GLY B 237 -11.95 33.09 11.29
N TRP B 238 -11.88 31.84 10.84
CA TRP B 238 -11.74 31.58 9.42
C TRP B 238 -12.94 32.12 8.66
N ARG B 239 -12.69 32.63 7.46
CA ARG B 239 -13.72 33.21 6.61
C ARG B 239 -14.03 32.25 5.47
N ASN B 240 -15.31 31.90 5.32
CA ASN B 240 -15.72 30.89 4.36
C ASN B 240 -15.61 31.37 2.92
N ASP B 241 -15.59 32.68 2.69
CA ASP B 241 -15.55 33.24 1.34
C ASP B 241 -14.16 33.78 1.00
N ALA B 242 -13.12 33.10 1.49
CA ALA B 242 -11.75 33.51 1.23
C ALA B 242 -10.84 32.29 1.25
N SER B 243 -9.67 32.42 0.61
CA SER B 243 -8.68 31.37 0.57
C SER B 243 -7.92 31.34 1.89
N HIS B 244 -7.71 30.14 2.42
CA HIS B 244 -7.12 29.95 3.74
C HIS B 244 -5.65 29.53 3.60
N LEU B 245 -4.78 30.20 4.34
CA LEU B 245 -3.36 29.85 4.41
C LEU B 245 -2.99 29.65 5.88
N LEU B 246 -2.22 28.59 6.15
CA LEU B 246 -1.77 28.28 7.50
C LEU B 246 -0.26 28.04 7.44
N VAL B 247 0.52 29.03 7.84
CA VAL B 247 1.97 28.94 7.84
C VAL B 247 2.42 28.27 9.13
N PHE B 248 3.18 27.20 9.01
CA PHE B 248 3.69 26.43 10.16
C PHE B 248 5.21 26.53 10.13
N THR B 249 5.78 27.36 10.99
CA THR B 249 7.21 27.58 11.06
C THR B 249 7.79 26.82 12.25
N THR B 250 8.84 26.04 11.99
CA THR B 250 9.48 25.25 13.03
C THR B 250 10.93 24.98 12.62
N ASP B 251 11.74 24.59 13.61
CA ASP B 251 13.15 24.29 13.36
C ASP B 251 13.57 22.97 13.99
N ALA B 252 12.63 22.06 14.24
CA ALA B 252 12.95 20.78 14.86
C ALA B 252 11.90 19.77 14.41
N LYS B 253 12.03 18.54 14.91
CA LYS B 253 11.10 17.47 14.58
C LYS B 253 9.72 17.75 15.16
N THR B 254 8.74 16.91 14.83
CA THR B 254 7.38 17.06 15.32
C THR B 254 6.89 15.73 15.87
N HIS B 255 6.18 15.79 16.99
CA HIS B 255 5.63 14.59 17.60
C HIS B 255 4.46 14.06 16.78
N ILE B 256 4.13 12.80 17.04
CA ILE B 256 3.02 12.11 16.38
C ILE B 256 2.21 11.38 17.45
N ALA B 257 1.20 10.65 17.01
CA ALA B 257 0.33 9.93 17.93
C ALA B 257 1.10 8.82 18.64
N LEU B 258 0.59 8.42 19.80
CA LEU B 258 1.14 7.37 20.65
C LEU B 258 2.47 7.76 21.28
N ASP B 259 2.87 9.02 21.17
CA ASP B 259 4.08 9.51 21.84
C ASP B 259 3.80 10.03 23.24
N GLY B 260 2.54 10.08 23.67
CA GLY B 260 2.20 10.54 25.00
C GLY B 260 2.35 9.52 26.09
N ARG B 261 2.68 8.28 25.74
CA ARG B 261 2.90 7.25 26.77
C ARG B 261 4.01 7.65 27.73
N LEU B 262 5.00 8.40 27.25
CA LEU B 262 6.09 8.83 28.13
C LEU B 262 5.56 9.73 29.24
N ALA B 263 4.61 10.61 28.91
CA ALA B 263 4.01 11.51 29.88
C ALA B 263 2.77 10.92 30.54
N GLY B 264 2.42 9.67 30.23
CA GLY B 264 1.27 9.03 30.82
C GLY B 264 -0.04 9.25 30.08
N ILE B 265 -0.04 10.06 29.02
CA ILE B 265 -1.26 10.31 28.25
C ILE B 265 -1.49 9.14 27.30
N VAL B 266 -2.69 8.58 27.36
CA VAL B 266 -3.04 7.41 26.53
C VAL B 266 -4.35 7.66 25.79
N GLN B 267 -5.09 8.67 26.20
CA GLN B 267 -6.38 8.95 25.59
C GLN B 267 -6.20 9.39 24.14
N PRO B 268 -6.88 8.77 23.17
CA PRO B 268 -6.76 9.23 21.79
C PRO B 268 -7.25 10.66 21.63
N ASN B 269 -6.64 11.36 20.67
CA ASN B 269 -7.01 12.75 20.41
C ASN B 269 -8.36 12.82 19.68
N ASP B 270 -9.07 13.92 19.91
CA ASP B 270 -10.31 14.21 19.23
C ASP B 270 -10.28 15.63 18.70
N GLY B 271 -10.96 15.86 17.58
CA GLY B 271 -10.92 17.13 16.90
C GLY B 271 -11.76 18.23 17.49
N GLN B 272 -12.53 17.96 18.54
CA GLN B 272 -13.33 18.99 19.17
C GLN B 272 -12.44 20.09 19.70
N CYS B 273 -12.84 21.34 19.48
CA CYS B 273 -12.06 22.48 19.93
C CYS B 273 -12.02 22.51 21.46
N HIS B 274 -10.84 22.85 21.99
CA HIS B 274 -10.63 22.90 23.43
C HIS B 274 -9.89 24.19 23.81
N VAL B 275 -10.29 25.31 23.21
CA VAL B 275 -9.72 26.61 23.50
C VAL B 275 -10.79 27.44 24.18
N GLY B 276 -10.55 27.82 25.43
CA GLY B 276 -11.50 28.58 26.21
C GLY B 276 -11.28 30.07 26.11
N SER B 277 -11.95 30.80 27.02
CA SER B 277 -11.82 32.25 27.05
C SER B 277 -10.41 32.69 27.42
N ASP B 278 -9.62 31.82 28.05
CA ASP B 278 -8.24 32.15 28.39
C ASP B 278 -7.29 32.02 27.21
N ASN B 279 -7.77 31.53 26.07
CA ASN B 279 -6.95 31.39 24.86
C ASN B 279 -5.77 30.46 25.12
N HIS B 280 -6.08 29.25 25.58
CA HIS B 280 -5.08 28.22 25.82
C HIS B 280 -5.70 26.85 25.57
N TYR B 281 -4.83 25.86 25.34
CA TYR B 281 -5.25 24.49 25.10
C TYR B 281 -5.47 23.84 26.46
N SER B 282 -6.73 23.74 26.88
CA SER B 282 -7.04 23.18 28.19
C SER B 282 -6.64 21.71 28.27
N ALA B 283 -6.92 20.94 27.22
CA ALA B 283 -6.67 19.50 27.20
C ALA B 283 -5.26 19.15 26.72
N SER B 284 -4.31 20.08 26.84
CA SER B 284 -2.94 19.79 26.42
C SER B 284 -2.32 18.68 27.27
N THR B 285 -2.58 18.68 28.58
CA THR B 285 -1.99 17.71 29.48
C THR B 285 -2.82 16.44 29.62
N THR B 286 -3.99 16.36 28.98
CA THR B 286 -4.87 15.21 29.10
C THR B 286 -5.30 14.64 27.75
N MET B 287 -4.70 15.11 26.66
CA MET B 287 -5.04 14.63 25.32
C MET B 287 -3.76 14.29 24.57
N ASP B 288 -3.78 13.16 23.87
CA ASP B 288 -2.62 12.71 23.12
C ASP B 288 -2.47 13.51 21.82
N TYR B 289 -1.31 13.39 21.20
CA TYR B 289 -1.07 14.06 19.94
C TYR B 289 -1.97 13.46 18.84
N PRO B 290 -2.34 14.26 17.85
CA PRO B 290 -3.18 13.74 16.76
C PRO B 290 -2.36 13.03 15.70
N SER B 291 -2.97 11.99 15.12
CA SER B 291 -2.33 11.25 14.05
C SER B 291 -2.44 12.01 12.73
N LEU B 292 -1.68 11.57 11.74
CA LEU B 292 -1.69 12.25 10.44
C LEU B 292 -3.05 12.12 9.76
N GLY B 293 -3.73 10.99 9.94
CA GLY B 293 -5.02 10.81 9.30
C GLY B 293 -6.05 11.82 9.78
N LEU B 294 -6.18 11.97 11.09
CA LEU B 294 -7.13 12.94 11.63
C LEU B 294 -6.73 14.36 11.25
N MET B 295 -5.43 14.67 11.29
CA MET B 295 -4.95 15.98 10.88
C MET B 295 -5.38 16.28 9.45
N THR B 296 -5.13 15.35 8.54
CA THR B 296 -5.49 15.56 7.14
C THR B 296 -7.00 15.68 6.97
N GLU B 297 -7.77 14.86 7.67
CA GLU B 297 -9.22 14.92 7.56
C GLU B 297 -9.74 16.30 7.98
N LYS B 298 -9.32 16.76 9.15
CA LYS B 298 -9.82 18.05 9.65
C LYS B 298 -9.21 19.22 8.89
N LEU B 299 -8.06 19.05 8.24
CA LEU B 299 -7.52 20.11 7.41
C LEU B 299 -8.27 20.22 6.09
N SER B 300 -8.68 19.08 5.52
CA SER B 300 -9.45 19.10 4.29
C SER B 300 -10.90 19.54 4.52
N GLN B 301 -11.49 19.18 5.66
CA GLN B 301 -12.86 19.59 5.94
C GLN B 301 -12.98 21.10 6.01
N LYS B 302 -12.02 21.76 6.67
CA LYS B 302 -12.05 23.21 6.83
C LYS B 302 -11.39 23.96 5.68
N ASN B 303 -10.84 23.24 4.70
CA ASN B 303 -10.23 23.86 3.52
C ASN B 303 -9.09 24.81 3.93
N ILE B 304 -8.06 24.23 4.55
CA ILE B 304 -6.90 24.97 5.04
C ILE B 304 -5.68 24.47 4.29
N ASN B 305 -4.97 25.39 3.63
CA ASN B 305 -3.71 25.05 2.99
C ASN B 305 -2.56 25.21 3.98
N LEU B 306 -1.63 24.28 3.95
CA LEU B 306 -0.55 24.20 4.94
C LEU B 306 0.78 24.48 4.27
N ILE B 307 1.59 25.31 4.93
CA ILE B 307 2.92 25.66 4.45
C ILE B 307 3.91 25.31 5.56
N PHE B 308 4.79 24.35 5.28
CA PHE B 308 5.84 23.95 6.21
C PHE B 308 7.07 24.79 5.91
N ALA B 309 7.19 25.93 6.59
CA ALA B 309 8.36 26.80 6.46
C ALA B 309 9.37 26.35 7.51
N VAL B 310 10.22 25.41 7.13
CA VAL B 310 11.11 24.74 8.08
C VAL B 310 12.55 24.96 7.66
N THR B 311 13.46 24.81 8.63
CA THR B 311 14.87 25.01 8.38
C THR B 311 15.42 23.89 7.49
N GLU B 312 16.59 24.17 6.90
CA GLU B 312 17.19 23.22 5.97
C GLU B 312 17.52 21.87 6.62
N ASN B 313 17.74 21.85 7.93
CA ASN B 313 18.17 20.63 8.60
C ASN B 313 17.07 19.58 8.71
N VAL B 314 15.80 19.96 8.58
CA VAL B 314 14.70 19.02 8.71
C VAL B 314 13.77 19.16 7.51
N VAL B 315 14.30 19.70 6.41
CA VAL B 315 13.45 19.93 5.24
C VAL B 315 12.99 18.61 4.63
N ASN B 316 13.85 17.59 4.64
CA ASN B 316 13.49 16.31 4.05
C ASN B 316 12.31 15.67 4.77
N LEU B 317 12.30 15.74 6.09
CA LEU B 317 11.21 15.12 6.86
C LEU B 317 9.87 15.75 6.50
N TYR B 318 9.82 17.08 6.45
CA TYR B 318 8.56 17.75 6.12
C TYR B 318 8.21 17.64 4.65
N GLN B 319 9.19 17.46 3.76
CA GLN B 319 8.88 17.10 2.38
C GLN B 319 8.22 15.73 2.31
N ASN B 320 8.72 14.77 3.08
CA ASN B 320 8.12 13.44 3.11
C ASN B 320 6.72 13.49 3.69
N TYR B 321 6.50 14.31 4.73
CA TYR B 321 5.16 14.49 5.26
C TYR B 321 4.25 15.19 4.27
N SER B 322 4.79 16.12 3.47
CA SER B 322 3.95 16.92 2.59
C SER B 322 3.26 16.07 1.53
N GLU B 323 3.97 15.10 0.96
CA GLU B 323 3.39 14.29 -0.10
C GLU B 323 2.24 13.43 0.39
N LEU B 324 2.06 13.29 1.70
CA LEU B 324 0.92 12.57 2.25
C LEU B 324 -0.30 13.47 2.38
N ILE B 325 -0.16 14.61 3.04
CA ILE B 325 -1.27 15.54 3.25
C ILE B 325 -1.48 16.31 1.94
N PRO B 326 -2.66 16.21 1.31
CA PRO B 326 -2.90 17.00 0.09
C PRO B 326 -2.95 18.49 0.38
N GLY B 327 -2.63 19.27 -0.64
CA GLY B 327 -2.68 20.72 -0.52
C GLY B 327 -1.69 21.28 0.48
N THR B 328 -0.45 20.78 0.46
CA THR B 328 0.58 21.25 1.36
C THR B 328 1.83 21.61 0.56
N THR B 329 2.53 22.65 1.01
CA THR B 329 3.74 23.11 0.35
C THR B 329 4.84 23.27 1.37
N VAL B 330 6.06 22.92 1.00
CA VAL B 330 7.22 23.00 1.88
C VAL B 330 8.10 24.15 1.44
N GLY B 331 8.91 24.66 2.38
CA GLY B 331 9.82 25.75 2.09
C GLY B 331 10.92 25.82 3.11
N VAL B 332 12.03 26.42 2.69
CA VAL B 332 13.24 26.54 3.51
C VAL B 332 13.19 27.89 4.23
N LEU B 333 13.30 27.86 5.55
CA LEU B 333 13.30 29.05 6.37
C LEU B 333 14.70 29.27 6.91
N SER B 334 15.21 30.50 6.78
CA SER B 334 16.54 30.82 7.25
C SER B 334 16.63 30.70 8.76
N MET B 335 17.86 30.65 9.26
CA MET B 335 18.07 30.52 10.70
C MET B 335 17.47 31.69 11.46
N ASP B 336 17.55 32.89 10.88
CA ASP B 336 17.00 34.09 11.50
C ASP B 336 15.57 34.38 11.06
N SER B 337 14.96 33.50 10.27
CA SER B 337 13.58 33.67 9.82
C SER B 337 13.38 34.98 9.06
N SER B 338 14.38 35.40 8.30
CA SER B 338 14.28 36.61 7.50
C SER B 338 13.73 36.36 6.11
N ASN B 339 13.51 35.10 5.72
CA ASN B 339 12.99 34.75 4.41
C ASN B 339 11.52 34.39 4.44
N VAL B 340 10.83 34.65 5.56
CA VAL B 340 9.45 34.21 5.70
C VAL B 340 8.55 34.94 4.71
N LEU B 341 8.76 36.25 4.52
CA LEU B 341 7.87 37.03 3.67
C LEU B 341 7.89 36.54 2.23
N GLN B 342 9.08 36.44 1.64
CA GLN B 342 9.18 35.94 0.28
C GLN B 342 8.73 34.49 0.18
N LEU B 343 9.01 33.69 1.22
CA LEU B 343 8.58 32.30 1.22
C LEU B 343 7.07 32.19 1.11
N ILE B 344 6.34 32.94 1.94
CA ILE B 344 4.88 32.88 1.90
C ILE B 344 4.37 33.46 0.59
N VAL B 345 4.99 34.54 0.10
CA VAL B 345 4.53 35.15 -1.14
C VAL B 345 4.63 34.17 -2.30
N ASP B 346 5.74 33.44 -2.38
CA ASP B 346 5.89 32.49 -3.48
C ASP B 346 5.08 31.22 -3.25
N ALA B 347 4.92 30.80 -1.99
CA ALA B 347 4.11 29.61 -1.71
C ALA B 347 2.64 29.86 -2.03
N TYR B 348 2.17 31.09 -1.92
CA TYR B 348 0.80 31.40 -2.32
C TYR B 348 0.58 31.06 -3.79
N GLY B 349 1.48 31.55 -4.67
CA GLY B 349 1.37 31.21 -6.07
C GLY B 349 1.57 29.73 -6.33
N LYS B 350 2.48 29.10 -5.58
CA LYS B 350 2.74 27.68 -5.76
C LYS B 350 1.49 26.86 -5.46
N ILE B 351 0.82 27.17 -4.35
CA ILE B 351 -0.38 26.42 -3.98
C ILE B 351 -1.52 26.72 -4.94
N ARG B 352 -1.66 27.98 -5.36
CA ARG B 352 -2.70 28.32 -6.32
C ARG B 352 -2.36 27.90 -7.74
N SER B 353 -1.16 27.37 -7.97
CA SER B 353 -0.76 26.82 -9.26
C SER B 353 -0.95 25.31 -9.31
N LYS B 354 -1.95 24.80 -8.58
CA LYS B 354 -2.20 23.37 -8.51
C LYS B 354 -3.69 23.16 -8.30
N VAL B 355 -4.30 22.31 -9.12
CA VAL B 355 -5.72 22.01 -9.03
C VAL B 355 -5.88 20.50 -8.86
N GLU B 356 -6.63 20.10 -7.84
CA GLU B 356 -6.97 18.72 -7.59
C GLU B 356 -8.48 18.60 -7.38
N LEU B 357 -8.95 17.37 -7.25
CA LEU B 357 -10.35 17.09 -7.00
C LEU B 357 -10.48 15.94 -6.02
N GLU B 358 -11.42 16.07 -5.08
CA GLU B 358 -11.71 15.03 -4.10
C GLU B 358 -13.20 14.73 -4.11
N VAL B 359 -13.53 13.48 -3.80
CA VAL B 359 -14.91 12.99 -3.81
C VAL B 359 -15.32 12.77 -2.36
N ARG B 360 -16.48 13.31 -1.99
CA ARG B 360 -17.04 13.17 -0.65
C ARG B 360 -18.45 12.61 -0.73
N ASP B 361 -18.82 11.82 0.28
CA ASP B 361 -20.13 11.19 0.34
C ASP B 361 -20.39 10.32 -0.88
N LEU B 362 -19.36 9.60 -1.31
CA LEU B 362 -19.47 8.71 -2.46
C LEU B 362 -19.86 7.32 -1.96
N PRO B 363 -21.06 6.83 -2.24
CA PRO B 363 -21.41 5.46 -1.83
C PRO B 363 -20.63 4.43 -2.61
N GLU B 364 -20.42 3.27 -1.97
CA GLU B 364 -19.67 2.19 -2.59
C GLU B 364 -20.37 1.61 -3.82
N GLU B 365 -21.64 1.93 -4.03
CA GLU B 365 -22.38 1.31 -5.13
C GLU B 365 -21.78 1.66 -6.48
N LEU B 366 -21.37 2.92 -6.67
CA LEU B 366 -20.90 3.41 -7.95
C LEU B 366 -19.45 3.86 -7.87
N SER B 367 -18.83 4.00 -9.04
CA SER B 367 -17.43 4.37 -9.15
C SER B 367 -17.25 5.48 -10.18
N LEU B 368 -16.18 6.24 -10.01
CA LEU B 368 -15.89 7.42 -10.82
C LEU B 368 -14.53 7.27 -11.50
N SER B 369 -14.46 7.71 -12.75
CA SER B 369 -13.22 7.81 -13.50
C SER B 369 -13.05 9.24 -14.01
N PHE B 370 -11.80 9.67 -14.12
CA PHE B 370 -11.48 11.07 -14.37
C PHE B 370 -10.53 11.23 -15.54
N ASN B 371 -10.79 12.26 -16.35
CA ASN B 371 -9.83 12.79 -17.31
C ASN B 371 -9.61 14.26 -17.02
N ALA B 372 -8.37 14.71 -17.20
CA ALA B 372 -7.99 16.10 -16.97
C ALA B 372 -7.58 16.76 -18.27
N THR B 373 -7.84 18.07 -18.35
CA THR B 373 -7.44 18.88 -19.52
C THR B 373 -6.64 20.06 -19.00
N CYS B 374 -5.33 20.00 -19.16
CA CYS B 374 -4.45 21.10 -18.76
C CYS B 374 -4.63 22.25 -19.75
N LEU B 375 -3.79 23.28 -19.62
CA LEU B 375 -3.83 24.39 -20.56
C LEU B 375 -3.68 23.87 -21.99
N ASN B 376 -4.47 24.46 -22.90
CA ASN B 376 -4.56 24.00 -24.28
C ASN B 376 -5.44 22.76 -24.34
N ASN B 377 -5.80 22.32 -25.54
CA ASN B 377 -6.71 21.19 -25.71
C ASN B 377 -6.07 19.85 -25.38
N GLU B 378 -4.83 19.80 -24.88
CA GLU B 378 -4.23 18.52 -24.52
C GLU B 378 -4.99 17.88 -23.37
N VAL B 379 -5.16 16.55 -23.45
CA VAL B 379 -5.89 15.79 -22.45
C VAL B 379 -5.01 14.65 -21.95
N ILE B 380 -4.95 14.48 -20.63
CA ILE B 380 -4.17 13.42 -20.02
C ILE B 380 -5.13 12.39 -19.45
N PRO B 381 -5.31 11.23 -20.08
CA PRO B 381 -6.27 10.25 -19.57
C PRO B 381 -5.90 9.76 -18.17
N GLY B 382 -6.92 9.47 -17.38
CA GLY B 382 -6.73 8.91 -16.06
C GLY B 382 -6.01 9.83 -15.10
N LEU B 383 -6.41 11.11 -15.07
CA LEU B 383 -5.80 12.08 -14.18
C LEU B 383 -6.86 13.05 -13.70
N LYS B 384 -6.90 13.31 -12.39
CA LYS B 384 -7.88 14.20 -11.79
C LYS B 384 -7.28 15.52 -11.35
N SER B 385 -6.00 15.77 -11.64
CA SER B 385 -5.33 17.00 -11.22
C SER B 385 -4.37 17.43 -12.30
N CYS B 386 -4.33 18.73 -12.59
CA CYS B 386 -3.40 19.32 -13.53
C CYS B 386 -2.42 20.22 -12.81
N MET B 387 -1.17 20.19 -13.24
CA MET B 387 -0.10 21.02 -12.69
C MET B 387 0.27 22.12 -13.68
N GLY B 388 1.15 23.01 -13.23
CA GLY B 388 1.65 24.06 -14.10
C GLY B 388 0.59 25.05 -14.54
N LEU B 389 -0.24 25.51 -13.60
CA LEU B 389 -1.28 26.49 -13.89
C LEU B 389 -0.86 27.86 -13.35
N LYS B 390 -1.73 28.85 -13.56
CA LYS B 390 -1.49 30.21 -13.09
C LYS B 390 -2.82 30.82 -12.67
N ILE B 391 -2.76 32.06 -12.18
CA ILE B 391 -3.96 32.76 -11.77
C ILE B 391 -4.80 33.10 -13.00
N GLY B 392 -6.10 32.81 -12.92
CA GLY B 392 -7.01 33.05 -14.01
C GLY B 392 -7.08 31.93 -15.03
N ASP B 393 -6.27 30.88 -14.88
CA ASP B 393 -6.32 29.76 -15.81
C ASP B 393 -7.55 28.91 -15.57
N THR B 394 -8.12 28.39 -16.65
CA THR B 394 -9.31 27.55 -16.60
C THR B 394 -8.92 26.13 -17.03
N VAL B 395 -9.35 25.14 -16.24
CA VAL B 395 -9.08 23.74 -16.53
C VAL B 395 -10.39 22.99 -16.56
N SER B 396 -10.40 21.86 -17.27
CA SER B 396 -11.59 21.05 -17.45
C SER B 396 -11.34 19.64 -16.94
N PHE B 397 -12.37 19.04 -16.36
CA PHE B 397 -12.31 17.68 -15.85
C PHE B 397 -13.53 16.91 -16.31
N SER B 398 -13.32 15.76 -16.94
CA SER B 398 -14.38 14.88 -17.40
C SER B 398 -14.52 13.75 -16.39
N ILE B 399 -15.73 13.56 -15.87
CA ILE B 399 -16.01 12.58 -14.83
C ILE B 399 -17.05 11.61 -15.35
N GLU B 400 -16.71 10.32 -15.32
CA GLU B 400 -17.61 9.25 -15.76
C GLU B 400 -17.99 8.42 -14.54
N ALA B 401 -19.30 8.29 -14.31
CA ALA B 401 -19.84 7.55 -13.18
C ALA B 401 -20.51 6.28 -13.69
N LYS B 402 -20.15 5.15 -13.09
CA LYS B 402 -20.72 3.86 -13.44
C LYS B 402 -21.29 3.20 -12.19
N VAL B 403 -22.48 2.62 -12.33
CA VAL B 403 -23.18 2.00 -11.22
C VAL B 403 -23.26 0.49 -11.45
N ARG B 404 -23.54 -0.24 -10.38
CA ARG B 404 -23.75 -1.68 -10.43
C ARG B 404 -25.18 -1.95 -9.94
N GLY B 405 -26.05 -2.35 -10.86
CA GLY B 405 -27.43 -2.55 -10.49
C GLY B 405 -28.08 -1.24 -10.09
N CYS B 406 -29.15 -1.36 -9.31
CA CYS B 406 -29.86 -0.20 -8.75
C CYS B 406 -30.06 -0.41 -7.25
N PRO B 407 -29.33 0.30 -6.39
CA PRO B 407 -29.53 0.15 -4.96
C PRO B 407 -30.96 0.52 -4.55
N GLN B 408 -31.46 -0.14 -3.51
CA GLN B 408 -32.82 0.06 -3.05
C GLN B 408 -32.94 1.30 -2.16
N GLU B 409 -32.46 2.42 -2.71
CA GLU B 409 -32.58 3.71 -2.06
C GLU B 409 -33.19 4.77 -2.96
N LYS B 410 -32.88 4.74 -4.26
CA LYS B 410 -33.46 5.62 -5.28
C LYS B 410 -33.07 7.09 -5.08
N GLU B 411 -32.24 7.41 -4.09
CA GLU B 411 -31.87 8.79 -3.83
C GLU B 411 -30.46 8.77 -3.22
N LYS B 412 -29.46 9.16 -4.01
CA LYS B 412 -28.10 9.28 -3.50
C LYS B 412 -27.51 10.60 -3.98
N SER B 413 -26.50 11.08 -3.25
CA SER B 413 -25.85 12.33 -3.60
C SER B 413 -24.43 12.32 -3.09
N PHE B 414 -23.52 12.88 -3.89
CA PHE B 414 -22.11 13.01 -3.50
C PHE B 414 -21.63 14.37 -3.98
N THR B 415 -20.37 14.69 -3.66
CA THR B 415 -19.81 15.99 -4.01
C THR B 415 -18.39 15.83 -4.54
N ILE B 416 -18.08 16.63 -5.56
CA ILE B 416 -16.74 16.74 -6.12
C ILE B 416 -16.24 18.15 -5.79
N LYS B 417 -15.13 18.23 -5.05
CA LYS B 417 -14.65 19.51 -4.55
C LYS B 417 -13.17 19.68 -4.87
N PRO B 418 -12.76 20.83 -5.42
CA PRO B 418 -11.32 21.11 -5.50
C PRO B 418 -10.75 21.47 -4.14
N VAL B 419 -9.51 21.06 -3.91
CA VAL B 419 -8.90 21.27 -2.60
C VAL B 419 -8.77 22.76 -2.31
N GLY B 420 -9.11 23.14 -1.09
CA GLY B 420 -8.99 24.53 -0.66
C GLY B 420 -9.93 25.49 -1.36
N PHE B 421 -11.18 25.09 -1.57
CA PHE B 421 -12.16 25.95 -2.20
C PHE B 421 -13.54 25.62 -1.64
N LYS B 422 -14.33 26.66 -1.39
CA LYS B 422 -15.69 26.46 -0.88
C LYS B 422 -16.59 25.86 -1.96
N ASP B 423 -16.54 26.42 -3.17
CA ASP B 423 -17.42 25.97 -4.24
C ASP B 423 -17.10 24.53 -4.64
N SER B 424 -18.15 23.75 -4.89
CA SER B 424 -18.00 22.36 -5.30
C SER B 424 -19.26 21.93 -6.03
N LEU B 425 -19.14 20.84 -6.77
CA LEU B 425 -20.25 20.28 -7.52
C LEU B 425 -20.96 19.24 -6.67
N ILE B 426 -22.29 19.37 -6.58
CA ILE B 426 -23.13 18.40 -5.88
C ILE B 426 -23.86 17.58 -6.93
N VAL B 427 -23.56 16.30 -6.99
CA VAL B 427 -24.13 15.39 -7.98
C VAL B 427 -25.16 14.50 -7.29
N GLN B 428 -26.40 14.57 -7.76
CA GLN B 428 -27.49 13.75 -7.27
C GLN B 428 -27.78 12.66 -8.28
N VAL B 429 -27.81 11.41 -7.83
CA VAL B 429 -28.06 10.26 -8.67
C VAL B 429 -29.31 9.54 -8.18
N THR B 430 -30.23 9.27 -9.11
CA THR B 430 -31.45 8.53 -8.86
C THR B 430 -31.49 7.36 -9.83
N PHE B 431 -31.74 6.16 -9.31
CA PHE B 431 -31.70 4.95 -10.11
C PHE B 431 -33.10 4.59 -10.58
N ASP B 432 -33.24 4.30 -11.87
CA ASP B 432 -34.52 3.96 -12.49
C ASP B 432 -34.37 2.62 -13.20
N CYS B 433 -34.60 1.54 -12.46
CA CYS B 433 -34.58 0.18 -13.01
C CYS B 433 -35.96 -0.45 -13.07
N ASP B 434 -37.02 0.36 -12.87
CA ASP B 434 -38.40 -0.13 -12.88
C ASP B 434 -39.11 0.41 -14.11
N CYS B 435 -39.75 -0.49 -14.86
CA CYS B 435 -40.48 -0.07 -16.04
C CYS B 435 -41.80 0.62 -15.66
N ALA B 436 -42.20 1.58 -16.49
CA ALA B 436 -43.42 2.33 -16.21
C ALA B 436 -44.65 1.44 -16.27
N CYS B 437 -44.68 0.51 -17.23
CA CYS B 437 -45.87 -0.35 -17.39
C CYS B 437 -46.18 -1.13 -16.12
N GLN B 438 -45.17 -1.36 -15.26
CA GLN B 438 -45.41 -2.09 -14.03
C GLN B 438 -46.42 -1.39 -13.14
N ALA B 439 -46.61 -0.08 -13.30
CA ALA B 439 -47.60 0.63 -12.51
C ALA B 439 -49.01 0.13 -12.78
N GLN B 440 -49.26 -0.47 -13.94
CA GLN B 440 -50.61 -0.95 -14.25
C GLN B 440 -51.02 -2.10 -13.33
N ALA B 441 -50.05 -2.90 -12.89
CA ALA B 441 -50.29 -3.94 -11.89
C ALA B 441 -51.14 -5.08 -12.43
N GLU B 442 -52.46 -4.86 -12.53
CA GLU B 442 -53.46 -5.87 -12.88
C GLU B 442 -53.07 -7.22 -12.28
N PRO B 443 -53.07 -7.35 -10.94
CA PRO B 443 -52.63 -8.60 -10.32
C PRO B 443 -53.44 -9.82 -10.75
N ASN B 444 -54.73 -9.64 -11.06
CA ASN B 444 -55.59 -10.74 -11.48
C ASN B 444 -56.27 -10.34 -12.78
N SER B 445 -55.90 -11.01 -13.87
CA SER B 445 -56.47 -10.75 -15.19
C SER B 445 -56.96 -12.06 -15.80
N HIS B 446 -58.12 -12.00 -16.45
CA HIS B 446 -58.67 -13.19 -17.07
C HIS B 446 -57.76 -13.77 -18.15
N ARG B 447 -56.91 -12.92 -18.76
CA ARG B 447 -55.99 -13.42 -19.77
C ARG B 447 -54.95 -14.36 -19.17
N CYS B 448 -54.66 -14.23 -17.88
CA CYS B 448 -53.76 -15.15 -17.18
C CYS B 448 -54.53 -16.40 -16.74
N ASN B 449 -55.14 -17.07 -17.72
CA ASN B 449 -55.86 -18.32 -17.48
C ASN B 449 -56.95 -18.14 -16.42
N ASN B 450 -57.87 -17.21 -16.71
CA ASN B 450 -59.04 -16.97 -15.87
C ASN B 450 -58.64 -16.52 -14.46
N GLY B 451 -57.85 -15.45 -14.42
CA GLY B 451 -57.57 -14.79 -13.15
C GLY B 451 -56.90 -15.66 -12.11
N ASN B 452 -55.92 -16.46 -12.51
CA ASN B 452 -55.10 -17.24 -11.58
C ASN B 452 -53.63 -16.95 -11.82
N GLY B 453 -53.30 -15.68 -12.05
CA GLY B 453 -51.94 -15.28 -12.33
C GLY B 453 -51.84 -13.78 -12.42
N THR B 454 -50.62 -13.31 -12.70
CA THR B 454 -50.33 -11.89 -12.78
C THR B 454 -49.94 -11.54 -14.22
N PHE B 455 -50.38 -10.36 -14.66
CA PHE B 455 -50.09 -9.85 -15.99
C PHE B 455 -49.24 -8.59 -15.86
N GLU B 456 -48.19 -8.49 -16.67
CA GLU B 456 -47.26 -7.37 -16.56
C GLU B 456 -46.64 -7.09 -17.90
N CYS B 457 -46.84 -5.88 -18.43
CA CYS B 457 -46.16 -5.38 -19.61
C CYS B 457 -46.24 -6.34 -20.79
N GLY B 458 -47.34 -7.08 -20.92
CA GLY B 458 -47.53 -7.97 -22.04
C GLY B 458 -47.13 -9.41 -21.82
N VAL B 459 -46.83 -9.82 -20.59
CA VAL B 459 -46.43 -11.18 -20.29
C VAL B 459 -47.13 -11.63 -19.02
N CYS B 460 -47.55 -12.89 -19.00
CA CYS B 460 -48.23 -13.48 -17.84
C CYS B 460 -47.22 -14.24 -17.01
N ARG B 461 -46.94 -13.72 -15.82
CA ARG B 461 -46.17 -14.44 -14.79
C ARG B 461 -47.15 -14.90 -13.74
N CYS B 462 -47.22 -16.21 -13.52
CA CYS B 462 -48.29 -16.81 -12.74
C CYS B 462 -47.76 -17.82 -11.74
N GLY B 463 -48.34 -17.83 -10.55
CA GLY B 463 -48.16 -18.90 -9.60
C GLY B 463 -46.72 -19.20 -9.25
N PRO B 464 -46.51 -20.24 -8.43
CA PRO B 464 -45.16 -20.70 -8.08
C PRO B 464 -44.64 -21.77 -9.04
N GLY B 465 -44.61 -21.45 -10.33
CA GLY B 465 -44.16 -22.39 -11.34
C GLY B 465 -44.91 -22.30 -12.64
N TRP B 466 -46.10 -21.69 -12.63
CA TRP B 466 -46.84 -21.48 -13.86
C TRP B 466 -46.08 -20.51 -14.74
N LEU B 467 -45.49 -21.01 -15.83
CA LEU B 467 -44.63 -20.19 -16.69
C LEU B 467 -44.97 -20.29 -18.17
N GLY B 468 -46.05 -21.00 -18.53
CA GLY B 468 -46.41 -21.09 -19.94
C GLY B 468 -46.75 -19.73 -20.51
N SER B 469 -46.57 -19.61 -21.83
CA SER B 469 -46.86 -18.34 -22.50
C SER B 469 -48.28 -17.88 -22.23
N GLN B 470 -49.23 -18.81 -22.12
CA GLN B 470 -50.62 -18.50 -21.79
C GLN B 470 -50.93 -18.77 -20.33
N CYS B 471 -49.92 -18.99 -19.49
CA CYS B 471 -50.10 -19.28 -18.07
C CYS B 471 -50.98 -20.52 -17.89
N GLU B 472 -50.57 -21.62 -18.53
CA GLU B 472 -51.32 -22.88 -18.46
C GLU B 472 -50.47 -24.10 -18.19
N CYS B 473 -49.15 -24.07 -18.42
CA CYS B 473 -48.34 -25.26 -18.26
C CYS B 473 -48.15 -25.66 -16.80
N SER B 474 -48.38 -24.75 -15.86
CA SER B 474 -48.24 -25.05 -14.45
C SER B 474 -46.86 -25.61 -14.13
N GLU B 475 -46.70 -26.22 -12.96
CA GLU B 475 -45.43 -26.82 -12.55
C GLU B 475 -45.48 -28.34 -12.65
N GLU B 476 -46.47 -28.98 -12.03
CA GLU B 476 -46.60 -30.43 -12.10
C GLU B 476 -47.28 -30.88 -13.39
N ASP B 477 -47.95 -29.96 -14.08
CA ASP B 477 -48.59 -30.28 -15.35
C ASP B 477 -47.53 -30.27 -16.45
N TYR B 478 -47.97 -30.33 -17.71
CA TYR B 478 -47.06 -30.46 -18.85
C TYR B 478 -46.25 -31.75 -18.76
N ARG B 479 -46.85 -32.78 -18.16
CA ARG B 479 -46.18 -34.08 -18.04
C ARG B 479 -45.69 -34.61 -19.38
N PRO B 480 -46.47 -34.60 -20.46
CA PRO B 480 -45.91 -34.95 -21.76
C PRO B 480 -44.79 -34.01 -22.15
N SER B 481 -43.75 -34.56 -22.77
CA SER B 481 -42.53 -33.82 -23.07
C SER B 481 -42.42 -33.59 -24.57
N GLN B 482 -42.16 -32.34 -24.95
CA GLN B 482 -41.90 -31.98 -26.33
C GLN B 482 -40.38 -31.92 -26.55
N GLN B 483 -39.99 -31.53 -27.76
CA GLN B 483 -38.59 -31.52 -28.16
C GLN B 483 -38.22 -30.17 -28.77
N ASP B 484 -36.96 -30.05 -29.18
CA ASP B 484 -36.44 -28.87 -29.87
C ASP B 484 -36.80 -27.56 -29.15
N GLU B 485 -36.97 -27.62 -27.83
CA GLU B 485 -37.22 -26.41 -27.06
C GLU B 485 -36.51 -26.37 -25.73
N CYS B 486 -35.63 -27.34 -25.41
CA CYS B 486 -34.96 -27.36 -24.13
C CYS B 486 -33.44 -27.40 -24.22
N SER B 487 -32.87 -27.70 -25.38
CA SER B 487 -31.43 -27.73 -25.54
C SER B 487 -31.04 -27.04 -26.85
N PRO B 488 -29.88 -26.37 -26.89
CA PRO B 488 -29.43 -25.76 -28.14
C PRO B 488 -28.50 -26.70 -28.91
N ARG B 489 -28.64 -26.67 -30.23
CA ARG B 489 -27.81 -27.50 -31.11
C ARG B 489 -27.80 -28.94 -30.64
N GLU B 490 -28.97 -29.57 -30.76
CA GLU B 490 -29.21 -30.89 -30.18
C GLU B 490 -28.00 -31.80 -30.33
N GLY B 491 -27.69 -32.50 -29.25
CA GLY B 491 -26.48 -33.30 -29.17
C GLY B 491 -25.71 -33.06 -27.89
N GLN B 492 -26.31 -32.31 -26.97
CA GLN B 492 -25.71 -31.97 -25.69
C GLN B 492 -26.75 -32.18 -24.60
N PRO B 493 -26.31 -32.41 -23.35
CA PRO B 493 -27.28 -32.65 -22.28
C PRO B 493 -28.20 -31.46 -22.07
N VAL B 494 -29.44 -31.75 -21.69
CA VAL B 494 -30.44 -30.71 -21.54
C VAL B 494 -30.07 -29.80 -20.37
N CYS B 495 -30.36 -28.50 -20.54
CA CYS B 495 -30.16 -27.50 -19.49
C CYS B 495 -28.73 -27.52 -18.95
N SER B 496 -27.78 -27.99 -19.77
CA SER B 496 -26.38 -28.06 -19.38
C SER B 496 -26.21 -28.83 -18.07
N GLN B 497 -27.04 -29.86 -17.89
CA GLN B 497 -27.00 -30.69 -16.68
C GLN B 497 -27.20 -29.85 -15.43
N ARG B 498 -27.88 -28.71 -15.57
CA ARG B 498 -28.14 -27.82 -14.43
C ARG B 498 -29.48 -27.14 -14.71
N GLY B 499 -30.54 -27.71 -14.14
CA GLY B 499 -31.91 -27.28 -14.36
C GLY B 499 -32.80 -28.43 -14.76
N GLU B 500 -34.07 -28.11 -14.94
CA GLU B 500 -35.06 -29.09 -15.34
C GLU B 500 -35.81 -28.61 -16.57
N CYS B 501 -36.03 -29.53 -17.52
CA CYS B 501 -36.75 -29.21 -18.76
C CYS B 501 -38.23 -29.37 -18.49
N LEU B 502 -38.89 -28.27 -18.11
CA LEU B 502 -40.31 -28.28 -17.81
C LEU B 502 -40.97 -27.08 -18.48
N CYS B 503 -42.26 -27.23 -18.78
CA CYS B 503 -43.05 -26.22 -19.48
C CYS B 503 -42.49 -25.90 -20.86
N GLY B 504 -41.57 -26.71 -21.36
CA GLY B 504 -40.89 -26.43 -22.61
C GLY B 504 -39.64 -25.59 -22.49
N GLN B 505 -39.27 -25.17 -21.28
CA GLN B 505 -38.08 -24.37 -21.04
C GLN B 505 -37.23 -25.00 -19.95
N CYS B 506 -35.96 -24.61 -19.92
CA CYS B 506 -35.02 -25.08 -18.89
C CYS B 506 -35.12 -24.14 -17.69
N VAL B 507 -35.81 -24.59 -16.66
CA VAL B 507 -35.87 -23.84 -15.40
C VAL B 507 -34.63 -24.17 -14.59
N CYS B 508 -33.78 -23.17 -14.38
CA CYS B 508 -32.59 -23.36 -13.57
C CYS B 508 -32.96 -23.51 -12.11
N HIS B 509 -32.13 -24.26 -11.38
CA HIS B 509 -32.43 -24.63 -10.01
C HIS B 509 -31.16 -24.43 -9.17
N SER B 510 -31.20 -24.91 -7.92
CA SER B 510 -30.06 -24.86 -7.02
C SER B 510 -29.58 -23.42 -6.82
N SER B 511 -30.46 -22.61 -6.24
CA SER B 511 -30.12 -21.22 -5.95
C SER B 511 -29.18 -21.15 -4.75
N ASP B 512 -27.96 -21.67 -4.91
CA ASP B 512 -26.96 -21.69 -3.86
C ASP B 512 -25.69 -21.02 -4.37
N PHE B 513 -25.01 -20.30 -3.49
CA PHE B 513 -23.81 -19.52 -3.79
C PHE B 513 -24.10 -18.34 -4.72
N GLY B 514 -25.36 -18.07 -5.01
CA GLY B 514 -25.72 -17.00 -5.91
C GLY B 514 -26.99 -17.36 -6.67
N LYS B 515 -27.14 -16.73 -7.83
CA LYS B 515 -28.30 -16.94 -8.69
C LYS B 515 -27.84 -17.39 -10.07
N ILE B 516 -28.65 -18.25 -10.69
CA ILE B 516 -28.36 -18.82 -12.01
C ILE B 516 -29.44 -18.36 -12.97
N THR B 517 -29.03 -17.81 -14.11
CA THR B 517 -29.96 -17.30 -15.10
C THR B 517 -29.46 -17.66 -16.49
N GLY B 518 -30.38 -17.68 -17.45
CA GLY B 518 -30.05 -18.00 -18.82
C GLY B 518 -31.11 -18.88 -19.47
N LYS B 519 -31.34 -18.68 -20.78
CA LYS B 519 -32.31 -19.48 -21.49
C LYS B 519 -31.94 -20.97 -21.48
N TYR B 520 -30.67 -21.29 -21.25
CA TYR B 520 -30.22 -22.68 -21.16
C TYR B 520 -29.43 -22.92 -19.88
N CYS B 521 -29.53 -22.01 -18.90
CA CYS B 521 -28.85 -22.15 -17.63
C CYS B 521 -27.34 -22.34 -17.83
N GLU B 522 -26.74 -21.43 -18.58
CA GLU B 522 -25.30 -21.41 -18.80
C GLU B 522 -24.60 -20.26 -18.09
N CYS B 523 -25.22 -19.08 -18.05
CA CYS B 523 -24.67 -17.97 -17.28
C CYS B 523 -24.95 -18.16 -15.80
N ASP B 524 -23.99 -17.78 -14.97
CA ASP B 524 -24.17 -17.88 -13.52
C ASP B 524 -23.04 -17.14 -12.83
N ASP B 525 -23.32 -16.66 -11.63
CA ASP B 525 -22.32 -16.04 -10.78
C ASP B 525 -21.52 -17.14 -10.08
N PHE B 526 -20.75 -16.76 -9.05
CA PHE B 526 -19.95 -17.69 -8.25
C PHE B 526 -19.19 -18.68 -9.14
N SER B 527 -18.80 -18.23 -10.33
CA SER B 527 -18.00 -19.04 -11.25
C SER B 527 -16.91 -18.20 -11.90
N CYS B 528 -16.40 -17.21 -11.18
CA CYS B 528 -15.45 -16.23 -11.70
C CYS B 528 -14.14 -16.34 -10.93
N VAL B 529 -13.15 -15.54 -11.35
CA VAL B 529 -11.84 -15.57 -10.72
C VAL B 529 -11.92 -15.01 -9.31
N ARG B 530 -11.05 -15.51 -8.43
CA ARG B 530 -10.97 -15.07 -7.05
C ARG B 530 -9.53 -14.65 -6.78
N TYR B 531 -9.28 -13.33 -6.74
CA TYR B 531 -7.94 -12.83 -6.49
C TYR B 531 -7.53 -13.06 -5.03
N LYS B 532 -8.26 -12.45 -4.10
CA LYS B 532 -7.96 -12.62 -2.67
C LYS B 532 -9.29 -12.55 -1.93
N GLY B 533 -9.90 -13.71 -1.71
CA GLY B 533 -11.16 -13.78 -0.99
C GLY B 533 -12.25 -12.92 -1.58
N GLU B 534 -12.07 -12.45 -2.81
CA GLU B 534 -13.02 -11.56 -3.47
C GLU B 534 -13.16 -11.95 -4.92
N MET B 535 -14.39 -11.92 -5.43
CA MET B 535 -14.67 -12.33 -6.79
C MET B 535 -14.45 -11.16 -7.76
N CYS B 536 -13.88 -11.47 -8.92
CA CYS B 536 -13.63 -10.47 -9.96
C CYS B 536 -12.81 -9.30 -9.39
N SER B 537 -11.83 -9.63 -8.55
CA SER B 537 -10.93 -8.70 -7.89
C SER B 537 -11.63 -7.82 -6.85
N GLY B 538 -12.92 -8.02 -6.62
CA GLY B 538 -13.64 -7.23 -5.64
C GLY B 538 -14.00 -5.83 -6.09
N HIS B 539 -13.71 -5.47 -7.33
CA HIS B 539 -14.00 -4.14 -7.85
C HIS B 539 -15.26 -4.14 -8.72
N GLY B 540 -15.30 -5.03 -9.72
CA GLY B 540 -16.44 -5.13 -10.60
C GLY B 540 -17.21 -6.43 -10.39
N GLN B 541 -18.46 -6.43 -10.86
CA GLN B 541 -19.30 -7.62 -10.78
C GLN B 541 -19.22 -8.40 -12.08
N CYS B 542 -19.04 -9.71 -11.96
CA CYS B 542 -18.88 -10.58 -13.11
C CYS B 542 -20.23 -11.17 -13.49
N SER B 543 -20.56 -11.11 -14.79
CA SER B 543 -21.80 -11.63 -15.32
C SER B 543 -21.51 -12.70 -16.36
N CYS B 544 -22.19 -13.84 -16.25
CA CYS B 544 -22.02 -14.97 -17.17
C CYS B 544 -20.55 -15.40 -17.24
N GLY B 545 -19.89 -15.38 -16.09
CA GLY B 545 -18.53 -15.86 -15.99
C GLY B 545 -17.46 -14.90 -16.46
N ASP B 546 -17.84 -13.70 -16.90
CA ASP B 546 -16.89 -12.69 -17.34
C ASP B 546 -16.76 -11.61 -16.28
N CYS B 547 -15.52 -11.33 -15.86
CA CYS B 547 -15.24 -10.37 -14.81
C CYS B 547 -15.37 -8.96 -15.39
N LEU B 548 -16.61 -8.54 -15.58
CA LEU B 548 -16.90 -7.20 -16.09
C LEU B 548 -16.30 -6.14 -15.18
N CYS B 549 -15.34 -5.39 -15.69
CA CYS B 549 -14.67 -4.38 -14.88
C CYS B 549 -15.61 -3.21 -14.58
N ASP B 550 -15.36 -2.58 -13.44
CA ASP B 550 -15.99 -1.30 -13.11
C ASP B 550 -15.04 -0.17 -13.43
N SER B 551 -15.53 1.06 -13.29
CA SER B 551 -14.72 2.24 -13.57
C SER B 551 -13.44 2.22 -12.75
N ASP B 552 -12.38 2.82 -13.29
CA ASP B 552 -11.04 2.90 -12.70
C ASP B 552 -10.26 1.59 -12.82
N TRP B 553 -10.81 0.57 -13.49
CA TRP B 553 -10.14 -0.71 -13.60
C TRP B 553 -10.38 -1.27 -14.99
N THR B 554 -9.42 -2.06 -15.49
CA THR B 554 -9.53 -2.67 -16.81
C THR B 554 -8.58 -3.85 -16.87
N GLY B 555 -9.13 -5.06 -16.97
CA GLY B 555 -8.31 -6.25 -17.08
C GLY B 555 -9.15 -7.50 -16.92
N TYR B 556 -8.52 -8.63 -17.21
CA TYR B 556 -9.19 -9.91 -17.08
C TYR B 556 -9.57 -10.17 -15.63
N TYR B 557 -8.61 -10.01 -14.71
CA TYR B 557 -8.91 -10.07 -13.28
C TYR B 557 -9.49 -8.76 -12.75
N CYS B 558 -9.48 -7.71 -13.57
CA CYS B 558 -9.92 -6.38 -13.15
C CYS B 558 -9.12 -5.90 -11.94
N ASN B 559 -7.82 -6.20 -11.96
CA ASN B 559 -6.90 -5.69 -10.96
C ASN B 559 -6.05 -4.53 -11.45
N CYS B 560 -5.77 -4.47 -12.75
CA CYS B 560 -5.02 -3.37 -13.32
C CYS B 560 -5.82 -2.07 -13.21
N THR B 561 -5.13 -0.98 -12.86
CA THR B 561 -5.77 0.31 -12.64
C THR B 561 -5.57 1.20 -13.86
N THR B 562 -6.54 2.09 -14.07
CA THR B 562 -6.51 3.04 -15.18
C THR B 562 -6.04 4.43 -14.77
N ARG B 563 -6.45 4.90 -13.59
CA ARG B 563 -6.05 6.22 -13.13
C ARG B 563 -4.53 6.29 -12.99
N THR B 564 -3.95 7.40 -13.45
CA THR B 564 -2.50 7.58 -13.52
C THR B 564 -2.00 8.64 -12.54
N ASP B 565 -2.74 8.87 -11.45
CA ASP B 565 -2.34 9.92 -10.51
C ASP B 565 -1.00 9.60 -9.86
N THR B 566 -0.79 8.34 -9.45
CA THR B 566 0.43 7.98 -8.73
C THR B 566 1.65 8.04 -9.64
N CYS B 567 1.47 7.80 -10.94
CA CYS B 567 2.58 7.77 -11.88
C CYS B 567 2.79 9.10 -12.61
N MET B 568 2.48 10.21 -11.94
CA MET B 568 2.70 11.55 -12.48
C MET B 568 3.87 12.19 -11.75
N SER B 569 4.84 12.70 -12.51
CA SER B 569 6.02 13.31 -11.92
C SER B 569 5.73 14.78 -11.61
N SER B 570 6.74 15.51 -11.15
CA SER B 570 6.59 16.92 -10.79
C SER B 570 6.88 17.86 -11.95
N ASN B 571 7.25 17.34 -13.12
CA ASN B 571 7.54 18.15 -14.29
C ASN B 571 6.33 18.31 -15.21
N GLY B 572 5.17 17.77 -14.83
CA GLY B 572 3.98 17.89 -15.65
C GLY B 572 3.86 16.87 -16.75
N LEU B 573 4.74 15.88 -16.81
CA LEU B 573 4.70 14.84 -17.83
C LEU B 573 4.60 13.48 -17.15
N LEU B 574 3.86 12.56 -17.79
CA LEU B 574 3.61 11.26 -17.20
C LEU B 574 4.90 10.46 -17.12
N CYS B 575 5.20 9.93 -15.93
CA CYS B 575 6.42 9.17 -15.69
C CYS B 575 7.65 9.93 -16.16
N SER B 576 7.64 11.25 -15.94
CA SER B 576 8.75 12.13 -16.28
C SER B 576 9.07 12.11 -17.78
N GLY B 577 8.14 11.65 -18.61
CA GLY B 577 8.36 11.62 -20.04
C GLY B 577 9.39 10.61 -20.49
N ARG B 578 9.86 9.74 -19.60
CA ARG B 578 10.87 8.74 -19.92
C ARG B 578 10.28 7.33 -19.89
N GLY B 579 8.97 7.20 -19.90
CA GLY B 579 8.33 5.90 -19.86
C GLY B 579 6.83 6.06 -19.86
N LYS B 580 6.15 4.92 -19.78
CA LYS B 580 4.70 4.86 -19.76
C LYS B 580 4.21 4.43 -18.38
N CYS B 581 2.90 4.53 -18.18
CA CYS B 581 2.26 4.12 -16.92
C CYS B 581 1.29 3.00 -17.22
N GLU B 582 1.51 1.83 -16.62
CA GLU B 582 0.64 0.68 -16.76
C GLU B 582 0.24 0.21 -15.36
N CYS B 583 -1.07 0.09 -15.15
CA CYS B 583 -1.61 -0.41 -13.87
C CYS B 583 -1.02 0.37 -12.70
N GLY B 584 -0.86 1.67 -12.87
CA GLY B 584 -0.39 2.53 -11.81
C GLY B 584 1.10 2.48 -11.54
N SER B 585 1.88 1.82 -12.40
CA SER B 585 3.32 1.71 -12.23
C SER B 585 4.02 2.22 -13.48
N CYS B 586 5.10 2.97 -13.28
CA CYS B 586 5.87 3.51 -14.40
C CYS B 586 6.84 2.47 -14.92
N VAL B 587 6.76 2.18 -16.21
CA VAL B 587 7.76 1.38 -16.92
C VAL B 587 8.61 2.33 -17.74
N CYS B 588 9.92 2.31 -17.49
CA CYS B 588 10.85 3.26 -18.10
C CYS B 588 11.36 2.67 -19.40
N ILE B 589 10.83 3.14 -20.53
CA ILE B 589 11.29 2.66 -21.82
C ILE B 589 12.70 3.16 -22.10
N GLN B 590 13.00 4.40 -21.72
CA GLN B 590 14.32 4.96 -21.96
C GLN B 590 15.34 4.24 -21.10
N PRO B 591 16.46 3.77 -21.67
CA PRO B 591 17.42 3.02 -20.85
C PRO B 591 18.12 3.89 -19.82
N GLY B 592 18.56 3.25 -18.75
CA GLY B 592 19.31 3.94 -17.72
C GLY B 592 18.49 4.81 -16.79
N SER B 593 17.19 4.58 -16.70
CA SER B 593 16.32 5.35 -15.82
C SER B 593 15.56 4.40 -14.90
N TYR B 594 15.34 4.85 -13.66
CA TYR B 594 14.66 4.05 -12.67
C TYR B 594 14.01 4.98 -11.64
N GLY B 595 13.10 4.41 -10.86
CA GLY B 595 12.38 5.13 -9.83
C GLY B 595 10.89 4.97 -9.98
N ASP B 596 10.16 5.60 -9.05
CA ASP B 596 8.71 5.53 -9.08
C ASP B 596 8.17 6.19 -10.35
N THR B 597 8.74 7.33 -10.74
CA THR B 597 8.32 8.07 -11.92
C THR B 597 9.39 8.07 -13.02
N CYS B 598 10.35 7.15 -12.95
CA CYS B 598 11.43 7.09 -13.95
C CYS B 598 12.15 8.43 -14.06
N GLU B 599 12.39 9.07 -12.92
CA GLU B 599 13.00 10.39 -12.90
C GLU B 599 14.45 10.38 -12.45
N LYS B 600 14.87 9.39 -11.67
CA LYS B 600 16.23 9.33 -11.13
C LYS B 600 17.12 8.57 -12.09
N CYS B 601 17.50 9.25 -13.18
CA CYS B 601 18.46 8.72 -14.14
C CYS B 601 19.80 9.42 -13.96
N PRO B 602 20.89 8.71 -13.65
CA PRO B 602 22.18 9.39 -13.48
C PRO B 602 22.99 9.54 -14.78
N THR B 603 22.70 8.71 -15.79
CA THR B 603 23.51 8.62 -16.99
C THR B 603 22.75 9.06 -18.23
N CYS B 604 22.02 10.15 -18.14
CA CYS B 604 21.26 10.72 -19.25
C CYS B 604 21.93 11.99 -19.76
N PRO B 605 21.73 12.35 -21.02
CA PRO B 605 22.33 13.59 -21.53
C PRO B 605 21.82 14.80 -20.76
N ASP B 606 22.70 15.79 -20.59
CA ASP B 606 22.37 16.95 -19.79
C ASP B 606 21.13 17.65 -20.36
N ALA B 607 20.60 18.58 -19.56
CA ALA B 607 19.37 19.26 -19.96
C ALA B 607 19.57 20.07 -21.24
N CYS B 608 20.73 20.71 -21.38
CA CYS B 608 20.94 21.62 -22.49
C CYS B 608 20.84 20.93 -23.86
N THR B 609 20.96 19.60 -23.89
CA THR B 609 20.90 18.90 -25.18
C THR B 609 19.58 19.13 -25.88
N PHE B 610 18.47 19.03 -25.16
CA PHE B 610 17.15 19.22 -25.74
C PHE B 610 16.60 20.62 -25.51
N LYS B 611 17.36 21.52 -24.89
CA LYS B 611 16.94 22.88 -24.65
C LYS B 611 17.30 23.82 -25.78
N LYS B 612 17.93 23.32 -26.85
CA LYS B 612 18.31 24.20 -27.95
C LYS B 612 17.07 24.82 -28.60
N GLU B 613 16.02 24.04 -28.81
CA GLU B 613 14.82 24.55 -29.46
C GLU B 613 14.09 25.57 -28.58
N CYS B 614 14.11 25.35 -27.26
CA CYS B 614 13.38 26.22 -26.36
C CYS B 614 13.91 27.65 -26.41
N VAL B 615 15.23 27.81 -26.50
CA VAL B 615 15.84 29.14 -26.47
C VAL B 615 15.86 29.82 -27.82
N GLU B 616 15.40 29.15 -28.88
CA GLU B 616 15.45 29.75 -30.21
C GLU B 616 14.60 31.01 -30.29
N CYS B 617 13.33 30.91 -29.88
CA CYS B 617 12.42 32.03 -30.03
C CYS B 617 12.82 33.21 -29.15
N LYS B 618 13.27 32.93 -27.93
CA LYS B 618 13.57 34.00 -26.99
C LYS B 618 14.67 34.92 -27.52
N LYS B 619 15.70 34.34 -28.13
CA LYS B 619 16.84 35.12 -28.60
C LYS B 619 16.77 35.50 -30.06
N PHE B 620 15.94 34.83 -30.86
CA PHE B 620 15.85 35.11 -32.29
C PHE B 620 14.44 35.25 -32.82
N ASP B 621 13.42 34.72 -32.13
CA ASP B 621 12.06 34.70 -32.64
C ASP B 621 11.97 33.97 -33.97
N ARG B 622 12.82 32.96 -34.16
CA ARG B 622 12.85 32.18 -35.38
C ARG B 622 13.52 30.84 -35.07
N GLY B 623 13.59 29.97 -36.09
CA GLY B 623 14.24 28.69 -35.94
C GLY B 623 13.47 27.56 -36.60
N ALA B 624 14.11 26.40 -36.71
CA ALA B 624 13.45 25.25 -37.31
C ALA B 624 12.38 24.68 -36.38
N LEU B 625 11.49 23.88 -36.96
CA LEU B 625 10.40 23.26 -36.21
C LEU B 625 9.53 24.31 -35.52
N HIS B 626 9.37 25.46 -36.18
CA HIS B 626 8.53 26.51 -35.63
C HIS B 626 7.05 26.24 -35.81
N ASP B 627 6.68 25.34 -36.74
CA ASP B 627 5.27 25.02 -36.93
C ASP B 627 4.69 24.35 -35.70
N GLU B 628 5.48 23.52 -35.02
CA GLU B 628 5.01 22.83 -33.82
C GLU B 628 4.78 23.78 -32.66
N ASN B 629 5.22 25.03 -32.76
CA ASN B 629 5.08 26.02 -31.68
C ASN B 629 5.85 25.55 -30.44
N THR B 630 7.15 25.33 -30.64
CA THR B 630 8.03 24.84 -29.58
C THR B 630 8.57 25.95 -28.69
N CYS B 631 8.22 27.21 -28.95
CA CYS B 631 8.71 28.30 -28.12
C CYS B 631 8.35 28.08 -26.66
N ASN B 632 7.06 27.80 -26.38
CA ASN B 632 6.60 27.44 -25.04
C ASN B 632 5.49 26.41 -25.21
N ARG B 633 5.88 25.14 -25.22
CA ARG B 633 4.92 24.05 -25.33
C ARG B 633 5.27 22.93 -24.35
N TYR B 634 6.57 22.75 -24.11
CA TYR B 634 7.04 21.73 -23.18
C TYR B 634 8.02 22.25 -22.14
N CYS B 635 8.76 23.32 -22.41
CA CYS B 635 9.74 23.85 -21.48
C CYS B 635 9.15 25.08 -20.78
N ARG B 636 9.02 24.99 -19.46
CA ARG B 636 8.49 26.09 -18.67
C ARG B 636 9.59 27.01 -18.14
N ASP B 637 10.85 26.75 -18.48
CA ASP B 637 11.95 27.55 -17.96
C ASP B 637 11.87 28.98 -18.48
N GLU B 638 12.32 29.91 -17.65
CA GLU B 638 12.31 31.34 -17.98
C GLU B 638 13.71 31.76 -18.41
N ILE B 639 13.78 32.46 -19.54
CA ILE B 639 15.04 32.91 -20.11
C ILE B 639 15.25 34.37 -19.74
N GLU B 640 16.44 34.70 -19.25
CA GLU B 640 16.80 36.05 -18.86
C GLU B 640 18.12 36.44 -19.48
N SER B 641 18.21 37.68 -19.96
CA SER B 641 19.42 38.20 -20.58
C SER B 641 20.26 38.90 -19.51
N VAL B 642 21.23 38.18 -18.97
CA VAL B 642 22.13 38.71 -17.95
C VAL B 642 23.55 38.32 -18.30
N LYS B 643 24.47 39.29 -18.19
CA LYS B 643 25.88 39.09 -18.49
C LYS B 643 26.72 38.98 -17.21
N GLU B 644 26.10 38.55 -16.11
CA GLU B 644 26.83 38.44 -14.85
C GLU B 644 27.95 37.41 -14.96
N LEU B 645 27.65 36.23 -15.50
CA LEU B 645 28.64 35.19 -15.78
C LEU B 645 29.46 34.81 -14.55
N LYS B 646 28.96 35.09 -13.35
CA LYS B 646 29.69 34.74 -12.14
C LYS B 646 28.77 34.21 -11.04
N ASP B 647 27.58 33.73 -11.39
CA ASP B 647 26.65 33.23 -10.39
C ASP B 647 27.21 31.96 -9.75
N THR B 648 27.09 31.88 -8.43
CA THR B 648 27.56 30.71 -7.67
C THR B 648 26.46 29.69 -7.46
N GLY B 649 25.84 29.26 -8.56
CA GLY B 649 24.77 28.28 -8.48
C GLY B 649 25.30 26.88 -8.23
N LYS B 650 24.95 26.31 -7.06
CA LYS B 650 25.42 24.97 -6.73
C LYS B 650 24.88 23.95 -7.71
N ASP B 651 23.57 23.96 -7.94
CA ASP B 651 22.93 23.03 -8.88
C ASP B 651 22.78 23.68 -10.25
N ALA B 652 23.92 24.10 -10.80
CA ALA B 652 23.94 24.74 -12.11
C ALA B 652 25.28 24.47 -12.78
N VAL B 653 25.30 24.60 -14.10
CA VAL B 653 26.50 24.38 -14.88
C VAL B 653 26.33 25.06 -16.22
N ASN B 654 27.40 25.72 -16.68
CA ASN B 654 27.38 26.36 -17.99
C ASN B 654 27.30 25.31 -19.10
N CYS B 655 26.69 25.70 -20.21
CA CYS B 655 26.64 24.85 -21.39
C CYS B 655 26.59 25.75 -22.62
N THR B 656 26.57 25.13 -23.80
CA THR B 656 26.68 25.85 -25.06
C THR B 656 25.63 25.40 -26.05
N TYR B 657 25.21 26.33 -26.89
CA TYR B 657 24.29 26.09 -27.99
C TYR B 657 24.94 26.54 -29.29
N LYS B 658 24.75 25.75 -30.34
CA LYS B 658 25.37 26.00 -31.64
C LYS B 658 24.33 26.55 -32.60
N ASN B 659 24.69 27.61 -33.32
CA ASN B 659 23.81 28.27 -34.25
C ASN B 659 24.36 28.15 -35.67
N GLU B 660 23.50 28.40 -36.65
CA GLU B 660 23.91 28.36 -38.04
C GLU B 660 24.98 29.39 -38.35
N ASP B 661 25.12 30.43 -37.51
CA ASP B 661 26.13 31.46 -37.70
C ASP B 661 27.52 30.98 -37.30
N ASP B 662 27.66 29.77 -36.79
CA ASP B 662 28.95 29.21 -36.39
C ASP B 662 29.55 29.95 -35.20
N CYS B 663 28.69 30.55 -34.38
CA CYS B 663 29.12 31.21 -33.15
C CYS B 663 28.56 30.46 -31.96
N VAL B 664 29.44 30.08 -31.03
CA VAL B 664 29.01 29.35 -29.85
C VAL B 664 28.31 30.30 -28.89
N VAL B 665 27.12 29.93 -28.44
CA VAL B 665 26.34 30.73 -27.51
C VAL B 665 26.40 30.02 -26.15
N ARG B 666 27.17 30.57 -25.23
CA ARG B 666 27.32 30.00 -23.90
C ARG B 666 26.24 30.55 -22.98
N PHE B 667 25.53 29.66 -22.30
CA PHE B 667 24.45 30.06 -21.41
C PHE B 667 24.42 29.15 -20.18
N GLN B 668 23.85 29.68 -19.10
CA GLN B 668 23.78 28.99 -17.83
C GLN B 668 22.38 28.44 -17.58
N TYR B 669 22.31 27.24 -17.02
CA TYR B 669 21.06 26.59 -16.65
C TYR B 669 21.10 26.34 -15.15
N TYR B 670 20.20 26.99 -14.41
CA TYR B 670 20.12 26.84 -12.96
C TYR B 670 18.82 26.11 -12.62
N GLU B 671 18.97 24.92 -12.02
CA GLU B 671 17.82 24.12 -11.58
C GLU B 671 17.68 24.30 -10.08
N ASP B 672 16.99 25.35 -9.68
CA ASP B 672 16.82 25.66 -8.27
C ASP B 672 16.06 24.56 -7.57
N SER B 673 16.40 24.33 -6.29
CA SER B 673 15.73 23.32 -5.50
C SER B 673 14.24 23.58 -5.37
N SER B 674 13.81 24.83 -5.57
CA SER B 674 12.40 25.18 -5.53
C SER B 674 11.66 24.82 -6.81
N GLY B 675 12.36 24.33 -7.82
CA GLY B 675 11.74 23.97 -9.09
C GLY B 675 11.69 25.09 -10.10
N LYS B 676 12.18 26.28 -9.78
CA LYS B 676 12.16 27.42 -10.70
C LYS B 676 13.41 27.37 -11.56
N SER B 677 13.39 26.46 -12.53
CA SER B 677 14.49 26.39 -13.50
C SER B 677 14.59 27.69 -14.28
N ILE B 678 15.80 28.21 -14.41
CA ILE B 678 16.03 29.50 -15.05
C ILE B 678 17.25 29.41 -15.97
N LEU B 679 17.14 30.02 -17.14
CA LEU B 679 18.23 30.10 -18.10
C LEU B 679 18.75 31.53 -18.16
N TYR B 680 20.08 31.67 -18.11
CA TYR B 680 20.75 32.94 -18.31
C TYR B 680 21.46 32.89 -19.65
N VAL B 681 21.07 33.78 -20.56
CA VAL B 681 21.57 33.78 -21.94
C VAL B 681 22.19 35.13 -22.23
N VAL B 682 23.38 35.12 -22.83
CA VAL B 682 24.07 36.34 -23.19
C VAL B 682 23.57 36.79 -24.56
N GLU B 683 23.11 38.03 -24.64
CA GLU B 683 22.60 38.58 -25.88
C GLU B 683 23.76 38.97 -26.81
N GLU B 684 23.44 39.09 -28.10
CA GLU B 684 24.40 39.38 -29.16
C GLU B 684 25.70 38.62 -28.93
N PRO B 685 25.71 37.30 -29.08
CA PRO B 685 26.96 36.55 -28.85
C PRO B 685 28.07 37.03 -29.77
N GLU B 686 29.28 37.06 -29.23
CA GLU B 686 30.44 37.63 -29.93
C GLU B 686 30.88 36.64 -31.01
N CYS B 687 30.47 36.89 -32.24
CA CYS B 687 30.97 36.13 -33.38
C CYS B 687 32.33 36.68 -33.80
N PRO B 688 33.37 35.85 -33.86
CA PRO B 688 34.67 36.38 -34.28
C PRO B 688 34.61 37.01 -35.67
N LYS B 689 35.32 38.11 -35.83
CA LYS B 689 35.32 38.86 -37.09
C LYS B 689 36.21 38.11 -38.09
N GLY B 690 35.59 37.28 -38.92
CA GLY B 690 36.31 36.47 -39.88
C GLY B 690 36.59 37.17 -41.18
N PRO B 691 35.56 37.67 -41.87
CA PRO B 691 35.76 38.17 -43.24
C PRO B 691 36.62 39.43 -43.25
N ASP B 692 37.82 39.30 -43.83
CA ASP B 692 38.71 40.44 -44.00
C ASP B 692 39.39 40.43 -45.37
N ILE B 693 38.85 39.67 -46.33
CA ILE B 693 39.47 39.52 -47.65
C ILE B 693 38.77 40.43 -48.65
N LEU B 694 37.51 40.77 -48.38
CA LEU B 694 36.76 41.60 -49.32
C LEU B 694 37.43 42.96 -49.49
N VAL B 695 37.84 43.59 -48.39
CA VAL B 695 38.52 44.87 -48.48
C VAL B 695 39.86 44.71 -49.21
N VAL B 696 40.58 43.64 -48.91
CA VAL B 696 41.89 43.43 -49.53
C VAL B 696 41.74 43.25 -51.03
N LEU B 697 40.80 42.41 -51.46
CA LEU B 697 40.62 42.19 -52.89
C LEU B 697 40.08 43.43 -53.58
N LEU B 698 39.22 44.19 -52.91
CA LEU B 698 38.75 45.45 -53.48
C LEU B 698 39.91 46.41 -53.70
N SER B 699 40.81 46.51 -52.72
CA SER B 699 41.97 47.39 -52.87
C SER B 699 42.88 46.89 -53.99
N VAL B 700 43.06 45.57 -54.11
CA VAL B 700 43.92 45.02 -55.15
C VAL B 700 43.35 45.35 -56.53
N MET B 701 42.04 45.15 -56.71
CA MET B 701 41.44 45.46 -58.00
C MET B 701 41.44 46.96 -58.27
N GLY B 702 41.31 47.78 -57.23
CA GLY B 702 41.44 49.21 -57.44
C GLY B 702 42.83 49.62 -57.89
N ALA B 703 43.85 49.01 -57.31
CA ALA B 703 45.22 49.27 -57.75
C ALA B 703 45.43 48.80 -59.19
N ILE B 704 44.86 47.65 -59.54
CA ILE B 704 44.97 47.17 -60.92
C ILE B 704 44.29 48.15 -61.88
N LEU B 705 43.13 48.66 -61.50
CA LEU B 705 42.43 49.63 -62.34
C LEU B 705 43.24 50.92 -62.46
N LEU B 706 43.88 51.35 -61.38
CA LEU B 706 44.72 52.54 -61.45
C LEU B 706 45.90 52.32 -62.40
N ILE B 707 46.52 51.13 -62.34
CA ILE B 707 47.61 50.83 -63.26
C ILE B 707 47.11 50.83 -64.69
N GLY B 708 45.93 50.26 -64.92
CA GLY B 708 45.36 50.25 -66.27
C GLY B 708 45.08 51.66 -66.77
N LEU B 709 44.56 52.53 -65.90
CA LEU B 709 44.33 53.92 -66.27
C LEU B 709 45.63 54.63 -66.59
N ALA B 710 46.68 54.37 -65.81
CA ALA B 710 47.99 54.94 -66.10
C ALA B 710 48.49 54.50 -67.46
N ALA B 711 48.34 53.21 -67.78
CA ALA B 711 48.75 52.72 -69.09
C ALA B 711 47.92 53.37 -70.19
N LEU B 712 46.62 53.53 -69.97
CA LEU B 712 45.75 54.15 -70.97
C LEU B 712 46.15 55.59 -71.23
N LEU B 713 46.44 56.36 -70.18
CA LEU B 713 46.83 57.75 -70.38
C LEU B 713 48.21 57.85 -70.98
N ILE B 714 49.11 56.92 -70.67
CA ILE B 714 50.41 56.89 -71.34
C ILE B 714 50.24 56.65 -72.84
N TRP B 715 49.35 55.71 -73.19
CA TRP B 715 49.06 55.47 -74.60
C TRP B 715 48.46 56.71 -75.25
N LYS B 716 47.55 57.38 -74.56
CA LYS B 716 46.92 58.58 -75.11
C LYS B 716 47.97 59.65 -75.37
N LEU B 717 48.88 59.88 -74.42
CA LEU B 717 49.94 60.85 -74.63
C LEU B 717 50.86 60.42 -75.77
N LEU B 718 51.19 59.14 -75.83
CA LEU B 718 52.06 58.61 -76.88
C LEU B 718 51.32 58.60 -78.22
#